data_3ONP
# 
_entry.id   3ONP 
# 
_audit_conform.dict_name       mmcif_pdbx.dic 
_audit_conform.dict_version    5.403 
_audit_conform.dict_location   http://mmcif.pdb.org/dictionaries/ascii/mmcif_pdbx.dic 
# 
loop_
_database_2.database_id 
_database_2.database_code 
_database_2.pdbx_database_accession 
_database_2.pdbx_DOI 
PDB   3ONP         pdb_00003onp 10.2210/pdb3onp/pdb 
RCSB  RCSB061345   ?            ?                   
WWPDB D_1000061345 ?            ?                   
# 
loop_
_pdbx_audit_revision_history.ordinal 
_pdbx_audit_revision_history.data_content_type 
_pdbx_audit_revision_history.major_revision 
_pdbx_audit_revision_history.minor_revision 
_pdbx_audit_revision_history.revision_date 
_pdbx_audit_revision_history.part_number 
1 'Structure model' 1 0 2010-09-08 ? 
2 'Structure model' 1 1 2011-07-13 ? 
3 'Structure model' 1 2 2025-03-26 ? 
# 
_pdbx_audit_revision_details.ordinal             1 
_pdbx_audit_revision_details.revision_ordinal    1 
_pdbx_audit_revision_details.data_content_type   'Structure model' 
_pdbx_audit_revision_details.provider            repository 
_pdbx_audit_revision_details.type                'Initial release' 
_pdbx_audit_revision_details.description         ? 
_pdbx_audit_revision_details.details             ? 
# 
loop_
_pdbx_audit_revision_group.ordinal 
_pdbx_audit_revision_group.revision_ordinal 
_pdbx_audit_revision_group.data_content_type 
_pdbx_audit_revision_group.group 
1 2 'Structure model' 'Version format compliance' 
2 3 'Structure model' 'Data collection'           
3 3 'Structure model' 'Database references'       
4 3 'Structure model' 'Derived calculations'      
5 3 'Structure model' 'Structure summary'         
# 
loop_
_pdbx_audit_revision_category.ordinal 
_pdbx_audit_revision_category.revision_ordinal 
_pdbx_audit_revision_category.data_content_type 
_pdbx_audit_revision_category.category 
1 3 'Structure model' chem_comp_atom            
2 3 'Structure model' chem_comp_bond            
3 3 'Structure model' database_2                
4 3 'Structure model' pdbx_entry_details        
5 3 'Structure model' pdbx_modification_feature 
6 3 'Structure model' struct_conn               
7 3 'Structure model' struct_site               
# 
loop_
_pdbx_audit_revision_item.ordinal 
_pdbx_audit_revision_item.revision_ordinal 
_pdbx_audit_revision_item.data_content_type 
_pdbx_audit_revision_item.item 
1  3 'Structure model' '_database_2.pdbx_DOI'                
2  3 'Structure model' '_database_2.pdbx_database_accession' 
3  3 'Structure model' '_struct_conn.pdbx_dist_value'        
4  3 'Structure model' '_struct_conn.pdbx_leaving_atom_flag' 
5  3 'Structure model' '_struct_conn.ptnr1_auth_comp_id'     
6  3 'Structure model' '_struct_conn.ptnr1_auth_seq_id'      
7  3 'Structure model' '_struct_conn.ptnr1_label_atom_id'    
8  3 'Structure model' '_struct_conn.ptnr1_label_comp_id'    
9  3 'Structure model' '_struct_conn.ptnr1_label_seq_id'     
10 3 'Structure model' '_struct_conn.ptnr2_auth_comp_id'     
11 3 'Structure model' '_struct_conn.ptnr2_auth_seq_id'      
12 3 'Structure model' '_struct_conn.ptnr2_label_asym_id'    
13 3 'Structure model' '_struct_conn.ptnr2_label_atom_id'    
14 3 'Structure model' '_struct_conn.ptnr2_label_comp_id'    
15 3 'Structure model' '_struct_conn.ptnr2_label_seq_id'     
16 3 'Structure model' '_struct_site.pdbx_auth_asym_id'      
17 3 'Structure model' '_struct_site.pdbx_auth_comp_id'      
18 3 'Structure model' '_struct_site.pdbx_auth_seq_id'       
# 
_pdbx_database_status.status_code                     REL 
_pdbx_database_status.entry_id                        3ONP 
_pdbx_database_status.recvd_initial_deposition_date   2010-08-30 
_pdbx_database_status.deposit_site                    RCSB 
_pdbx_database_status.process_site                    RCSB 
_pdbx_database_status.status_code_sf                  REL 
_pdbx_database_status.status_code_mr                  ? 
_pdbx_database_status.SG_entry                        Y 
_pdbx_database_status.pdb_format_compatible           Y 
_pdbx_database_status.status_code_cs                  ? 
_pdbx_database_status.status_code_nmr_data            ? 
_pdbx_database_status.methods_development_category    ? 
# 
_pdbx_database_related.db_name        TargetDB 
_pdbx_database_related.db_id          APC63699 
_pdbx_database_related.details        . 
_pdbx_database_related.content_type   unspecified 
# 
loop_
_audit_author.name 
_audit_author.pdbx_ordinal 
'Kim, Y.'                                       1 
'Tesar, C.'                                     2 
'Jedrzejczak, R.'                               3 
'Joachimiak, A.'                                4 
'Midwest Center for Structural Genomics (MCSG)' 5 
# 
_citation.id                        primary 
_citation.title                     'Crystal Structure of tRNA/rRNA Methyltransferase SpoU from Rhodobacter sphaeroides' 
_citation.journal_abbrev            'To be Published' 
_citation.journal_volume            ? 
_citation.page_first                ? 
_citation.page_last                 ? 
_citation.year                      ? 
_citation.journal_id_ASTM           ? 
_citation.country                   ? 
_citation.journal_id_ISSN           ? 
_citation.journal_id_CSD            0353 
_citation.book_publisher            ? 
_citation.pdbx_database_id_PubMed   ? 
_citation.pdbx_database_id_DOI      ? 
# 
loop_
_citation_author.citation_id 
_citation_author.name 
_citation_author.ordinal 
_citation_author.identifier_ORCID 
primary 'Kim, Y.'         1 ? 
primary 'Tesar, C.'       2 ? 
primary 'Jedrzejczak, R.' 3 ? 
primary 'Joachimiak, A.'  4 ? 
# 
loop_
_entity.id 
_entity.type 
_entity.src_method 
_entity.pdbx_description 
_entity.formula_weight 
_entity.pdbx_number_of_molecules 
_entity.pdbx_ec 
_entity.pdbx_mutation 
_entity.pdbx_fragment 
_entity.details 
1 polymer     man 'tRNA/rRNA methyltransferase (SpoU)' 28250.041 1   ? ? ? ? 
2 non-polymer syn 'ACETIC ACID'                        60.052    2   ? ? ? ? 
3 non-polymer syn BETA-MERCAPTOETHANOL                 78.133    2   ? ? ? ? 
4 non-polymer syn GLYCEROL                             92.094    1   ? ? ? ? 
5 non-polymer syn 'CHLORIDE ION'                       35.453    1   ? ? ? ? 
6 water       nat water                                18.015    107 ? ? ? ? 
# 
_entity_poly.entity_id                      1 
_entity_poly.type                           'polypeptide(L)' 
_entity_poly.nstd_linkage                   no 
_entity_poly.nstd_monomer                   yes 
_entity_poly.pdbx_seq_one_letter_code       
;(MSE)SIEPVFILVRPQ(MSE)GENIGAAARA(MSE)LNFGLGRLRIVDPRDGWPNPKAVA(MSE)ASGAGRLLDHAGLF
PTVAEAIRDCDYVFATTARGRELTKPV(MSE)TPERA(MSE)AHGRALTGEGRRVGILFGPERTGLENEDVALANAIVTV
PVNPEFFSLNLAQCVLLLAYEWRRQHDETPPEVID(MSE)ARVDFASGLEVEKLGDHFEEKLEAAGFFFPPEKAPG
(MSE)KLNLRN(MSE)WARLPLTRADVQTLHG(MSE)LRQIAWKLKQENLYFQ
;
_entity_poly.pdbx_seq_one_letter_code_can   
;MSIEPVFILVRPQMGENIGAAARAMLNFGLGRLRIVDPRDGWPNPKAVAMASGAGRLLDHAGLFPTVAEAIRDCDYVFAT
TARGRELTKPVMTPERAMAHGRALTGEGRRVGILFGPERTGLENEDVALANAIVTVPVNPEFFSLNLAQCVLLLAYEWRR
QHDETPPEVIDMARVDFASGLEVEKLGDHFEEKLEAAGFFFPPEKAPGMKLNLRNMWARLPLTRADVQTLHGMLRQIAWK
LKQENLYFQ
;
_entity_poly.pdbx_strand_id                 A 
_entity_poly.pdbx_target_identifier         APC63699 
# 
loop_
_pdbx_entity_nonpoly.entity_id 
_pdbx_entity_nonpoly.name 
_pdbx_entity_nonpoly.comp_id 
2 'ACETIC ACID'        ACY 
3 BETA-MERCAPTOETHANOL BME 
4 GLYCEROL             GOL 
5 'CHLORIDE ION'       CL  
6 water                HOH 
# 
loop_
_entity_poly_seq.entity_id 
_entity_poly_seq.num 
_entity_poly_seq.mon_id 
_entity_poly_seq.hetero 
1 1   MSE n 
1 2   SER n 
1 3   ILE n 
1 4   GLU n 
1 5   PRO n 
1 6   VAL n 
1 7   PHE n 
1 8   ILE n 
1 9   LEU n 
1 10  VAL n 
1 11  ARG n 
1 12  PRO n 
1 13  GLN n 
1 14  MSE n 
1 15  GLY n 
1 16  GLU n 
1 17  ASN n 
1 18  ILE n 
1 19  GLY n 
1 20  ALA n 
1 21  ALA n 
1 22  ALA n 
1 23  ARG n 
1 24  ALA n 
1 25  MSE n 
1 26  LEU n 
1 27  ASN n 
1 28  PHE n 
1 29  GLY n 
1 30  LEU n 
1 31  GLY n 
1 32  ARG n 
1 33  LEU n 
1 34  ARG n 
1 35  ILE n 
1 36  VAL n 
1 37  ASP n 
1 38  PRO n 
1 39  ARG n 
1 40  ASP n 
1 41  GLY n 
1 42  TRP n 
1 43  PRO n 
1 44  ASN n 
1 45  PRO n 
1 46  LYS n 
1 47  ALA n 
1 48  VAL n 
1 49  ALA n 
1 50  MSE n 
1 51  ALA n 
1 52  SER n 
1 53  GLY n 
1 54  ALA n 
1 55  GLY n 
1 56  ARG n 
1 57  LEU n 
1 58  LEU n 
1 59  ASP n 
1 60  HIS n 
1 61  ALA n 
1 62  GLY n 
1 63  LEU n 
1 64  PHE n 
1 65  PRO n 
1 66  THR n 
1 67  VAL n 
1 68  ALA n 
1 69  GLU n 
1 70  ALA n 
1 71  ILE n 
1 72  ARG n 
1 73  ASP n 
1 74  CYS n 
1 75  ASP n 
1 76  TYR n 
1 77  VAL n 
1 78  PHE n 
1 79  ALA n 
1 80  THR n 
1 81  THR n 
1 82  ALA n 
1 83  ARG n 
1 84  GLY n 
1 85  ARG n 
1 86  GLU n 
1 87  LEU n 
1 88  THR n 
1 89  LYS n 
1 90  PRO n 
1 91  VAL n 
1 92  MSE n 
1 93  THR n 
1 94  PRO n 
1 95  GLU n 
1 96  ARG n 
1 97  ALA n 
1 98  MSE n 
1 99  ALA n 
1 100 HIS n 
1 101 GLY n 
1 102 ARG n 
1 103 ALA n 
1 104 LEU n 
1 105 THR n 
1 106 GLY n 
1 107 GLU n 
1 108 GLY n 
1 109 ARG n 
1 110 ARG n 
1 111 VAL n 
1 112 GLY n 
1 113 ILE n 
1 114 LEU n 
1 115 PHE n 
1 116 GLY n 
1 117 PRO n 
1 118 GLU n 
1 119 ARG n 
1 120 THR n 
1 121 GLY n 
1 122 LEU n 
1 123 GLU n 
1 124 ASN n 
1 125 GLU n 
1 126 ASP n 
1 127 VAL n 
1 128 ALA n 
1 129 LEU n 
1 130 ALA n 
1 131 ASN n 
1 132 ALA n 
1 133 ILE n 
1 134 VAL n 
1 135 THR n 
1 136 VAL n 
1 137 PRO n 
1 138 VAL n 
1 139 ASN n 
1 140 PRO n 
1 141 GLU n 
1 142 PHE n 
1 143 PHE n 
1 144 SER n 
1 145 LEU n 
1 146 ASN n 
1 147 LEU n 
1 148 ALA n 
1 149 GLN n 
1 150 CYS n 
1 151 VAL n 
1 152 LEU n 
1 153 LEU n 
1 154 LEU n 
1 155 ALA n 
1 156 TYR n 
1 157 GLU n 
1 158 TRP n 
1 159 ARG n 
1 160 ARG n 
1 161 GLN n 
1 162 HIS n 
1 163 ASP n 
1 164 GLU n 
1 165 THR n 
1 166 PRO n 
1 167 PRO n 
1 168 GLU n 
1 169 VAL n 
1 170 ILE n 
1 171 ASP n 
1 172 MSE n 
1 173 ALA n 
1 174 ARG n 
1 175 VAL n 
1 176 ASP n 
1 177 PHE n 
1 178 ALA n 
1 179 SER n 
1 180 GLY n 
1 181 LEU n 
1 182 GLU n 
1 183 VAL n 
1 184 GLU n 
1 185 LYS n 
1 186 LEU n 
1 187 GLY n 
1 188 ASP n 
1 189 HIS n 
1 190 PHE n 
1 191 GLU n 
1 192 GLU n 
1 193 LYS n 
1 194 LEU n 
1 195 GLU n 
1 196 ALA n 
1 197 ALA n 
1 198 GLY n 
1 199 PHE n 
1 200 PHE n 
1 201 PHE n 
1 202 PRO n 
1 203 PRO n 
1 204 GLU n 
1 205 LYS n 
1 206 ALA n 
1 207 PRO n 
1 208 GLY n 
1 209 MSE n 
1 210 LYS n 
1 211 LEU n 
1 212 ASN n 
1 213 LEU n 
1 214 ARG n 
1 215 ASN n 
1 216 MSE n 
1 217 TRP n 
1 218 ALA n 
1 219 ARG n 
1 220 LEU n 
1 221 PRO n 
1 222 LEU n 
1 223 THR n 
1 224 ARG n 
1 225 ALA n 
1 226 ASP n 
1 227 VAL n 
1 228 GLN n 
1 229 THR n 
1 230 LEU n 
1 231 HIS n 
1 232 GLY n 
1 233 MSE n 
1 234 LEU n 
1 235 ARG n 
1 236 GLN n 
1 237 ILE n 
1 238 ALA n 
1 239 TRP n 
1 240 LYS n 
1 241 LEU n 
1 242 LYS n 
1 243 GLN n 
1 244 GLU n 
1 245 ASN n 
1 246 LEU n 
1 247 TYR n 
1 248 PHE n 
1 249 GLN n 
# 
_entity_src_gen.entity_id                          1 
_entity_src_gen.pdbx_src_id                        1 
_entity_src_gen.pdbx_alt_source_flag               sample 
_entity_src_gen.pdbx_seq_type                      ? 
_entity_src_gen.pdbx_beg_seq_num                   ? 
_entity_src_gen.pdbx_end_seq_num                   ? 
_entity_src_gen.gene_src_common_name               ? 
_entity_src_gen.gene_src_genus                     ? 
_entity_src_gen.pdbx_gene_src_gene                 'RHOS4_30450, RSP_3829' 
_entity_src_gen.gene_src_species                   ? 
_entity_src_gen.gene_src_strain                    2.4.1 
_entity_src_gen.gene_src_tissue                    ? 
_entity_src_gen.gene_src_tissue_fraction           ? 
_entity_src_gen.gene_src_details                   
'C-terminal His-tag-MBP fusion vector with TEV protease cut-site between the C-terminus and the His-tag' 
_entity_src_gen.pdbx_gene_src_fragment             ? 
_entity_src_gen.pdbx_gene_src_scientific_name      'Rhodobacter sphaeroides' 
_entity_src_gen.pdbx_gene_src_ncbi_taxonomy_id     272943 
_entity_src_gen.pdbx_gene_src_variant              ? 
_entity_src_gen.pdbx_gene_src_cell_line            ? 
_entity_src_gen.pdbx_gene_src_atcc                 ? 
_entity_src_gen.pdbx_gene_src_organ                ? 
_entity_src_gen.pdbx_gene_src_organelle            ? 
_entity_src_gen.pdbx_gene_src_cell                 ? 
_entity_src_gen.pdbx_gene_src_cellular_location    ? 
_entity_src_gen.host_org_common_name               ? 
_entity_src_gen.pdbx_host_org_scientific_name      'Escherichia coli' 
_entity_src_gen.pdbx_host_org_ncbi_taxonomy_id     511693 
_entity_src_gen.host_org_genus                     ? 
_entity_src_gen.pdbx_host_org_gene                 ? 
_entity_src_gen.pdbx_host_org_organ                ? 
_entity_src_gen.host_org_species                   ? 
_entity_src_gen.pdbx_host_org_tissue               ? 
_entity_src_gen.pdbx_host_org_tissue_fraction      ? 
_entity_src_gen.pdbx_host_org_strain               'BL21 magic' 
_entity_src_gen.pdbx_host_org_variant              ? 
_entity_src_gen.pdbx_host_org_cell_line            ? 
_entity_src_gen.pdbx_host_org_atcc                 ? 
_entity_src_gen.pdbx_host_org_culture_collection   ? 
_entity_src_gen.pdbx_host_org_cell                 ? 
_entity_src_gen.pdbx_host_org_organelle            ? 
_entity_src_gen.pdbx_host_org_cellular_location    ? 
_entity_src_gen.pdbx_host_org_vector_type          plasmid 
_entity_src_gen.pdbx_host_org_vector               ? 
_entity_src_gen.host_org_details                   ? 
_entity_src_gen.expression_system_id               ? 
_entity_src_gen.plasmid_name                       pMCSG29 
_entity_src_gen.plasmid_details                    ? 
_entity_src_gen.pdbx_description                   ? 
# 
loop_
_chem_comp.id 
_chem_comp.type 
_chem_comp.mon_nstd_flag 
_chem_comp.name 
_chem_comp.pdbx_synonyms 
_chem_comp.formula 
_chem_comp.formula_weight 
ACY non-polymer         . 'ACETIC ACID'        ?                               'C2 H4 O2'       60.052  
ALA 'L-peptide linking' y ALANINE              ?                               'C3 H7 N O2'     89.093  
ARG 'L-peptide linking' y ARGININE             ?                               'C6 H15 N4 O2 1' 175.209 
ASN 'L-peptide linking' y ASPARAGINE           ?                               'C4 H8 N2 O3'    132.118 
ASP 'L-peptide linking' y 'ASPARTIC ACID'      ?                               'C4 H7 N O4'     133.103 
BME non-polymer         . BETA-MERCAPTOETHANOL ?                               'C2 H6 O S'      78.133  
CL  non-polymer         . 'CHLORIDE ION'       ?                               'Cl -1'          35.453  
CYS 'L-peptide linking' y CYSTEINE             ?                               'C3 H7 N O2 S'   121.158 
GLN 'L-peptide linking' y GLUTAMINE            ?                               'C5 H10 N2 O3'   146.144 
GLU 'L-peptide linking' y 'GLUTAMIC ACID'      ?                               'C5 H9 N O4'     147.129 
GLY 'peptide linking'   y GLYCINE              ?                               'C2 H5 N O2'     75.067  
GOL non-polymer         . GLYCEROL             'GLYCERIN; PROPANE-1,2,3-TRIOL' 'C3 H8 O3'       92.094  
HIS 'L-peptide linking' y HISTIDINE            ?                               'C6 H10 N3 O2 1' 156.162 
HOH non-polymer         . WATER                ?                               'H2 O'           18.015  
ILE 'L-peptide linking' y ISOLEUCINE           ?                               'C6 H13 N O2'    131.173 
LEU 'L-peptide linking' y LEUCINE              ?                               'C6 H13 N O2'    131.173 
LYS 'L-peptide linking' y LYSINE               ?                               'C6 H15 N2 O2 1' 147.195 
MSE 'L-peptide linking' n SELENOMETHIONINE     ?                               'C5 H11 N O2 Se' 196.106 
PHE 'L-peptide linking' y PHENYLALANINE        ?                               'C9 H11 N O2'    165.189 
PRO 'L-peptide linking' y PROLINE              ?                               'C5 H9 N O2'     115.130 
SER 'L-peptide linking' y SERINE               ?                               'C3 H7 N O3'     105.093 
THR 'L-peptide linking' y THREONINE            ?                               'C4 H9 N O3'     119.119 
TRP 'L-peptide linking' y TRYPTOPHAN           ?                               'C11 H12 N2 O2'  204.225 
TYR 'L-peptide linking' y TYROSINE             ?                               'C9 H11 N O3'    181.189 
VAL 'L-peptide linking' y VALINE               ?                               'C5 H11 N O2'    117.146 
# 
loop_
_pdbx_poly_seq_scheme.asym_id 
_pdbx_poly_seq_scheme.entity_id 
_pdbx_poly_seq_scheme.seq_id 
_pdbx_poly_seq_scheme.mon_id 
_pdbx_poly_seq_scheme.ndb_seq_num 
_pdbx_poly_seq_scheme.pdb_seq_num 
_pdbx_poly_seq_scheme.auth_seq_num 
_pdbx_poly_seq_scheme.pdb_mon_id 
_pdbx_poly_seq_scheme.auth_mon_id 
_pdbx_poly_seq_scheme.pdb_strand_id 
_pdbx_poly_seq_scheme.pdb_ins_code 
_pdbx_poly_seq_scheme.hetero 
A 1 1   MSE 1   1   ?   ?   ?   A . n 
A 1 2   SER 2   2   ?   ?   ?   A . n 
A 1 3   ILE 3   3   3   ILE ILE A . n 
A 1 4   GLU 4   4   4   GLU GLU A . n 
A 1 5   PRO 5   5   5   PRO PRO A . n 
A 1 6   VAL 6   6   6   VAL VAL A . n 
A 1 7   PHE 7   7   7   PHE PHE A . n 
A 1 8   ILE 8   8   8   ILE ILE A . n 
A 1 9   LEU 9   9   9   LEU LEU A . n 
A 1 10  VAL 10  10  10  VAL VAL A . n 
A 1 11  ARG 11  11  11  ARG ARG A . n 
A 1 12  PRO 12  12  12  PRO PRO A . n 
A 1 13  GLN 13  13  13  GLN GLN A . n 
A 1 14  MSE 14  14  14  MSE MSE A . n 
A 1 15  GLY 15  15  15  GLY GLY A . n 
A 1 16  GLU 16  16  16  GLU GLU A . n 
A 1 17  ASN 17  17  17  ASN ASN A . n 
A 1 18  ILE 18  18  18  ILE ILE A . n 
A 1 19  GLY 19  19  19  GLY GLY A . n 
A 1 20  ALA 20  20  20  ALA ALA A . n 
A 1 21  ALA 21  21  21  ALA ALA A . n 
A 1 22  ALA 22  22  22  ALA ALA A . n 
A 1 23  ARG 23  23  23  ARG ARG A . n 
A 1 24  ALA 24  24  24  ALA ALA A . n 
A 1 25  MSE 25  25  25  MSE MSE A . n 
A 1 26  LEU 26  26  26  LEU LEU A . n 
A 1 27  ASN 27  27  27  ASN ASN A . n 
A 1 28  PHE 28  28  28  PHE PHE A . n 
A 1 29  GLY 29  29  29  GLY GLY A . n 
A 1 30  LEU 30  30  30  LEU LEU A . n 
A 1 31  GLY 31  31  31  GLY GLY A . n 
A 1 32  ARG 32  32  32  ARG ARG A . n 
A 1 33  LEU 33  33  33  LEU LEU A . n 
A 1 34  ARG 34  34  34  ARG ARG A . n 
A 1 35  ILE 35  35  35  ILE ILE A . n 
A 1 36  VAL 36  36  36  VAL VAL A . n 
A 1 37  ASP 37  37  37  ASP ASP A . n 
A 1 38  PRO 38  38  38  PRO PRO A . n 
A 1 39  ARG 39  39  39  ARG ARG A . n 
A 1 40  ASP 40  40  40  ASP ASP A . n 
A 1 41  GLY 41  41  41  GLY GLY A . n 
A 1 42  TRP 42  42  42  TRP TRP A . n 
A 1 43  PRO 43  43  43  PRO PRO A . n 
A 1 44  ASN 44  44  44  ASN ASN A . n 
A 1 45  PRO 45  45  45  PRO PRO A . n 
A 1 46  LYS 46  46  46  LYS LYS A . n 
A 1 47  ALA 47  47  47  ALA ALA A . n 
A 1 48  VAL 48  48  48  VAL VAL A . n 
A 1 49  ALA 49  49  49  ALA ALA A . n 
A 1 50  MSE 50  50  50  MSE MSE A . n 
A 1 51  ALA 51  51  51  ALA ALA A . n 
A 1 52  SER 52  52  52  SER SER A . n 
A 1 53  GLY 53  53  53  GLY GLY A . n 
A 1 54  ALA 54  54  54  ALA ALA A . n 
A 1 55  GLY 55  55  55  GLY GLY A . n 
A 1 56  ARG 56  56  56  ARG ARG A . n 
A 1 57  LEU 57  57  57  LEU LEU A . n 
A 1 58  LEU 58  58  58  LEU LEU A . n 
A 1 59  ASP 59  59  59  ASP ASP A . n 
A 1 60  HIS 60  60  60  HIS HIS A . n 
A 1 61  ALA 61  61  61  ALA ALA A . n 
A 1 62  GLY 62  62  62  GLY GLY A . n 
A 1 63  LEU 63  63  63  LEU LEU A . n 
A 1 64  PHE 64  64  64  PHE PHE A . n 
A 1 65  PRO 65  65  65  PRO PRO A . n 
A 1 66  THR 66  66  66  THR THR A . n 
A 1 67  VAL 67  67  67  VAL VAL A . n 
A 1 68  ALA 68  68  68  ALA ALA A . n 
A 1 69  GLU 69  69  69  GLU GLU A . n 
A 1 70  ALA 70  70  70  ALA ALA A . n 
A 1 71  ILE 71  71  71  ILE ILE A . n 
A 1 72  ARG 72  72  72  ARG ARG A . n 
A 1 73  ASP 73  73  73  ASP ASP A . n 
A 1 74  CYS 74  74  74  CYS CYS A . n 
A 1 75  ASP 75  75  75  ASP ASP A . n 
A 1 76  TYR 76  76  76  TYR TYR A . n 
A 1 77  VAL 77  77  77  VAL VAL A . n 
A 1 78  PHE 78  78  78  PHE PHE A . n 
A 1 79  ALA 79  79  79  ALA ALA A . n 
A 1 80  THR 80  80  80  THR THR A . n 
A 1 81  THR 81  81  81  THR THR A . n 
A 1 82  ALA 82  82  82  ALA ALA A . n 
A 1 83  ARG 83  83  83  ARG ARG A . n 
A 1 84  GLY 84  84  84  GLY GLY A . n 
A 1 85  ARG 85  85  85  ARG ARG A . n 
A 1 86  GLU 86  86  86  GLU GLU A . n 
A 1 87  LEU 87  87  87  LEU LEU A . n 
A 1 88  THR 88  88  88  THR THR A . n 
A 1 89  LYS 89  89  89  LYS LYS A . n 
A 1 90  PRO 90  90  90  PRO PRO A . n 
A 1 91  VAL 91  91  91  VAL VAL A . n 
A 1 92  MSE 92  92  92  MSE MSE A . n 
A 1 93  THR 93  93  93  THR THR A . n 
A 1 94  PRO 94  94  94  PRO PRO A . n 
A 1 95  GLU 95  95  95  GLU GLU A . n 
A 1 96  ARG 96  96  96  ARG ARG A . n 
A 1 97  ALA 97  97  97  ALA ALA A . n 
A 1 98  MSE 98  98  98  MSE MSE A . n 
A 1 99  ALA 99  99  99  ALA ALA A . n 
A 1 100 HIS 100 100 100 HIS HIS A . n 
A 1 101 GLY 101 101 101 GLY GLY A . n 
A 1 102 ARG 102 102 102 ARG ARG A . n 
A 1 103 ALA 103 103 103 ALA ALA A . n 
A 1 104 LEU 104 104 104 LEU LEU A . n 
A 1 105 THR 105 105 105 THR THR A . n 
A 1 106 GLY 106 106 106 GLY GLY A . n 
A 1 107 GLU 107 107 107 GLU GLU A . n 
A 1 108 GLY 108 108 108 GLY GLY A . n 
A 1 109 ARG 109 109 109 ARG ARG A . n 
A 1 110 ARG 110 110 110 ARG ARG A . n 
A 1 111 VAL 111 111 111 VAL VAL A . n 
A 1 112 GLY 112 112 112 GLY GLY A . n 
A 1 113 ILE 113 113 113 ILE ILE A . n 
A 1 114 LEU 114 114 114 LEU LEU A . n 
A 1 115 PHE 115 115 115 PHE PHE A . n 
A 1 116 GLY 116 116 116 GLY GLY A . n 
A 1 117 PRO 117 117 117 PRO PRO A . n 
A 1 118 GLU 118 118 118 GLU GLU A . n 
A 1 119 ARG 119 119 119 ARG ARG A . n 
A 1 120 THR 120 120 120 THR THR A . n 
A 1 121 GLY 121 121 121 GLY GLY A . n 
A 1 122 LEU 122 122 122 LEU LEU A . n 
A 1 123 GLU 123 123 123 GLU GLU A . n 
A 1 124 ASN 124 124 124 ASN ASN A . n 
A 1 125 GLU 125 125 125 GLU GLU A . n 
A 1 126 ASP 126 126 126 ASP ASP A . n 
A 1 127 VAL 127 127 127 VAL VAL A . n 
A 1 128 ALA 128 128 128 ALA ALA A . n 
A 1 129 LEU 129 129 129 LEU LEU A . n 
A 1 130 ALA 130 130 130 ALA ALA A . n 
A 1 131 ASN 131 131 131 ASN ASN A . n 
A 1 132 ALA 132 132 132 ALA ALA A . n 
A 1 133 ILE 133 133 133 ILE ILE A . n 
A 1 134 VAL 134 134 134 VAL VAL A . n 
A 1 135 THR 135 135 135 THR THR A . n 
A 1 136 VAL 136 136 136 VAL VAL A . n 
A 1 137 PRO 137 137 137 PRO PRO A . n 
A 1 138 VAL 138 138 138 VAL VAL A . n 
A 1 139 ASN 139 139 139 ASN ASN A . n 
A 1 140 PRO 140 140 140 PRO PRO A . n 
A 1 141 GLU 141 141 141 GLU GLU A . n 
A 1 142 PHE 142 142 142 PHE PHE A . n 
A 1 143 PHE 143 143 143 PHE PHE A . n 
A 1 144 SER 144 144 144 SER SER A . n 
A 1 145 LEU 145 145 145 LEU LEU A . n 
A 1 146 ASN 146 146 146 ASN ASN A . n 
A 1 147 LEU 147 147 147 LEU LEU A . n 
A 1 148 ALA 148 148 148 ALA ALA A . n 
A 1 149 GLN 149 149 149 GLN GLN A . n 
A 1 150 CYS 150 150 150 CYS CYS A . n 
A 1 151 VAL 151 151 151 VAL VAL A . n 
A 1 152 LEU 152 152 152 LEU LEU A . n 
A 1 153 LEU 153 153 153 LEU LEU A . n 
A 1 154 LEU 154 154 154 LEU LEU A . n 
A 1 155 ALA 155 155 155 ALA ALA A . n 
A 1 156 TYR 156 156 156 TYR TYR A . n 
A 1 157 GLU 157 157 157 GLU GLU A . n 
A 1 158 TRP 158 158 158 TRP TRP A . n 
A 1 159 ARG 159 159 159 ARG ARG A . n 
A 1 160 ARG 160 160 160 ARG ARG A . n 
A 1 161 GLN 161 161 161 GLN GLN A . n 
A 1 162 HIS 162 162 ?   ?   ?   A . n 
A 1 163 ASP 163 163 ?   ?   ?   A . n 
A 1 164 GLU 164 164 ?   ?   ?   A . n 
A 1 165 THR 165 165 ?   ?   ?   A . n 
A 1 166 PRO 166 166 ?   ?   ?   A . n 
A 1 167 PRO 167 167 ?   ?   ?   A . n 
A 1 168 GLU 168 168 ?   ?   ?   A . n 
A 1 169 VAL 169 169 ?   ?   ?   A . n 
A 1 170 ILE 170 170 ?   ?   ?   A . n 
A 1 171 ASP 171 171 ?   ?   ?   A . n 
A 1 172 MSE 172 172 ?   ?   ?   A . n 
A 1 173 ALA 173 173 ?   ?   ?   A . n 
A 1 174 ARG 174 174 ?   ?   ?   A . n 
A 1 175 VAL 175 175 ?   ?   ?   A . n 
A 1 176 ASP 176 176 ?   ?   ?   A . n 
A 1 177 PHE 177 177 ?   ?   ?   A . n 
A 1 178 ALA 178 178 ?   ?   ?   A . n 
A 1 179 SER 179 179 ?   ?   ?   A . n 
A 1 180 GLY 180 180 ?   ?   ?   A . n 
A 1 181 LEU 181 181 ?   ?   ?   A . n 
A 1 182 GLU 182 182 ?   ?   ?   A . n 
A 1 183 VAL 183 183 ?   ?   ?   A . n 
A 1 184 GLU 184 184 ?   ?   ?   A . n 
A 1 185 LYS 185 185 ?   ?   ?   A . n 
A 1 186 LEU 186 186 ?   ?   ?   A . n 
A 1 187 GLY 187 187 ?   ?   ?   A . n 
A 1 188 ASP 188 188 ?   ?   ?   A . n 
A 1 189 HIS 189 189 ?   ?   ?   A . n 
A 1 190 PHE 190 190 ?   ?   ?   A . n 
A 1 191 GLU 191 191 ?   ?   ?   A . n 
A 1 192 GLU 192 192 ?   ?   ?   A . n 
A 1 193 LYS 193 193 ?   ?   ?   A . n 
A 1 194 LEU 194 194 ?   ?   ?   A . n 
A 1 195 GLU 195 195 ?   ?   ?   A . n 
A 1 196 ALA 196 196 ?   ?   ?   A . n 
A 1 197 ALA 197 197 ?   ?   ?   A . n 
A 1 198 GLY 198 198 ?   ?   ?   A . n 
A 1 199 PHE 199 199 ?   ?   ?   A . n 
A 1 200 PHE 200 200 ?   ?   ?   A . n 
A 1 201 PHE 201 201 ?   ?   ?   A . n 
A 1 202 PRO 202 202 ?   ?   ?   A . n 
A 1 203 PRO 203 203 ?   ?   ?   A . n 
A 1 204 GLU 204 204 ?   ?   ?   A . n 
A 1 205 LYS 205 205 ?   ?   ?   A . n 
A 1 206 ALA 206 206 ?   ?   ?   A . n 
A 1 207 PRO 207 207 ?   ?   ?   A . n 
A 1 208 GLY 208 208 ?   ?   ?   A . n 
A 1 209 MSE 209 209 ?   ?   ?   A . n 
A 1 210 LYS 210 210 ?   ?   ?   A . n 
A 1 211 LEU 211 211 ?   ?   ?   A . n 
A 1 212 ASN 212 212 ?   ?   ?   A . n 
A 1 213 LEU 213 213 ?   ?   ?   A . n 
A 1 214 ARG 214 214 ?   ?   ?   A . n 
A 1 215 ASN 215 215 ?   ?   ?   A . n 
A 1 216 MSE 216 216 ?   ?   ?   A . n 
A 1 217 TRP 217 217 ?   ?   ?   A . n 
A 1 218 ALA 218 218 ?   ?   ?   A . n 
A 1 219 ARG 219 219 ?   ?   ?   A . n 
A 1 220 LEU 220 220 ?   ?   ?   A . n 
A 1 221 PRO 221 221 ?   ?   ?   A . n 
A 1 222 LEU 222 222 ?   ?   ?   A . n 
A 1 223 THR 223 223 ?   ?   ?   A . n 
A 1 224 ARG 224 224 ?   ?   ?   A . n 
A 1 225 ALA 225 225 ?   ?   ?   A . n 
A 1 226 ASP 226 226 ?   ?   ?   A . n 
A 1 227 VAL 227 227 ?   ?   ?   A . n 
A 1 228 GLN 228 228 ?   ?   ?   A . n 
A 1 229 THR 229 229 ?   ?   ?   A . n 
A 1 230 LEU 230 230 ?   ?   ?   A . n 
A 1 231 HIS 231 231 ?   ?   ?   A . n 
A 1 232 GLY 232 232 ?   ?   ?   A . n 
A 1 233 MSE 233 233 ?   ?   ?   A . n 
A 1 234 LEU 234 234 ?   ?   ?   A . n 
A 1 235 ARG 235 235 ?   ?   ?   A . n 
A 1 236 GLN 236 236 ?   ?   ?   A . n 
A 1 237 ILE 237 237 ?   ?   ?   A . n 
A 1 238 ALA 238 238 ?   ?   ?   A . n 
A 1 239 TRP 239 239 ?   ?   ?   A . n 
A 1 240 LYS 240 240 ?   ?   ?   A . n 
A 1 241 LEU 241 241 ?   ?   ?   A . n 
A 1 242 LYS 242 242 ?   ?   ?   A . n 
A 1 243 GLN 243 243 ?   ?   ?   A . n 
A 1 244 GLU 244 244 ?   ?   ?   A . n 
A 1 245 ASN 245 245 ?   ?   ?   A . n 
A 1 246 LEU 246 246 ?   ?   ?   A . n 
A 1 247 TYR 247 247 ?   ?   ?   A . n 
A 1 248 PHE 248 248 ?   ?   ?   A . n 
A 1 249 GLN 249 249 ?   ?   ?   A . n 
# 
loop_
_pdbx_nonpoly_scheme.asym_id 
_pdbx_nonpoly_scheme.entity_id 
_pdbx_nonpoly_scheme.mon_id 
_pdbx_nonpoly_scheme.ndb_seq_num 
_pdbx_nonpoly_scheme.pdb_seq_num 
_pdbx_nonpoly_scheme.auth_seq_num 
_pdbx_nonpoly_scheme.pdb_mon_id 
_pdbx_nonpoly_scheme.auth_mon_id 
_pdbx_nonpoly_scheme.pdb_strand_id 
_pdbx_nonpoly_scheme.pdb_ins_code 
B 2 ACY 1   250 247 ACY ACY A . 
C 3 BME 1   251 248 BME BME A . 
D 4 GOL 1   252 249 GOL GOL A . 
E 5 CL  1   253 250 CL  CL  A . 
F 3 BME 1   254 251 BME BME A . 
G 2 ACY 1   255 255 ACY ACY A . 
H 6 HOH 1   256 1   HOH HOH A . 
H 6 HOH 2   257 2   HOH HOH A . 
H 6 HOH 3   258 3   HOH HOH A . 
H 6 HOH 4   259 4   HOH HOH A . 
H 6 HOH 5   260 5   HOH HOH A . 
H 6 HOH 6   261 6   HOH HOH A . 
H 6 HOH 7   262 7   HOH HOH A . 
H 6 HOH 8   263 8   HOH HOH A . 
H 6 HOH 9   264 9   HOH HOH A . 
H 6 HOH 10  265 10  HOH HOH A . 
H 6 HOH 11  266 11  HOH HOH A . 
H 6 HOH 12  267 12  HOH HOH A . 
H 6 HOH 13  268 13  HOH HOH A . 
H 6 HOH 14  269 14  HOH HOH A . 
H 6 HOH 15  270 15  HOH HOH A . 
H 6 HOH 16  271 16  HOH HOH A . 
H 6 HOH 17  272 17  HOH HOH A . 
H 6 HOH 18  273 18  HOH HOH A . 
H 6 HOH 19  274 19  HOH HOH A . 
H 6 HOH 20  275 20  HOH HOH A . 
H 6 HOH 21  276 21  HOH HOH A . 
H 6 HOH 22  277 22  HOH HOH A . 
H 6 HOH 23  278 23  HOH HOH A . 
H 6 HOH 24  279 24  HOH HOH A . 
H 6 HOH 25  280 25  HOH HOH A . 
H 6 HOH 26  281 26  HOH HOH A . 
H 6 HOH 27  282 27  HOH HOH A . 
H 6 HOH 28  283 28  HOH HOH A . 
H 6 HOH 29  284 29  HOH HOH A . 
H 6 HOH 30  285 30  HOH HOH A . 
H 6 HOH 31  286 31  HOH HOH A . 
H 6 HOH 32  287 32  HOH HOH A . 
H 6 HOH 33  288 33  HOH HOH A . 
H 6 HOH 34  289 34  HOH HOH A . 
H 6 HOH 35  290 35  HOH HOH A . 
H 6 HOH 36  291 36  HOH HOH A . 
H 6 HOH 37  292 37  HOH HOH A . 
H 6 HOH 38  293 38  HOH HOH A . 
H 6 HOH 39  294 39  HOH HOH A . 
H 6 HOH 40  295 40  HOH HOH A . 
H 6 HOH 41  296 41  HOH HOH A . 
H 6 HOH 42  297 42  HOH HOH A . 
H 6 HOH 43  298 43  HOH HOH A . 
H 6 HOH 44  299 44  HOH HOH A . 
H 6 HOH 45  300 45  HOH HOH A . 
H 6 HOH 46  301 46  HOH HOH A . 
H 6 HOH 47  302 47  HOH HOH A . 
H 6 HOH 48  303 48  HOH HOH A . 
H 6 HOH 49  304 49  HOH HOH A . 
H 6 HOH 50  305 50  HOH HOH A . 
H 6 HOH 51  306 51  HOH HOH A . 
H 6 HOH 52  307 52  HOH HOH A . 
H 6 HOH 53  308 53  HOH HOH A . 
H 6 HOH 54  309 54  HOH HOH A . 
H 6 HOH 55  310 55  HOH HOH A . 
H 6 HOH 56  311 56  HOH HOH A . 
H 6 HOH 57  312 57  HOH HOH A . 
H 6 HOH 58  313 58  HOH HOH A . 
H 6 HOH 59  314 59  HOH HOH A . 
H 6 HOH 60  315 60  HOH HOH A . 
H 6 HOH 61  316 61  HOH HOH A . 
H 6 HOH 62  317 62  HOH HOH A . 
H 6 HOH 63  318 63  HOH HOH A . 
H 6 HOH 64  319 64  HOH HOH A . 
H 6 HOH 65  320 65  HOH HOH A . 
H 6 HOH 66  321 66  HOH HOH A . 
H 6 HOH 67  322 67  HOH HOH A . 
H 6 HOH 68  323 68  HOH HOH A . 
H 6 HOH 69  324 69  HOH HOH A . 
H 6 HOH 70  325 70  HOH HOH A . 
H 6 HOH 71  326 71  HOH HOH A . 
H 6 HOH 72  327 72  HOH HOH A . 
H 6 HOH 73  328 73  HOH HOH A . 
H 6 HOH 74  329 74  HOH HOH A . 
H 6 HOH 75  330 75  HOH HOH A . 
H 6 HOH 76  331 76  HOH HOH A . 
H 6 HOH 77  332 77  HOH HOH A . 
H 6 HOH 78  333 78  HOH HOH A . 
H 6 HOH 79  334 79  HOH HOH A . 
H 6 HOH 80  335 80  HOH HOH A . 
H 6 HOH 81  336 81  HOH HOH A . 
H 6 HOH 82  337 82  HOH HOH A . 
H 6 HOH 83  338 83  HOH HOH A . 
H 6 HOH 84  339 84  HOH HOH A . 
H 6 HOH 85  340 85  HOH HOH A . 
H 6 HOH 86  341 86  HOH HOH A . 
H 6 HOH 87  342 87  HOH HOH A . 
H 6 HOH 88  343 88  HOH HOH A . 
H 6 HOH 89  344 89  HOH HOH A . 
H 6 HOH 90  345 90  HOH HOH A . 
H 6 HOH 91  346 91  HOH HOH A . 
H 6 HOH 92  347 92  HOH HOH A . 
H 6 HOH 93  348 93  HOH HOH A . 
H 6 HOH 94  349 94  HOH HOH A . 
H 6 HOH 95  350 95  HOH HOH A . 
H 6 HOH 96  351 96  HOH HOH A . 
H 6 HOH 97  352 97  HOH HOH A . 
H 6 HOH 98  353 98  HOH HOH A . 
H 6 HOH 99  354 99  HOH HOH A . 
H 6 HOH 100 355 100 HOH HOH A . 
H 6 HOH 101 356 101 HOH HOH A . 
H 6 HOH 102 357 102 HOH HOH A . 
H 6 HOH 103 358 103 HOH HOH A . 
H 6 HOH 104 359 104 HOH HOH A . 
H 6 HOH 105 360 105 HOH HOH A . 
H 6 HOH 106 361 106 HOH HOH A . 
H 6 HOH 107 362 107 HOH HOH A . 
# 
loop_
_software.name 
_software.classification 
_software.version 
_software.citation_id 
_software.pdbx_ordinal 
SBC-Collect 'data collection' .        ? 1  
HKL-3000    'data collection' .        ? 2  
HKL-3000    phasing           .        ? 3  
SHELXS      phasing           .        ? 4  
MLPHARE     phasing           .        ? 5  
RESOLVE     'model building'  .        ? 6  
SOLVE       phasing           .        ? 7  
REFMAC      refinement        5.5.0109 ? 8  
HKL-3000    'data reduction'  .        ? 9  
HKL-3000    'data scaling'    .        ? 10 
RESOLVE     phasing           .        ? 11 
# 
_cell.entry_id           3ONP 
_cell.length_a           74.782 
_cell.length_b           74.782 
_cell.length_c           139.105 
_cell.angle_alpha        90.00 
_cell.angle_beta         90.00 
_cell.angle_gamma        120.00 
_cell.Z_PDB              12 
_cell.pdbx_unique_axis   ? 
_cell.length_a_esd       ? 
_cell.length_b_esd       ? 
_cell.length_c_esd       ? 
_cell.angle_alpha_esd    ? 
_cell.angle_beta_esd     ? 
_cell.angle_gamma_esd    ? 
# 
_symmetry.entry_id                         3ONP 
_symmetry.space_group_name_H-M             'P 65 2 2' 
_symmetry.pdbx_full_space_group_name_H-M   ? 
_symmetry.cell_setting                     ? 
_symmetry.Int_Tables_number                179 
_symmetry.space_group_name_Hall            ? 
# 
_exptl.entry_id          3ONP 
_exptl.method            'X-RAY DIFFRACTION' 
_exptl.crystals_number   1 
# 
_exptl_crystal.id                    1 
_exptl_crystal.density_meas          ? 
_exptl_crystal.density_Matthews      1.99 
_exptl_crystal.density_percent_sol   38.11 
_exptl_crystal.description           ? 
_exptl_crystal.F_000                 ? 
_exptl_crystal.preparation           ? 
# 
_exptl_crystal_grow.crystal_id      1 
_exptl_crystal_grow.method          'VAPOR DIFFUSION, SITTING DROP' 
_exptl_crystal_grow.temp            297 
_exptl_crystal_grow.temp_details    ? 
_exptl_crystal_grow.pH              5.6 
_exptl_crystal_grow.pdbx_details    
'0.17 M Ammonium Acetate, 0.085 M Na Citrate pH 5.6, 25.5% PEG 4000, 15% Glycerol, VAPOR DIFFUSION, SITTING DROP, temperature 297K' 
_exptl_crystal_grow.pdbx_pH_range   ? 
# 
_diffrn.id                     1 
_diffrn.ambient_temp           100 
_diffrn.ambient_temp_details   ? 
_diffrn.crystal_id             1 
# 
_diffrn_detector.diffrn_id              1 
_diffrn_detector.detector               CCD 
_diffrn_detector.type                   'ADSC QUANTUM 315r' 
_diffrn_detector.pdbx_collection_date   2010-07-29 
_diffrn_detector.details                mirrors 
# 
_diffrn_radiation.diffrn_id                        1 
_diffrn_radiation.wavelength_id                    1 
_diffrn_radiation.pdbx_monochromatic_or_laue_m_l   M 
_diffrn_radiation.monochromator                    'double crystal monochromator' 
_diffrn_radiation.pdbx_diffrn_protocol             'SINGLE WAVELENGTH' 
_diffrn_radiation.pdbx_scattering_type             x-ray 
# 
_diffrn_radiation_wavelength.id           1 
_diffrn_radiation_wavelength.wavelength   0.97924 
_diffrn_radiation_wavelength.wt           1.0 
# 
_diffrn_source.diffrn_id                   1 
_diffrn_source.source                      SYNCHROTRON 
_diffrn_source.type                        'APS BEAMLINE 19-ID' 
_diffrn_source.pdbx_synchrotron_site       APS 
_diffrn_source.pdbx_synchrotron_beamline   19-ID 
_diffrn_source.pdbx_wavelength             ? 
_diffrn_source.pdbx_wavelength_list        0.97924 
# 
_reflns.entry_id                     3ONP 
_reflns.observed_criterion_sigma_I   0.0 
_reflns.observed_criterion_sigma_F   0.0 
_reflns.d_resolution_low             50 
_reflns.d_resolution_high            1.90 
_reflns.number_obs                   18791 
_reflns.number_all                   18791 
_reflns.percent_possible_obs         99.9 
_reflns.pdbx_Rmerge_I_obs            ? 
_reflns.pdbx_Rsym_value              0.080 
_reflns.pdbx_netI_over_sigmaI        12.7 
_reflns.B_iso_Wilson_estimate        36.6 
_reflns.pdbx_redundancy              17.2 
_reflns.R_free_details               ? 
_reflns.limit_h_max                  ? 
_reflns.limit_h_min                  ? 
_reflns.limit_k_max                  ? 
_reflns.limit_k_min                  ? 
_reflns.limit_l_max                  ? 
_reflns.limit_l_min                  ? 
_reflns.observed_criterion_F_max     ? 
_reflns.observed_criterion_F_min     ? 
_reflns.pdbx_chi_squared             ? 
_reflns.pdbx_scaling_rejects         ? 
_reflns.pdbx_diffrn_id               1 
_reflns.pdbx_ordinal                 1 
# 
_reflns_shell.d_res_high             1.90 
_reflns_shell.d_res_low              1.93 
_reflns_shell.percent_possible_all   99.6 
_reflns_shell.Rmerge_I_obs           ? 
_reflns_shell.pdbx_Rsym_value        0.786 
_reflns_shell.meanI_over_sigI_obs    2.58 
_reflns_shell.pdbx_redundancy        10.2 
_reflns_shell.percent_possible_obs   ? 
_reflns_shell.number_unique_all      904 
_reflns_shell.number_measured_all    ? 
_reflns_shell.number_measured_obs    ? 
_reflns_shell.number_unique_obs      ? 
_reflns_shell.pdbx_chi_squared       ? 
_reflns_shell.pdbx_diffrn_id         ? 
_reflns_shell.pdbx_ordinal           1 
# 
_refine.entry_id                                 3ONP 
_refine.ls_number_reflns_obs                     17764 
_refine.ls_number_reflns_all                     17764 
_refine.pdbx_ls_sigma_I                          ? 
_refine.pdbx_ls_sigma_F                          0.0 
_refine.pdbx_data_cutoff_high_absF               ? 
_refine.pdbx_data_cutoff_low_absF                ? 
_refine.pdbx_data_cutoff_high_rms_absF           ? 
_refine.ls_d_res_low                             50.00 
_refine.ls_d_res_high                            1.90 
_refine.ls_percent_reflns_obs                    99.34 
_refine.ls_R_factor_obs                          0.191 
_refine.ls_R_factor_all                          0.191 
_refine.ls_R_factor_R_work                       0.189 
_refine.ls_R_factor_R_free                       0.219 
_refine.ls_R_factor_R_free_error                 ? 
_refine.ls_R_factor_R_free_error_details         ? 
_refine.ls_percent_reflns_R_free                 5.1 
_refine.ls_number_reflns_R_free                  961 
_refine.ls_number_parameters                     ? 
_refine.ls_number_restraints                     ? 
_refine.occupancy_min                            ? 
_refine.occupancy_max                            ? 
_refine.correlation_coeff_Fo_to_Fc               0.964 
_refine.correlation_coeff_Fo_to_Fc_free          0.957 
_refine.B_iso_mean                               40.863 
_refine.aniso_B[1][1]                            -0.43 
_refine.aniso_B[2][2]                            -0.43 
_refine.aniso_B[3][3]                            0.65 
_refine.aniso_B[1][2]                            -0.22 
_refine.aniso_B[1][3]                            0.00 
_refine.aniso_B[2][3]                            0.00 
_refine.solvent_model_details                    MASK 
_refine.solvent_model_param_ksol                 ? 
_refine.solvent_model_param_bsol                 ? 
_refine.pdbx_solvent_vdw_probe_radii             1.40 
_refine.pdbx_solvent_ion_probe_radii             0.80 
_refine.pdbx_solvent_shrinkage_radii             0.80 
_refine.pdbx_ls_cross_valid_method               THROUGHOUT 
_refine.details                                  ? 
_refine.pdbx_starting_model                      ? 
_refine.pdbx_method_to_determine_struct          SAD 
_refine.pdbx_isotropic_thermal_model             mixed 
_refine.pdbx_stereochemistry_target_values       'MAXIMUM LIKELIHOOD WITH PHASES' 
_refine.pdbx_stereochem_target_val_spec_case     ? 
_refine.pdbx_R_Free_selection_details            RANDOM 
_refine.pdbx_overall_ESU_R_Free                  0.123 
_refine.overall_SU_ML                            0.083 
_refine.overall_SU_B                             2.767 
_refine.overall_SU_R_Cruickshank_DPI             ? 
_refine.ls_redundancy_reflns_obs                 ? 
_refine.B_iso_min                                ? 
_refine.B_iso_max                                ? 
_refine.overall_SU_R_free                        ? 
_refine.ls_wR_factor_R_free                      ? 
_refine.ls_wR_factor_R_work                      ? 
_refine.overall_FOM_free_R_set                   ? 
_refine.overall_FOM_work_R_set                   ? 
_refine.pdbx_overall_phase_error                 ? 
_refine.pdbx_refine_id                           'X-RAY DIFFRACTION' 
_refine.pdbx_overall_ESU_R                       ? 
_refine.pdbx_diffrn_id                           1 
_refine.pdbx_TLS_residual_ADP_flag               ? 
_refine.pdbx_overall_SU_R_free_Cruickshank_DPI   ? 
_refine.pdbx_overall_SU_R_Blow_DPI               ? 
_refine.pdbx_overall_SU_R_free_Blow_DPI          ? 
# 
_refine_hist.pdbx_refine_id                   'X-RAY DIFFRACTION' 
_refine_hist.cycle_id                         LAST 
_refine_hist.pdbx_number_atoms_protein        1218 
_refine_hist.pdbx_number_atoms_nucleic_acid   0 
_refine_hist.pdbx_number_atoms_ligand         23 
_refine_hist.number_atoms_solvent             107 
_refine_hist.number_atoms_total               1348 
_refine_hist.d_res_high                       1.90 
_refine_hist.d_res_low                        50.00 
# 
loop_
_refine_ls_restr.type 
_refine_ls_restr.dev_ideal 
_refine_ls_restr.dev_ideal_target 
_refine_ls_restr.weight 
_refine_ls_restr.number 
_refine_ls_restr.pdbx_refine_id 
_refine_ls_restr.pdbx_restraint_function 
r_bond_refined_d             0.018  0.022  ? 1410 'X-RAY DIFFRACTION' ? 
r_bond_other_d               ?      ?      ? ?    'X-RAY DIFFRACTION' ? 
r_angle_refined_deg          1.505  1.975  ? 1921 'X-RAY DIFFRACTION' ? 
r_angle_other_deg            ?      ?      ? ?    'X-RAY DIFFRACTION' ? 
r_dihedral_angle_1_deg       5.663  5.000  ? 186  'X-RAY DIFFRACTION' ? 
r_dihedral_angle_2_deg       32.402 21.791 ? 67   'X-RAY DIFFRACTION' ? 
r_dihedral_angle_3_deg       18.109 15.000 ? 228  'X-RAY DIFFRACTION' ? 
r_dihedral_angle_4_deg       20.397 15.000 ? 21   'X-RAY DIFFRACTION' ? 
r_chiral_restr               0.122  0.200  ? 206  'X-RAY DIFFRACTION' ? 
r_gen_planes_refined         0.007  0.021  ? 1130 'X-RAY DIFFRACTION' ? 
r_gen_planes_other           ?      ?      ? ?    'X-RAY DIFFRACTION' ? 
r_nbd_refined                ?      ?      ? ?    'X-RAY DIFFRACTION' ? 
r_nbd_other                  ?      ?      ? ?    'X-RAY DIFFRACTION' ? 
r_nbtor_refined              ?      ?      ? ?    'X-RAY DIFFRACTION' ? 
r_nbtor_other                ?      ?      ? ?    'X-RAY DIFFRACTION' ? 
r_xyhbond_nbd_refined        ?      ?      ? ?    'X-RAY DIFFRACTION' ? 
r_xyhbond_nbd_other          ?      ?      ? ?    'X-RAY DIFFRACTION' ? 
r_metal_ion_refined          ?      ?      ? ?    'X-RAY DIFFRACTION' ? 
r_metal_ion_other            ?      ?      ? ?    'X-RAY DIFFRACTION' ? 
r_symmetry_vdw_refined       ?      ?      ? ?    'X-RAY DIFFRACTION' ? 
r_symmetry_vdw_other         ?      ?      ? ?    'X-RAY DIFFRACTION' ? 
r_symmetry_hbond_refined     ?      ?      ? ?    'X-RAY DIFFRACTION' ? 
r_symmetry_hbond_other       ?      ?      ? ?    'X-RAY DIFFRACTION' ? 
r_symmetry_metal_ion_refined ?      ?      ? ?    'X-RAY DIFFRACTION' ? 
r_symmetry_metal_ion_other   ?      ?      ? ?    'X-RAY DIFFRACTION' ? 
r_mcbond_it                  1.209  1.500  ? 884  'X-RAY DIFFRACTION' ? 
r_mcbond_other               ?      ?      ? ?    'X-RAY DIFFRACTION' ? 
r_mcangle_it                 2.219  2.000  ? 1429 'X-RAY DIFFRACTION' ? 
r_scbond_it                  3.060  3.000  ? 526  'X-RAY DIFFRACTION' ? 
r_scangle_it                 5.252  4.500  ? 492  'X-RAY DIFFRACTION' ? 
r_rigid_bond_restr           ?      ?      ? ?    'X-RAY DIFFRACTION' ? 
r_sphericity_free            ?      ?      ? ?    'X-RAY DIFFRACTION' ? 
r_sphericity_bonded          ?      ?      ? ?    'X-RAY DIFFRACTION' ? 
# 
_refine_ls_shell.pdbx_total_number_of_bins_used   20 
_refine_ls_shell.d_res_high                       1.900 
_refine_ls_shell.d_res_low                        1.949 
_refine_ls_shell.number_reflns_R_work             1162 
_refine_ls_shell.R_factor_R_work                  0.261 
_refine_ls_shell.percent_reflns_obs               91.92 
_refine_ls_shell.R_factor_R_free                  0.275 
_refine_ls_shell.R_factor_R_free_error            ? 
_refine_ls_shell.percent_reflns_R_free            ? 
_refine_ls_shell.number_reflns_R_free             78 
_refine_ls_shell.number_reflns_all                ? 
_refine_ls_shell.R_factor_all                     ? 
_refine_ls_shell.number_reflns_obs                1240 
_refine_ls_shell.redundancy_reflns_obs            ? 
_refine_ls_shell.pdbx_refine_id                   'X-RAY DIFFRACTION' 
# 
_struct.entry_id                  3ONP 
_struct.title                     'Crystal Structure of tRNA/rRNA Methyltransferase SpoU from Rhodobacter sphaeroides' 
_struct.pdbx_model_details        ? 
_struct.pdbx_CASP_flag            N 
_struct.pdbx_model_type_details   ? 
# 
_struct_keywords.entry_id        3ONP 
_struct_keywords.pdbx_keywords   TRANSFERASE 
_struct_keywords.text            
;Structural Genomics, PSI-2, Protein Structure Initiative, Midwest Center for Structural Genomics, MCSG, alpha-beta sandwich, methyltransferase, cytosol, TRANSFERASE
;
# 
loop_
_struct_asym.id 
_struct_asym.pdbx_blank_PDB_chainid_flag 
_struct_asym.pdbx_modified 
_struct_asym.entity_id 
_struct_asym.details 
A N N 1 ? 
B N N 2 ? 
C N N 3 ? 
D N N 4 ? 
E N N 5 ? 
F N N 3 ? 
G N N 2 ? 
H N N 6 ? 
# 
_struct_ref.id                         1 
_struct_ref.db_name                    UNP 
_struct_ref.db_code                    Q3IXX1_RHOS4 
_struct_ref.pdbx_db_accession          Q3IXX1 
_struct_ref.entity_id                  1 
_struct_ref.pdbx_seq_one_letter_code   
;MSIEPVFILVRPQMGENIGAAARAMLNFGLGRLRIVDPRDGWPNPKAVAMASGAGRLLDHAGLFPTVAEAIRDCDYVFAT
TARGRELTKPVMTPERAMAHGRALTGEGRRVGILFGPERTGLENEDVALANAIVTVPVNPEFFSLNLAQCVLLLAYEWRR
QHDETPPEVIDMARVDFASGLEVEKLGDHFEEKLEAAGFFFPPEKAPGMKLNLRNMWARLPLTRADVQTLHGMLRQIAWK
LKQ
;
_struct_ref.pdbx_align_begin           1 
_struct_ref.pdbx_db_isoform            ? 
# 
_struct_ref_seq.align_id                      1 
_struct_ref_seq.ref_id                        1 
_struct_ref_seq.pdbx_PDB_id_code              3ONP 
_struct_ref_seq.pdbx_strand_id                A 
_struct_ref_seq.seq_align_beg                 1 
_struct_ref_seq.pdbx_seq_align_beg_ins_code   ? 
_struct_ref_seq.seq_align_end                 243 
_struct_ref_seq.pdbx_seq_align_end_ins_code   ? 
_struct_ref_seq.pdbx_db_accession             Q3IXX1 
_struct_ref_seq.db_align_beg                  1 
_struct_ref_seq.pdbx_db_align_beg_ins_code    ? 
_struct_ref_seq.db_align_end                  243 
_struct_ref_seq.pdbx_db_align_end_ins_code    ? 
_struct_ref_seq.pdbx_auth_seq_align_beg       1 
_struct_ref_seq.pdbx_auth_seq_align_end       243 
# 
loop_
_struct_ref_seq_dif.align_id 
_struct_ref_seq_dif.pdbx_pdb_id_code 
_struct_ref_seq_dif.mon_id 
_struct_ref_seq_dif.pdbx_pdb_strand_id 
_struct_ref_seq_dif.seq_num 
_struct_ref_seq_dif.pdbx_pdb_ins_code 
_struct_ref_seq_dif.pdbx_seq_db_name 
_struct_ref_seq_dif.pdbx_seq_db_accession_code 
_struct_ref_seq_dif.db_mon_id 
_struct_ref_seq_dif.pdbx_seq_db_seq_num 
_struct_ref_seq_dif.details 
_struct_ref_seq_dif.pdbx_auth_seq_num 
_struct_ref_seq_dif.pdbx_ordinal 
1 3ONP GLU A 244 ? UNP Q3IXX1 ? ? 'expression tag' 244 1 
1 3ONP ASN A 245 ? UNP Q3IXX1 ? ? 'expression tag' 245 2 
1 3ONP LEU A 246 ? UNP Q3IXX1 ? ? 'expression tag' 246 3 
1 3ONP TYR A 247 ? UNP Q3IXX1 ? ? 'expression tag' 247 4 
1 3ONP PHE A 248 ? UNP Q3IXX1 ? ? 'expression tag' 248 5 
1 3ONP GLN A 249 ? UNP Q3IXX1 ? ? 'expression tag' 249 6 
# 
_pdbx_struct_assembly.id                   1 
_pdbx_struct_assembly.details              author_and_software_defined_assembly 
_pdbx_struct_assembly.method_details       PISA 
_pdbx_struct_assembly.oligomeric_details   dimeric 
_pdbx_struct_assembly.oligomeric_count     2 
# 
loop_
_pdbx_struct_assembly_prop.biol_id 
_pdbx_struct_assembly_prop.type 
_pdbx_struct_assembly_prop.value 
_pdbx_struct_assembly_prop.details 
1 'ABSA (A^2)' 3790  ? 
1 MORE         -36   ? 
1 'SSA (A^2)'  14310 ? 
# 
_pdbx_struct_assembly_gen.assembly_id       1 
_pdbx_struct_assembly_gen.oper_expression   1,2 
_pdbx_struct_assembly_gen.asym_id_list      A,B,C,D,E,F,G,H 
# 
loop_
_pdbx_struct_oper_list.id 
_pdbx_struct_oper_list.type 
_pdbx_struct_oper_list.name 
_pdbx_struct_oper_list.symmetry_operation 
_pdbx_struct_oper_list.matrix[1][1] 
_pdbx_struct_oper_list.matrix[1][2] 
_pdbx_struct_oper_list.matrix[1][3] 
_pdbx_struct_oper_list.vector[1] 
_pdbx_struct_oper_list.matrix[2][1] 
_pdbx_struct_oper_list.matrix[2][2] 
_pdbx_struct_oper_list.matrix[2][3] 
_pdbx_struct_oper_list.vector[2] 
_pdbx_struct_oper_list.matrix[3][1] 
_pdbx_struct_oper_list.matrix[3][2] 
_pdbx_struct_oper_list.matrix[3][3] 
_pdbx_struct_oper_list.vector[3] 
1 'identity operation'         1_555  x,y,z            1.0000000000  0.0000000000 0.0000000000  0.0000000000  0.0000000000 1.0000000000  0.0000000000  0.0000000000  0.0000000000  0.0000000000  1.0000000000 0.0000000000 
2 'crystal symmetry operation' 10_665 -y+1,-x+1,-z+1/6 -0.9061934040 0.0045481470 -0.4228390106 16.9225111976 0.0045481470 -0.9997794863 -0.0205010529 20.0754414234 -0.4228390106 -0.0205010529 0.9059728903 3.9701853142 
# 
_struct_biol.id        1 
_struct_biol.details   ? 
# 
loop_
_struct_conf.conf_type_id 
_struct_conf.id 
_struct_conf.pdbx_PDB_helix_id 
_struct_conf.beg_label_comp_id 
_struct_conf.beg_label_asym_id 
_struct_conf.beg_label_seq_id 
_struct_conf.pdbx_beg_PDB_ins_code 
_struct_conf.end_label_comp_id 
_struct_conf.end_label_asym_id 
_struct_conf.end_label_seq_id 
_struct_conf.pdbx_end_PDB_ins_code 
_struct_conf.beg_auth_comp_id 
_struct_conf.beg_auth_asym_id 
_struct_conf.beg_auth_seq_id 
_struct_conf.end_auth_comp_id 
_struct_conf.end_auth_asym_id 
_struct_conf.end_auth_seq_id 
_struct_conf.pdbx_PDB_helix_class 
_struct_conf.details 
_struct_conf.pdbx_PDB_helix_length 
HELX_P HELX_P1 1 MSE A 14  ? PHE A 28  ? MSE A 14  PHE A 28  1 ? 15 
HELX_P HELX_P2 2 ASN A 44  ? SER A 52  ? ASN A 44  SER A 52  1 ? 9  
HELX_P HELX_P3 3 ALA A 54  ? HIS A 60  ? ALA A 54  HIS A 60  1 ? 7  
HELX_P HELX_P4 4 THR A 66  ? ARG A 72  ? THR A 66  ARG A 72  1 ? 7  
HELX_P HELX_P5 5 THR A 93  ? GLU A 107 ? THR A 93  GLU A 107 1 ? 15 
HELX_P HELX_P6 6 GLU A 123 ? ALA A 128 ? GLU A 123 ALA A 128 1 ? 6  
HELX_P HELX_P7 7 ASN A 146 ? GLN A 161 ? ASN A 146 GLN A 161 1 ? 16 
# 
_struct_conf_type.id          HELX_P 
_struct_conf_type.criteria    ? 
_struct_conf_type.reference   ? 
# 
loop_
_struct_conn.id 
_struct_conn.conn_type_id 
_struct_conn.pdbx_leaving_atom_flag 
_struct_conn.pdbx_PDB_id 
_struct_conn.ptnr1_label_asym_id 
_struct_conn.ptnr1_label_comp_id 
_struct_conn.ptnr1_label_seq_id 
_struct_conn.ptnr1_label_atom_id 
_struct_conn.pdbx_ptnr1_label_alt_id 
_struct_conn.pdbx_ptnr1_PDB_ins_code 
_struct_conn.pdbx_ptnr1_standard_comp_id 
_struct_conn.ptnr1_symmetry 
_struct_conn.ptnr2_label_asym_id 
_struct_conn.ptnr2_label_comp_id 
_struct_conn.ptnr2_label_seq_id 
_struct_conn.ptnr2_label_atom_id 
_struct_conn.pdbx_ptnr2_label_alt_id 
_struct_conn.pdbx_ptnr2_PDB_ins_code 
_struct_conn.ptnr1_auth_asym_id 
_struct_conn.ptnr1_auth_comp_id 
_struct_conn.ptnr1_auth_seq_id 
_struct_conn.ptnr2_auth_asym_id 
_struct_conn.ptnr2_auth_comp_id 
_struct_conn.ptnr2_auth_seq_id 
_struct_conn.ptnr2_symmetry 
_struct_conn.pdbx_ptnr3_label_atom_id 
_struct_conn.pdbx_ptnr3_label_seq_id 
_struct_conn.pdbx_ptnr3_label_comp_id 
_struct_conn.pdbx_ptnr3_label_asym_id 
_struct_conn.pdbx_ptnr3_label_alt_id 
_struct_conn.pdbx_ptnr3_PDB_ins_code 
_struct_conn.details 
_struct_conn.pdbx_dist_value 
_struct_conn.pdbx_value_order 
_struct_conn.pdbx_role 
covale1  covale both ? A GLN 13  C  ? ? ? 1_555 A MSE 14 N  ? ? A GLN 13  A MSE 14  1_555 ? ? ? ? ? ? ? 1.316 ? ? 
covale2  covale both ? A MSE 14  C  ? ? ? 1_555 A GLY 15 N  ? ? A MSE 14  A GLY 15  1_555 ? ? ? ? ? ? ? 1.337 ? ? 
covale3  covale both ? A ALA 24  C  ? ? ? 1_555 A MSE 25 N  ? ? A ALA 24  A MSE 25  1_555 ? ? ? ? ? ? ? 1.338 ? ? 
covale4  covale both ? A MSE 25  C  ? ? ? 1_555 A LEU 26 N  ? ? A MSE 25  A LEU 26  1_555 ? ? ? ? ? ? ? 1.321 ? ? 
covale5  covale both ? A ALA 49  C  ? ? ? 1_555 A MSE 50 N  ? ? A ALA 49  A MSE 50  1_555 ? ? ? ? ? ? ? 1.332 ? ? 
covale6  covale both ? A MSE 50  C  ? ? ? 1_555 A ALA 51 N  ? ? A MSE 50  A ALA 51  1_555 ? ? ? ? ? ? ? 1.331 ? ? 
covale7  covale none ? A CYS 74  SG ? ? ? 1_555 F BME .  S2 ? ? A CYS 74  A BME 254 1_555 ? ? ? ? ? ? ? 1.959 ? ? 
covale8  covale both ? A VAL 91  C  ? ? ? 1_555 A MSE 92 N  ? ? A VAL 91  A MSE 92  1_555 ? ? ? ? ? ? ? 1.338 ? ? 
covale9  covale both ? A MSE 92  C  ? ? ? 1_555 A THR 93 N  ? ? A MSE 92  A THR 93  1_555 ? ? ? ? ? ? ? 1.327 ? ? 
covale10 covale both ? A ALA 97  C  ? ? ? 1_555 A MSE 98 N  ? ? A ALA 97  A MSE 98  1_555 ? ? ? ? ? ? ? 1.339 ? ? 
covale11 covale both ? A MSE 98  C  ? ? ? 1_555 A ALA 99 N  ? ? A MSE 98  A ALA 99  1_555 ? ? ? ? ? ? ? 1.347 ? ? 
covale12 covale none ? A CYS 150 SG B ? ? 1_555 C BME .  S2 B ? A CYS 150 A BME 251 1_555 ? ? ? ? ? ? ? 2.009 ? ? 
covale13 covale none ? A CYS 150 SG A ? ? 1_555 C BME .  S2 A ? A CYS 150 A BME 251 1_555 ? ? ? ? ? ? ? 2.143 ? ? 
# 
_struct_conn_type.id          covale 
_struct_conn_type.criteria    ? 
_struct_conn_type.reference   ? 
# 
_struct_mon_prot_cis.pdbx_id                1 
_struct_mon_prot_cis.label_comp_id          TRP 
_struct_mon_prot_cis.label_seq_id           42 
_struct_mon_prot_cis.label_asym_id          A 
_struct_mon_prot_cis.label_alt_id           . 
_struct_mon_prot_cis.pdbx_PDB_ins_code      ? 
_struct_mon_prot_cis.auth_comp_id           TRP 
_struct_mon_prot_cis.auth_seq_id            42 
_struct_mon_prot_cis.auth_asym_id           A 
_struct_mon_prot_cis.pdbx_label_comp_id_2   PRO 
_struct_mon_prot_cis.pdbx_label_seq_id_2    43 
_struct_mon_prot_cis.pdbx_label_asym_id_2   A 
_struct_mon_prot_cis.pdbx_PDB_ins_code_2    ? 
_struct_mon_prot_cis.pdbx_auth_comp_id_2    PRO 
_struct_mon_prot_cis.pdbx_auth_seq_id_2     43 
_struct_mon_prot_cis.pdbx_auth_asym_id_2    A 
_struct_mon_prot_cis.pdbx_PDB_model_num     1 
_struct_mon_prot_cis.pdbx_omega_angle       0.30 
# 
_struct_sheet.id               A 
_struct_sheet.type             ? 
_struct_sheet.number_strands   7 
_struct_sheet.details          ? 
# 
loop_
_struct_sheet_order.sheet_id 
_struct_sheet_order.range_id_1 
_struct_sheet_order.range_id_2 
_struct_sheet_order.offset 
_struct_sheet_order.sense 
A 1 2 ? parallel 
A 2 3 ? parallel 
A 3 4 ? parallel 
A 4 5 ? parallel 
A 5 6 ? parallel 
A 6 7 ? parallel 
# 
loop_
_struct_sheet_range.sheet_id 
_struct_sheet_range.id 
_struct_sheet_range.beg_label_comp_id 
_struct_sheet_range.beg_label_asym_id 
_struct_sheet_range.beg_label_seq_id 
_struct_sheet_range.pdbx_beg_PDB_ins_code 
_struct_sheet_range.end_label_comp_id 
_struct_sheet_range.end_label_asym_id 
_struct_sheet_range.end_label_seq_id 
_struct_sheet_range.pdbx_end_PDB_ins_code 
_struct_sheet_range.beg_auth_comp_id 
_struct_sheet_range.beg_auth_asym_id 
_struct_sheet_range.beg_auth_seq_id 
_struct_sheet_range.end_auth_comp_id 
_struct_sheet_range.end_auth_asym_id 
_struct_sheet_range.end_auth_seq_id 
A 1 GLY A 62  ? PHE A 64  ? GLY A 62  PHE A 64  
A 2 LEU A 33  ? VAL A 36  ? LEU A 33  VAL A 36  
A 3 VAL A 6   ? VAL A 10  ? VAL A 6   VAL A 10  
A 4 VAL A 111 ? PHE A 115 ? VAL A 111 PHE A 115 
A 5 TYR A 76  ? THR A 81  ? TYR A 76  THR A 81  
A 6 ALA A 132 ? THR A 135 ? ALA A 132 THR A 135 
A 7 VAL A 91  ? MSE A 92  ? VAL A 91  MSE A 92  
# 
loop_
_pdbx_struct_sheet_hbond.sheet_id 
_pdbx_struct_sheet_hbond.range_id_1 
_pdbx_struct_sheet_hbond.range_id_2 
_pdbx_struct_sheet_hbond.range_1_label_atom_id 
_pdbx_struct_sheet_hbond.range_1_label_comp_id 
_pdbx_struct_sheet_hbond.range_1_label_asym_id 
_pdbx_struct_sheet_hbond.range_1_label_seq_id 
_pdbx_struct_sheet_hbond.range_1_PDB_ins_code 
_pdbx_struct_sheet_hbond.range_1_auth_atom_id 
_pdbx_struct_sheet_hbond.range_1_auth_comp_id 
_pdbx_struct_sheet_hbond.range_1_auth_asym_id 
_pdbx_struct_sheet_hbond.range_1_auth_seq_id 
_pdbx_struct_sheet_hbond.range_2_label_atom_id 
_pdbx_struct_sheet_hbond.range_2_label_comp_id 
_pdbx_struct_sheet_hbond.range_2_label_asym_id 
_pdbx_struct_sheet_hbond.range_2_label_seq_id 
_pdbx_struct_sheet_hbond.range_2_PDB_ins_code 
_pdbx_struct_sheet_hbond.range_2_auth_atom_id 
_pdbx_struct_sheet_hbond.range_2_auth_comp_id 
_pdbx_struct_sheet_hbond.range_2_auth_asym_id 
_pdbx_struct_sheet_hbond.range_2_auth_seq_id 
A 1 2 O GLY A 62  ? O GLY A 62  N ILE A 35  ? N ILE A 35  
A 2 3 O VAL A 36  ? O VAL A 36  N LEU A 9   ? N LEU A 9   
A 3 4 N VAL A 10  ? N VAL A 10  O PHE A 115 ? O PHE A 115 
A 4 5 O LEU A 114 ? O LEU A 114 N PHE A 78  ? N PHE A 78  
A 5 6 N ALA A 79  ? N ALA A 79  O VAL A 134 ? O VAL A 134 
A 6 7 O ILE A 133 ? O ILE A 133 N MSE A 92  ? N MSE A 92  
# 
loop_
_struct_site.id 
_struct_site.pdbx_evidence_code 
_struct_site.pdbx_auth_asym_id 
_struct_site.pdbx_auth_comp_id 
_struct_site.pdbx_auth_seq_id 
_struct_site.pdbx_auth_ins_code 
_struct_site.pdbx_num_residues 
_struct_site.details 
AC1 Software A ACY 250 ? 6 'BINDING SITE FOR RESIDUE ACY A 250' 
AC2 Software A BME 251 ? 9 'BINDING SITE FOR RESIDUE BME A 251' 
AC3 Software A GOL 252 ? 5 'BINDING SITE FOR RESIDUE GOL A 252' 
AC4 Software A CL  253 ? 3 'BINDING SITE FOR RESIDUE CL A 253'  
AC5 Software A BME 254 ? 8 'BINDING SITE FOR RESIDUE BME A 254' 
AC6 Software A ACY 255 ? 4 'BINDING SITE FOR RESIDUE ACY A 255' 
# 
loop_
_struct_site_gen.id 
_struct_site_gen.site_id 
_struct_site_gen.pdbx_num_res 
_struct_site_gen.label_comp_id 
_struct_site_gen.label_asym_id 
_struct_site_gen.label_seq_id 
_struct_site_gen.pdbx_auth_ins_code 
_struct_site_gen.auth_comp_id 
_struct_site_gen.auth_asym_id 
_struct_site_gen.auth_seq_id 
_struct_site_gen.label_atom_id 
_struct_site_gen.label_alt_id 
_struct_site_gen.symmetry 
_struct_site_gen.details 
1  AC1 6 GLY A 116 ? GLY A 116 . ? 1_555 ? 
2  AC1 6 PRO A 117 ? PRO A 117 . ? 1_555 ? 
3  AC1 6 GLY A 121 ? GLY A 121 . ? 1_555 ? 
4  AC1 6 LEU A 145 ? LEU A 145 . ? 1_555 ? 
5  AC1 6 CYS A 150 ? CYS A 150 . ? 1_555 ? 
6  AC1 6 BME C .   ? BME A 251 . ? 1_555 ? 
7  AC2 9 THR A 81  ? THR A 81  . ? 1_555 ? 
8  AC2 9 ALA A 82  ? ALA A 82  . ? 1_555 ? 
9  AC2 9 VAL A 136 ? VAL A 136 . ? 1_555 ? 
10 AC2 9 PHE A 143 ? PHE A 143 . ? 1_555 ? 
11 AC2 9 LEU A 145 ? LEU A 145 . ? 1_555 ? 
12 AC2 9 CYS A 150 ? CYS A 150 . ? 1_555 ? 
13 AC2 9 ACY B .   ? ACY A 250 . ? 1_555 ? 
14 AC2 9 HOH H .   ? HOH A 301 . ? 1_555 ? 
15 AC2 9 HOH H .   ? HOH A 324 . ? 1_555 ? 
16 AC3 5 ILE A 71  ? ILE A 71  . ? 1_555 ? 
17 AC3 5 ARG A 72  ? ARG A 72  . ? 1_555 ? 
18 AC3 5 CYS A 74  ? CYS A 74  . ? 1_555 ? 
19 AC3 5 ASP A 75  ? ASP A 75  . ? 1_555 ? 
20 AC3 5 HOH H .   ? HOH A 323 . ? 1_555 ? 
21 AC4 3 GLN A 13  ? GLN A 13  . ? 1_555 ? 
22 AC4 3 ASN A 17  ? ASN A 17  . ? 1_555 ? 
23 AC4 3 GLU A 118 ? GLU A 118 . ? 1_555 ? 
24 AC5 8 VAL A 6   ? VAL A 6   . ? 1_555 ? 
25 AC5 8 ARG A 32  ? ARG A 32  . ? 1_555 ? 
26 AC5 8 ARG A 34  ? ARG A 34  . ? 1_555 ? 
27 AC5 8 ASP A 73  ? ASP A 73  . ? 1_555 ? 
28 AC5 8 CYS A 74  ? CYS A 74  . ? 1_555 ? 
29 AC5 8 ARG A 110 ? ARG A 110 . ? 1_555 ? 
30 AC5 8 VAL A 111 ? VAL A 111 . ? 1_555 ? 
31 AC5 8 GLY A 112 ? GLY A 112 . ? 1_555 ? 
32 AC6 4 HIS A 60  ? HIS A 60  . ? 1_555 ? 
33 AC6 4 TYR A 76  ? TYR A 76  . ? 6_554 ? 
34 AC6 4 HOH H .   ? HOH A 287 . ? 6_554 ? 
35 AC6 4 HOH H .   ? HOH A 296 . ? 1_555 ? 
# 
_pdbx_entry_details.entry_id                   3ONP 
_pdbx_entry_details.compound_details           ? 
_pdbx_entry_details.source_details             ? 
_pdbx_entry_details.nonpolymer_details         ? 
_pdbx_entry_details.sequence_details           ? 
_pdbx_entry_details.has_ligand_of_interest     ? 
_pdbx_entry_details.has_protein_modification   Y 
# 
loop_
_pdbx_validate_torsion.id 
_pdbx_validate_torsion.PDB_model_num 
_pdbx_validate_torsion.auth_comp_id 
_pdbx_validate_torsion.auth_asym_id 
_pdbx_validate_torsion.auth_seq_id 
_pdbx_validate_torsion.PDB_ins_code 
_pdbx_validate_torsion.label_alt_id 
_pdbx_validate_torsion.phi 
_pdbx_validate_torsion.psi 
1 1 SER A 52  ? ? 52.17   -116.11 
2 1 THR A 88  ? ? 80.33   -4.05   
3 1 SER A 144 ? A -143.01 15.58   
# 
_pdbx_SG_project.id                    1 
_pdbx_SG_project.project_name          'PSI, Protein Structure Initiative' 
_pdbx_SG_project.full_name_of_center   'Midwest Center for Structural Genomics' 
_pdbx_SG_project.initial_of_center     MCSG 
# 
loop_
_pdbx_struct_mod_residue.id 
_pdbx_struct_mod_residue.label_asym_id 
_pdbx_struct_mod_residue.label_comp_id 
_pdbx_struct_mod_residue.label_seq_id 
_pdbx_struct_mod_residue.auth_asym_id 
_pdbx_struct_mod_residue.auth_comp_id 
_pdbx_struct_mod_residue.auth_seq_id 
_pdbx_struct_mod_residue.PDB_ins_code 
_pdbx_struct_mod_residue.parent_comp_id 
_pdbx_struct_mod_residue.details 
1 A MSE 14 A MSE 14 ? MET SELENOMETHIONINE 
2 A MSE 25 A MSE 25 ? MET SELENOMETHIONINE 
3 A MSE 50 A MSE 50 ? MET SELENOMETHIONINE 
4 A MSE 92 A MSE 92 ? MET SELENOMETHIONINE 
5 A MSE 98 A MSE 98 ? MET SELENOMETHIONINE 
# 
_pdbx_struct_special_symmetry.id              1 
_pdbx_struct_special_symmetry.PDB_model_num   1 
_pdbx_struct_special_symmetry.auth_asym_id    A 
_pdbx_struct_special_symmetry.auth_comp_id    HOH 
_pdbx_struct_special_symmetry.auth_seq_id     355 
_pdbx_struct_special_symmetry.PDB_ins_code    ? 
_pdbx_struct_special_symmetry.label_asym_id   H 
_pdbx_struct_special_symmetry.label_comp_id   HOH 
_pdbx_struct_special_symmetry.label_seq_id    . 
# 
loop_
_pdbx_unobs_or_zero_occ_residues.id 
_pdbx_unobs_or_zero_occ_residues.PDB_model_num 
_pdbx_unobs_or_zero_occ_residues.polymer_flag 
_pdbx_unobs_or_zero_occ_residues.occupancy_flag 
_pdbx_unobs_or_zero_occ_residues.auth_asym_id 
_pdbx_unobs_or_zero_occ_residues.auth_comp_id 
_pdbx_unobs_or_zero_occ_residues.auth_seq_id 
_pdbx_unobs_or_zero_occ_residues.PDB_ins_code 
_pdbx_unobs_or_zero_occ_residues.label_asym_id 
_pdbx_unobs_or_zero_occ_residues.label_comp_id 
_pdbx_unobs_or_zero_occ_residues.label_seq_id 
1  1 Y 1 A MSE 1   ? A MSE 1   
2  1 Y 1 A SER 2   ? A SER 2   
3  1 Y 1 A HIS 162 ? A HIS 162 
4  1 Y 1 A ASP 163 ? A ASP 163 
5  1 Y 1 A GLU 164 ? A GLU 164 
6  1 Y 1 A THR 165 ? A THR 165 
7  1 Y 1 A PRO 166 ? A PRO 166 
8  1 Y 1 A PRO 167 ? A PRO 167 
9  1 Y 1 A GLU 168 ? A GLU 168 
10 1 Y 1 A VAL 169 ? A VAL 169 
11 1 Y 1 A ILE 170 ? A ILE 170 
12 1 Y 1 A ASP 171 ? A ASP 171 
13 1 Y 1 A MSE 172 ? A MSE 172 
14 1 Y 1 A ALA 173 ? A ALA 173 
15 1 Y 1 A ARG 174 ? A ARG 174 
16 1 Y 1 A VAL 175 ? A VAL 175 
17 1 Y 1 A ASP 176 ? A ASP 176 
18 1 Y 1 A PHE 177 ? A PHE 177 
19 1 Y 1 A ALA 178 ? A ALA 178 
20 1 Y 1 A SER 179 ? A SER 179 
21 1 Y 1 A GLY 180 ? A GLY 180 
22 1 Y 1 A LEU 181 ? A LEU 181 
23 1 Y 1 A GLU 182 ? A GLU 182 
24 1 Y 1 A VAL 183 ? A VAL 183 
25 1 Y 1 A GLU 184 ? A GLU 184 
26 1 Y 1 A LYS 185 ? A LYS 185 
27 1 Y 1 A LEU 186 ? A LEU 186 
28 1 Y 1 A GLY 187 ? A GLY 187 
29 1 Y 1 A ASP 188 ? A ASP 188 
30 1 Y 1 A HIS 189 ? A HIS 189 
31 1 Y 1 A PHE 190 ? A PHE 190 
32 1 Y 1 A GLU 191 ? A GLU 191 
33 1 Y 1 A GLU 192 ? A GLU 192 
34 1 Y 1 A LYS 193 ? A LYS 193 
35 1 Y 1 A LEU 194 ? A LEU 194 
36 1 Y 1 A GLU 195 ? A GLU 195 
37 1 Y 1 A ALA 196 ? A ALA 196 
38 1 Y 1 A ALA 197 ? A ALA 197 
39 1 Y 1 A GLY 198 ? A GLY 198 
40 1 Y 1 A PHE 199 ? A PHE 199 
41 1 Y 1 A PHE 200 ? A PHE 200 
42 1 Y 1 A PHE 201 ? A PHE 201 
43 1 Y 1 A PRO 202 ? A PRO 202 
44 1 Y 1 A PRO 203 ? A PRO 203 
45 1 Y 1 A GLU 204 ? A GLU 204 
46 1 Y 1 A LYS 205 ? A LYS 205 
47 1 Y 1 A ALA 206 ? A ALA 206 
48 1 Y 1 A PRO 207 ? A PRO 207 
49 1 Y 1 A GLY 208 ? A GLY 208 
50 1 Y 1 A MSE 209 ? A MSE 209 
51 1 Y 1 A LYS 210 ? A LYS 210 
52 1 Y 1 A LEU 211 ? A LEU 211 
53 1 Y 1 A ASN 212 ? A ASN 212 
54 1 Y 1 A LEU 213 ? A LEU 213 
55 1 Y 1 A ARG 214 ? A ARG 214 
56 1 Y 1 A ASN 215 ? A ASN 215 
57 1 Y 1 A MSE 216 ? A MSE 216 
58 1 Y 1 A TRP 217 ? A TRP 217 
59 1 Y 1 A ALA 218 ? A ALA 218 
60 1 Y 1 A ARG 219 ? A ARG 219 
61 1 Y 1 A LEU 220 ? A LEU 220 
62 1 Y 1 A PRO 221 ? A PRO 221 
63 1 Y 1 A LEU 222 ? A LEU 222 
64 1 Y 1 A THR 223 ? A THR 223 
65 1 Y 1 A ARG 224 ? A ARG 224 
66 1 Y 1 A ALA 225 ? A ALA 225 
67 1 Y 1 A ASP 226 ? A ASP 226 
68 1 Y 1 A VAL 227 ? A VAL 227 
69 1 Y 1 A GLN 228 ? A GLN 228 
70 1 Y 1 A THR 229 ? A THR 229 
71 1 Y 1 A LEU 230 ? A LEU 230 
72 1 Y 1 A HIS 231 ? A HIS 231 
73 1 Y 1 A GLY 232 ? A GLY 232 
74 1 Y 1 A MSE 233 ? A MSE 233 
75 1 Y 1 A LEU 234 ? A LEU 234 
76 1 Y 1 A ARG 235 ? A ARG 235 
77 1 Y 1 A GLN 236 ? A GLN 236 
78 1 Y 1 A ILE 237 ? A ILE 237 
79 1 Y 1 A ALA 238 ? A ALA 238 
80 1 Y 1 A TRP 239 ? A TRP 239 
81 1 Y 1 A LYS 240 ? A LYS 240 
82 1 Y 1 A LEU 241 ? A LEU 241 
83 1 Y 1 A LYS 242 ? A LYS 242 
84 1 Y 1 A GLN 243 ? A GLN 243 
85 1 Y 1 A GLU 244 ? A GLU 244 
86 1 Y 1 A ASN 245 ? A ASN 245 
87 1 Y 1 A LEU 246 ? A LEU 246 
88 1 Y 1 A TYR 247 ? A TYR 247 
89 1 Y 1 A PHE 248 ? A PHE 248 
90 1 Y 1 A GLN 249 ? A GLN 249 
# 
loop_
_chem_comp_atom.comp_id 
_chem_comp_atom.atom_id 
_chem_comp_atom.type_symbol 
_chem_comp_atom.pdbx_aromatic_flag 
_chem_comp_atom.pdbx_stereo_config 
_chem_comp_atom.pdbx_ordinal 
ACY C    C  N N 1   
ACY O    O  N N 2   
ACY OXT  O  N N 3   
ACY CH3  C  N N 4   
ACY HXT  H  N N 5   
ACY H1   H  N N 6   
ACY H2   H  N N 7   
ACY H3   H  N N 8   
ALA N    N  N N 9   
ALA CA   C  N S 10  
ALA C    C  N N 11  
ALA O    O  N N 12  
ALA CB   C  N N 13  
ALA OXT  O  N N 14  
ALA H    H  N N 15  
ALA H2   H  N N 16  
ALA HA   H  N N 17  
ALA HB1  H  N N 18  
ALA HB2  H  N N 19  
ALA HB3  H  N N 20  
ALA HXT  H  N N 21  
ARG N    N  N N 22  
ARG CA   C  N S 23  
ARG C    C  N N 24  
ARG O    O  N N 25  
ARG CB   C  N N 26  
ARG CG   C  N N 27  
ARG CD   C  N N 28  
ARG NE   N  N N 29  
ARG CZ   C  N N 30  
ARG NH1  N  N N 31  
ARG NH2  N  N N 32  
ARG OXT  O  N N 33  
ARG H    H  N N 34  
ARG H2   H  N N 35  
ARG HA   H  N N 36  
ARG HB2  H  N N 37  
ARG HB3  H  N N 38  
ARG HG2  H  N N 39  
ARG HG3  H  N N 40  
ARG HD2  H  N N 41  
ARG HD3  H  N N 42  
ARG HE   H  N N 43  
ARG HH11 H  N N 44  
ARG HH12 H  N N 45  
ARG HH21 H  N N 46  
ARG HH22 H  N N 47  
ARG HXT  H  N N 48  
ASN N    N  N N 49  
ASN CA   C  N S 50  
ASN C    C  N N 51  
ASN O    O  N N 52  
ASN CB   C  N N 53  
ASN CG   C  N N 54  
ASN OD1  O  N N 55  
ASN ND2  N  N N 56  
ASN OXT  O  N N 57  
ASN H    H  N N 58  
ASN H2   H  N N 59  
ASN HA   H  N N 60  
ASN HB2  H  N N 61  
ASN HB3  H  N N 62  
ASN HD21 H  N N 63  
ASN HD22 H  N N 64  
ASN HXT  H  N N 65  
ASP N    N  N N 66  
ASP CA   C  N S 67  
ASP C    C  N N 68  
ASP O    O  N N 69  
ASP CB   C  N N 70  
ASP CG   C  N N 71  
ASP OD1  O  N N 72  
ASP OD2  O  N N 73  
ASP OXT  O  N N 74  
ASP H    H  N N 75  
ASP H2   H  N N 76  
ASP HA   H  N N 77  
ASP HB2  H  N N 78  
ASP HB3  H  N N 79  
ASP HD2  H  N N 80  
ASP HXT  H  N N 81  
BME C1   C  N N 82  
BME C2   C  N N 83  
BME O1   O  N N 84  
BME S2   S  N N 85  
BME H11  H  N N 86  
BME H12  H  N N 87  
BME H21  H  N N 88  
BME H22  H  N N 89  
BME HO1  H  N N 90  
BME HS2  H  N N 91  
CL  CL   CL N N 92  
CYS N    N  N N 93  
CYS CA   C  N R 94  
CYS C    C  N N 95  
CYS O    O  N N 96  
CYS CB   C  N N 97  
CYS SG   S  N N 98  
CYS OXT  O  N N 99  
CYS H    H  N N 100 
CYS H2   H  N N 101 
CYS HA   H  N N 102 
CYS HB2  H  N N 103 
CYS HB3  H  N N 104 
CYS HG   H  N N 105 
CYS HXT  H  N N 106 
GLN N    N  N N 107 
GLN CA   C  N S 108 
GLN C    C  N N 109 
GLN O    O  N N 110 
GLN CB   C  N N 111 
GLN CG   C  N N 112 
GLN CD   C  N N 113 
GLN OE1  O  N N 114 
GLN NE2  N  N N 115 
GLN OXT  O  N N 116 
GLN H    H  N N 117 
GLN H2   H  N N 118 
GLN HA   H  N N 119 
GLN HB2  H  N N 120 
GLN HB3  H  N N 121 
GLN HG2  H  N N 122 
GLN HG3  H  N N 123 
GLN HE21 H  N N 124 
GLN HE22 H  N N 125 
GLN HXT  H  N N 126 
GLU N    N  N N 127 
GLU CA   C  N S 128 
GLU C    C  N N 129 
GLU O    O  N N 130 
GLU CB   C  N N 131 
GLU CG   C  N N 132 
GLU CD   C  N N 133 
GLU OE1  O  N N 134 
GLU OE2  O  N N 135 
GLU OXT  O  N N 136 
GLU H    H  N N 137 
GLU H2   H  N N 138 
GLU HA   H  N N 139 
GLU HB2  H  N N 140 
GLU HB3  H  N N 141 
GLU HG2  H  N N 142 
GLU HG3  H  N N 143 
GLU HE2  H  N N 144 
GLU HXT  H  N N 145 
GLY N    N  N N 146 
GLY CA   C  N N 147 
GLY C    C  N N 148 
GLY O    O  N N 149 
GLY OXT  O  N N 150 
GLY H    H  N N 151 
GLY H2   H  N N 152 
GLY HA2  H  N N 153 
GLY HA3  H  N N 154 
GLY HXT  H  N N 155 
GOL C1   C  N N 156 
GOL O1   O  N N 157 
GOL C2   C  N N 158 
GOL O2   O  N N 159 
GOL C3   C  N N 160 
GOL O3   O  N N 161 
GOL H11  H  N N 162 
GOL H12  H  N N 163 
GOL HO1  H  N N 164 
GOL H2   H  N N 165 
GOL HO2  H  N N 166 
GOL H31  H  N N 167 
GOL H32  H  N N 168 
GOL HO3  H  N N 169 
HIS N    N  N N 170 
HIS CA   C  N S 171 
HIS C    C  N N 172 
HIS O    O  N N 173 
HIS CB   C  N N 174 
HIS CG   C  Y N 175 
HIS ND1  N  Y N 176 
HIS CD2  C  Y N 177 
HIS CE1  C  Y N 178 
HIS NE2  N  Y N 179 
HIS OXT  O  N N 180 
HIS H    H  N N 181 
HIS H2   H  N N 182 
HIS HA   H  N N 183 
HIS HB2  H  N N 184 
HIS HB3  H  N N 185 
HIS HD1  H  N N 186 
HIS HD2  H  N N 187 
HIS HE1  H  N N 188 
HIS HE2  H  N N 189 
HIS HXT  H  N N 190 
HOH O    O  N N 191 
HOH H1   H  N N 192 
HOH H2   H  N N 193 
ILE N    N  N N 194 
ILE CA   C  N S 195 
ILE C    C  N N 196 
ILE O    O  N N 197 
ILE CB   C  N S 198 
ILE CG1  C  N N 199 
ILE CG2  C  N N 200 
ILE CD1  C  N N 201 
ILE OXT  O  N N 202 
ILE H    H  N N 203 
ILE H2   H  N N 204 
ILE HA   H  N N 205 
ILE HB   H  N N 206 
ILE HG12 H  N N 207 
ILE HG13 H  N N 208 
ILE HG21 H  N N 209 
ILE HG22 H  N N 210 
ILE HG23 H  N N 211 
ILE HD11 H  N N 212 
ILE HD12 H  N N 213 
ILE HD13 H  N N 214 
ILE HXT  H  N N 215 
LEU N    N  N N 216 
LEU CA   C  N S 217 
LEU C    C  N N 218 
LEU O    O  N N 219 
LEU CB   C  N N 220 
LEU CG   C  N N 221 
LEU CD1  C  N N 222 
LEU CD2  C  N N 223 
LEU OXT  O  N N 224 
LEU H    H  N N 225 
LEU H2   H  N N 226 
LEU HA   H  N N 227 
LEU HB2  H  N N 228 
LEU HB3  H  N N 229 
LEU HG   H  N N 230 
LEU HD11 H  N N 231 
LEU HD12 H  N N 232 
LEU HD13 H  N N 233 
LEU HD21 H  N N 234 
LEU HD22 H  N N 235 
LEU HD23 H  N N 236 
LEU HXT  H  N N 237 
LYS N    N  N N 238 
LYS CA   C  N S 239 
LYS C    C  N N 240 
LYS O    O  N N 241 
LYS CB   C  N N 242 
LYS CG   C  N N 243 
LYS CD   C  N N 244 
LYS CE   C  N N 245 
LYS NZ   N  N N 246 
LYS OXT  O  N N 247 
LYS H    H  N N 248 
LYS H2   H  N N 249 
LYS HA   H  N N 250 
LYS HB2  H  N N 251 
LYS HB3  H  N N 252 
LYS HG2  H  N N 253 
LYS HG3  H  N N 254 
LYS HD2  H  N N 255 
LYS HD3  H  N N 256 
LYS HE2  H  N N 257 
LYS HE3  H  N N 258 
LYS HZ1  H  N N 259 
LYS HZ2  H  N N 260 
LYS HZ3  H  N N 261 
LYS HXT  H  N N 262 
MSE N    N  N N 263 
MSE CA   C  N S 264 
MSE C    C  N N 265 
MSE O    O  N N 266 
MSE OXT  O  N N 267 
MSE CB   C  N N 268 
MSE CG   C  N N 269 
MSE SE   SE N N 270 
MSE CE   C  N N 271 
MSE H    H  N N 272 
MSE H2   H  N N 273 
MSE HA   H  N N 274 
MSE HXT  H  N N 275 
MSE HB2  H  N N 276 
MSE HB3  H  N N 277 
MSE HG2  H  N N 278 
MSE HG3  H  N N 279 
MSE HE1  H  N N 280 
MSE HE2  H  N N 281 
MSE HE3  H  N N 282 
PHE N    N  N N 283 
PHE CA   C  N S 284 
PHE C    C  N N 285 
PHE O    O  N N 286 
PHE CB   C  N N 287 
PHE CG   C  Y N 288 
PHE CD1  C  Y N 289 
PHE CD2  C  Y N 290 
PHE CE1  C  Y N 291 
PHE CE2  C  Y N 292 
PHE CZ   C  Y N 293 
PHE OXT  O  N N 294 
PHE H    H  N N 295 
PHE H2   H  N N 296 
PHE HA   H  N N 297 
PHE HB2  H  N N 298 
PHE HB3  H  N N 299 
PHE HD1  H  N N 300 
PHE HD2  H  N N 301 
PHE HE1  H  N N 302 
PHE HE2  H  N N 303 
PHE HZ   H  N N 304 
PHE HXT  H  N N 305 
PRO N    N  N N 306 
PRO CA   C  N S 307 
PRO C    C  N N 308 
PRO O    O  N N 309 
PRO CB   C  N N 310 
PRO CG   C  N N 311 
PRO CD   C  N N 312 
PRO OXT  O  N N 313 
PRO H    H  N N 314 
PRO HA   H  N N 315 
PRO HB2  H  N N 316 
PRO HB3  H  N N 317 
PRO HG2  H  N N 318 
PRO HG3  H  N N 319 
PRO HD2  H  N N 320 
PRO HD3  H  N N 321 
PRO HXT  H  N N 322 
SER N    N  N N 323 
SER CA   C  N S 324 
SER C    C  N N 325 
SER O    O  N N 326 
SER CB   C  N N 327 
SER OG   O  N N 328 
SER OXT  O  N N 329 
SER H    H  N N 330 
SER H2   H  N N 331 
SER HA   H  N N 332 
SER HB2  H  N N 333 
SER HB3  H  N N 334 
SER HG   H  N N 335 
SER HXT  H  N N 336 
THR N    N  N N 337 
THR CA   C  N S 338 
THR C    C  N N 339 
THR O    O  N N 340 
THR CB   C  N R 341 
THR OG1  O  N N 342 
THR CG2  C  N N 343 
THR OXT  O  N N 344 
THR H    H  N N 345 
THR H2   H  N N 346 
THR HA   H  N N 347 
THR HB   H  N N 348 
THR HG1  H  N N 349 
THR HG21 H  N N 350 
THR HG22 H  N N 351 
THR HG23 H  N N 352 
THR HXT  H  N N 353 
TRP N    N  N N 354 
TRP CA   C  N S 355 
TRP C    C  N N 356 
TRP O    O  N N 357 
TRP CB   C  N N 358 
TRP CG   C  Y N 359 
TRP CD1  C  Y N 360 
TRP CD2  C  Y N 361 
TRP NE1  N  Y N 362 
TRP CE2  C  Y N 363 
TRP CE3  C  Y N 364 
TRP CZ2  C  Y N 365 
TRP CZ3  C  Y N 366 
TRP CH2  C  Y N 367 
TRP OXT  O  N N 368 
TRP H    H  N N 369 
TRP H2   H  N N 370 
TRP HA   H  N N 371 
TRP HB2  H  N N 372 
TRP HB3  H  N N 373 
TRP HD1  H  N N 374 
TRP HE1  H  N N 375 
TRP HE3  H  N N 376 
TRP HZ2  H  N N 377 
TRP HZ3  H  N N 378 
TRP HH2  H  N N 379 
TRP HXT  H  N N 380 
TYR N    N  N N 381 
TYR CA   C  N S 382 
TYR C    C  N N 383 
TYR O    O  N N 384 
TYR CB   C  N N 385 
TYR CG   C  Y N 386 
TYR CD1  C  Y N 387 
TYR CD2  C  Y N 388 
TYR CE1  C  Y N 389 
TYR CE2  C  Y N 390 
TYR CZ   C  Y N 391 
TYR OH   O  N N 392 
TYR OXT  O  N N 393 
TYR H    H  N N 394 
TYR H2   H  N N 395 
TYR HA   H  N N 396 
TYR HB2  H  N N 397 
TYR HB3  H  N N 398 
TYR HD1  H  N N 399 
TYR HD2  H  N N 400 
TYR HE1  H  N N 401 
TYR HE2  H  N N 402 
TYR HH   H  N N 403 
TYR HXT  H  N N 404 
VAL N    N  N N 405 
VAL CA   C  N S 406 
VAL C    C  N N 407 
VAL O    O  N N 408 
VAL CB   C  N N 409 
VAL CG1  C  N N 410 
VAL CG2  C  N N 411 
VAL OXT  O  N N 412 
VAL H    H  N N 413 
VAL H2   H  N N 414 
VAL HA   H  N N 415 
VAL HB   H  N N 416 
VAL HG11 H  N N 417 
VAL HG12 H  N N 418 
VAL HG13 H  N N 419 
VAL HG21 H  N N 420 
VAL HG22 H  N N 421 
VAL HG23 H  N N 422 
VAL HXT  H  N N 423 
# 
loop_
_chem_comp_bond.comp_id 
_chem_comp_bond.atom_id_1 
_chem_comp_bond.atom_id_2 
_chem_comp_bond.value_order 
_chem_comp_bond.pdbx_aromatic_flag 
_chem_comp_bond.pdbx_stereo_config 
_chem_comp_bond.pdbx_ordinal 
ACY C   O    doub N N 1   
ACY C   OXT  sing N N 2   
ACY C   CH3  sing N N 3   
ACY OXT HXT  sing N N 4   
ACY CH3 H1   sing N N 5   
ACY CH3 H2   sing N N 6   
ACY CH3 H3   sing N N 7   
ALA N   CA   sing N N 8   
ALA N   H    sing N N 9   
ALA N   H2   sing N N 10  
ALA CA  C    sing N N 11  
ALA CA  CB   sing N N 12  
ALA CA  HA   sing N N 13  
ALA C   O    doub N N 14  
ALA C   OXT  sing N N 15  
ALA CB  HB1  sing N N 16  
ALA CB  HB2  sing N N 17  
ALA CB  HB3  sing N N 18  
ALA OXT HXT  sing N N 19  
ARG N   CA   sing N N 20  
ARG N   H    sing N N 21  
ARG N   H2   sing N N 22  
ARG CA  C    sing N N 23  
ARG CA  CB   sing N N 24  
ARG CA  HA   sing N N 25  
ARG C   O    doub N N 26  
ARG C   OXT  sing N N 27  
ARG CB  CG   sing N N 28  
ARG CB  HB2  sing N N 29  
ARG CB  HB3  sing N N 30  
ARG CG  CD   sing N N 31  
ARG CG  HG2  sing N N 32  
ARG CG  HG3  sing N N 33  
ARG CD  NE   sing N N 34  
ARG CD  HD2  sing N N 35  
ARG CD  HD3  sing N N 36  
ARG NE  CZ   sing N N 37  
ARG NE  HE   sing N N 38  
ARG CZ  NH1  sing N N 39  
ARG CZ  NH2  doub N N 40  
ARG NH1 HH11 sing N N 41  
ARG NH1 HH12 sing N N 42  
ARG NH2 HH21 sing N N 43  
ARG NH2 HH22 sing N N 44  
ARG OXT HXT  sing N N 45  
ASN N   CA   sing N N 46  
ASN N   H    sing N N 47  
ASN N   H2   sing N N 48  
ASN CA  C    sing N N 49  
ASN CA  CB   sing N N 50  
ASN CA  HA   sing N N 51  
ASN C   O    doub N N 52  
ASN C   OXT  sing N N 53  
ASN CB  CG   sing N N 54  
ASN CB  HB2  sing N N 55  
ASN CB  HB3  sing N N 56  
ASN CG  OD1  doub N N 57  
ASN CG  ND2  sing N N 58  
ASN ND2 HD21 sing N N 59  
ASN ND2 HD22 sing N N 60  
ASN OXT HXT  sing N N 61  
ASP N   CA   sing N N 62  
ASP N   H    sing N N 63  
ASP N   H2   sing N N 64  
ASP CA  C    sing N N 65  
ASP CA  CB   sing N N 66  
ASP CA  HA   sing N N 67  
ASP C   O    doub N N 68  
ASP C   OXT  sing N N 69  
ASP CB  CG   sing N N 70  
ASP CB  HB2  sing N N 71  
ASP CB  HB3  sing N N 72  
ASP CG  OD1  doub N N 73  
ASP CG  OD2  sing N N 74  
ASP OD2 HD2  sing N N 75  
ASP OXT HXT  sing N N 76  
BME C1  C2   sing N N 77  
BME C1  O1   sing N N 78  
BME C1  H11  sing N N 79  
BME C1  H12  sing N N 80  
BME C2  S2   sing N N 81  
BME C2  H21  sing N N 82  
BME C2  H22  sing N N 83  
BME O1  HO1  sing N N 84  
BME S2  HS2  sing N N 85  
CYS N   CA   sing N N 86  
CYS N   H    sing N N 87  
CYS N   H2   sing N N 88  
CYS CA  C    sing N N 89  
CYS CA  CB   sing N N 90  
CYS CA  HA   sing N N 91  
CYS C   O    doub N N 92  
CYS C   OXT  sing N N 93  
CYS CB  SG   sing N N 94  
CYS CB  HB2  sing N N 95  
CYS CB  HB3  sing N N 96  
CYS SG  HG   sing N N 97  
CYS OXT HXT  sing N N 98  
GLN N   CA   sing N N 99  
GLN N   H    sing N N 100 
GLN N   H2   sing N N 101 
GLN CA  C    sing N N 102 
GLN CA  CB   sing N N 103 
GLN CA  HA   sing N N 104 
GLN C   O    doub N N 105 
GLN C   OXT  sing N N 106 
GLN CB  CG   sing N N 107 
GLN CB  HB2  sing N N 108 
GLN CB  HB3  sing N N 109 
GLN CG  CD   sing N N 110 
GLN CG  HG2  sing N N 111 
GLN CG  HG3  sing N N 112 
GLN CD  OE1  doub N N 113 
GLN CD  NE2  sing N N 114 
GLN NE2 HE21 sing N N 115 
GLN NE2 HE22 sing N N 116 
GLN OXT HXT  sing N N 117 
GLU N   CA   sing N N 118 
GLU N   H    sing N N 119 
GLU N   H2   sing N N 120 
GLU CA  C    sing N N 121 
GLU CA  CB   sing N N 122 
GLU CA  HA   sing N N 123 
GLU C   O    doub N N 124 
GLU C   OXT  sing N N 125 
GLU CB  CG   sing N N 126 
GLU CB  HB2  sing N N 127 
GLU CB  HB3  sing N N 128 
GLU CG  CD   sing N N 129 
GLU CG  HG2  sing N N 130 
GLU CG  HG3  sing N N 131 
GLU CD  OE1  doub N N 132 
GLU CD  OE2  sing N N 133 
GLU OE2 HE2  sing N N 134 
GLU OXT HXT  sing N N 135 
GLY N   CA   sing N N 136 
GLY N   H    sing N N 137 
GLY N   H2   sing N N 138 
GLY CA  C    sing N N 139 
GLY CA  HA2  sing N N 140 
GLY CA  HA3  sing N N 141 
GLY C   O    doub N N 142 
GLY C   OXT  sing N N 143 
GLY OXT HXT  sing N N 144 
GOL C1  O1   sing N N 145 
GOL C1  C2   sing N N 146 
GOL C1  H11  sing N N 147 
GOL C1  H12  sing N N 148 
GOL O1  HO1  sing N N 149 
GOL C2  O2   sing N N 150 
GOL C2  C3   sing N N 151 
GOL C2  H2   sing N N 152 
GOL O2  HO2  sing N N 153 
GOL C3  O3   sing N N 154 
GOL C3  H31  sing N N 155 
GOL C3  H32  sing N N 156 
GOL O3  HO3  sing N N 157 
HIS N   CA   sing N N 158 
HIS N   H    sing N N 159 
HIS N   H2   sing N N 160 
HIS CA  C    sing N N 161 
HIS CA  CB   sing N N 162 
HIS CA  HA   sing N N 163 
HIS C   O    doub N N 164 
HIS C   OXT  sing N N 165 
HIS CB  CG   sing N N 166 
HIS CB  HB2  sing N N 167 
HIS CB  HB3  sing N N 168 
HIS CG  ND1  sing Y N 169 
HIS CG  CD2  doub Y N 170 
HIS ND1 CE1  doub Y N 171 
HIS ND1 HD1  sing N N 172 
HIS CD2 NE2  sing Y N 173 
HIS CD2 HD2  sing N N 174 
HIS CE1 NE2  sing Y N 175 
HIS CE1 HE1  sing N N 176 
HIS NE2 HE2  sing N N 177 
HIS OXT HXT  sing N N 178 
HOH O   H1   sing N N 179 
HOH O   H2   sing N N 180 
ILE N   CA   sing N N 181 
ILE N   H    sing N N 182 
ILE N   H2   sing N N 183 
ILE CA  C    sing N N 184 
ILE CA  CB   sing N N 185 
ILE CA  HA   sing N N 186 
ILE C   O    doub N N 187 
ILE C   OXT  sing N N 188 
ILE CB  CG1  sing N N 189 
ILE CB  CG2  sing N N 190 
ILE CB  HB   sing N N 191 
ILE CG1 CD1  sing N N 192 
ILE CG1 HG12 sing N N 193 
ILE CG1 HG13 sing N N 194 
ILE CG2 HG21 sing N N 195 
ILE CG2 HG22 sing N N 196 
ILE CG2 HG23 sing N N 197 
ILE CD1 HD11 sing N N 198 
ILE CD1 HD12 sing N N 199 
ILE CD1 HD13 sing N N 200 
ILE OXT HXT  sing N N 201 
LEU N   CA   sing N N 202 
LEU N   H    sing N N 203 
LEU N   H2   sing N N 204 
LEU CA  C    sing N N 205 
LEU CA  CB   sing N N 206 
LEU CA  HA   sing N N 207 
LEU C   O    doub N N 208 
LEU C   OXT  sing N N 209 
LEU CB  CG   sing N N 210 
LEU CB  HB2  sing N N 211 
LEU CB  HB3  sing N N 212 
LEU CG  CD1  sing N N 213 
LEU CG  CD2  sing N N 214 
LEU CG  HG   sing N N 215 
LEU CD1 HD11 sing N N 216 
LEU CD1 HD12 sing N N 217 
LEU CD1 HD13 sing N N 218 
LEU CD2 HD21 sing N N 219 
LEU CD2 HD22 sing N N 220 
LEU CD2 HD23 sing N N 221 
LEU OXT HXT  sing N N 222 
LYS N   CA   sing N N 223 
LYS N   H    sing N N 224 
LYS N   H2   sing N N 225 
LYS CA  C    sing N N 226 
LYS CA  CB   sing N N 227 
LYS CA  HA   sing N N 228 
LYS C   O    doub N N 229 
LYS C   OXT  sing N N 230 
LYS CB  CG   sing N N 231 
LYS CB  HB2  sing N N 232 
LYS CB  HB3  sing N N 233 
LYS CG  CD   sing N N 234 
LYS CG  HG2  sing N N 235 
LYS CG  HG3  sing N N 236 
LYS CD  CE   sing N N 237 
LYS CD  HD2  sing N N 238 
LYS CD  HD3  sing N N 239 
LYS CE  NZ   sing N N 240 
LYS CE  HE2  sing N N 241 
LYS CE  HE3  sing N N 242 
LYS NZ  HZ1  sing N N 243 
LYS NZ  HZ2  sing N N 244 
LYS NZ  HZ3  sing N N 245 
LYS OXT HXT  sing N N 246 
MSE N   CA   sing N N 247 
MSE N   H    sing N N 248 
MSE N   H2   sing N N 249 
MSE CA  C    sing N N 250 
MSE CA  CB   sing N N 251 
MSE CA  HA   sing N N 252 
MSE C   O    doub N N 253 
MSE C   OXT  sing N N 254 
MSE OXT HXT  sing N N 255 
MSE CB  CG   sing N N 256 
MSE CB  HB2  sing N N 257 
MSE CB  HB3  sing N N 258 
MSE CG  SE   sing N N 259 
MSE CG  HG2  sing N N 260 
MSE CG  HG3  sing N N 261 
MSE SE  CE   sing N N 262 
MSE CE  HE1  sing N N 263 
MSE CE  HE2  sing N N 264 
MSE CE  HE3  sing N N 265 
PHE N   CA   sing N N 266 
PHE N   H    sing N N 267 
PHE N   H2   sing N N 268 
PHE CA  C    sing N N 269 
PHE CA  CB   sing N N 270 
PHE CA  HA   sing N N 271 
PHE C   O    doub N N 272 
PHE C   OXT  sing N N 273 
PHE CB  CG   sing N N 274 
PHE CB  HB2  sing N N 275 
PHE CB  HB3  sing N N 276 
PHE CG  CD1  doub Y N 277 
PHE CG  CD2  sing Y N 278 
PHE CD1 CE1  sing Y N 279 
PHE CD1 HD1  sing N N 280 
PHE CD2 CE2  doub Y N 281 
PHE CD2 HD2  sing N N 282 
PHE CE1 CZ   doub Y N 283 
PHE CE1 HE1  sing N N 284 
PHE CE2 CZ   sing Y N 285 
PHE CE2 HE2  sing N N 286 
PHE CZ  HZ   sing N N 287 
PHE OXT HXT  sing N N 288 
PRO N   CA   sing N N 289 
PRO N   CD   sing N N 290 
PRO N   H    sing N N 291 
PRO CA  C    sing N N 292 
PRO CA  CB   sing N N 293 
PRO CA  HA   sing N N 294 
PRO C   O    doub N N 295 
PRO C   OXT  sing N N 296 
PRO CB  CG   sing N N 297 
PRO CB  HB2  sing N N 298 
PRO CB  HB3  sing N N 299 
PRO CG  CD   sing N N 300 
PRO CG  HG2  sing N N 301 
PRO CG  HG3  sing N N 302 
PRO CD  HD2  sing N N 303 
PRO CD  HD3  sing N N 304 
PRO OXT HXT  sing N N 305 
SER N   CA   sing N N 306 
SER N   H    sing N N 307 
SER N   H2   sing N N 308 
SER CA  C    sing N N 309 
SER CA  CB   sing N N 310 
SER CA  HA   sing N N 311 
SER C   O    doub N N 312 
SER C   OXT  sing N N 313 
SER CB  OG   sing N N 314 
SER CB  HB2  sing N N 315 
SER CB  HB3  sing N N 316 
SER OG  HG   sing N N 317 
SER OXT HXT  sing N N 318 
THR N   CA   sing N N 319 
THR N   H    sing N N 320 
THR N   H2   sing N N 321 
THR CA  C    sing N N 322 
THR CA  CB   sing N N 323 
THR CA  HA   sing N N 324 
THR C   O    doub N N 325 
THR C   OXT  sing N N 326 
THR CB  OG1  sing N N 327 
THR CB  CG2  sing N N 328 
THR CB  HB   sing N N 329 
THR OG1 HG1  sing N N 330 
THR CG2 HG21 sing N N 331 
THR CG2 HG22 sing N N 332 
THR CG2 HG23 sing N N 333 
THR OXT HXT  sing N N 334 
TRP N   CA   sing N N 335 
TRP N   H    sing N N 336 
TRP N   H2   sing N N 337 
TRP CA  C    sing N N 338 
TRP CA  CB   sing N N 339 
TRP CA  HA   sing N N 340 
TRP C   O    doub N N 341 
TRP C   OXT  sing N N 342 
TRP CB  CG   sing N N 343 
TRP CB  HB2  sing N N 344 
TRP CB  HB3  sing N N 345 
TRP CG  CD1  doub Y N 346 
TRP CG  CD2  sing Y N 347 
TRP CD1 NE1  sing Y N 348 
TRP CD1 HD1  sing N N 349 
TRP CD2 CE2  doub Y N 350 
TRP CD2 CE3  sing Y N 351 
TRP NE1 CE2  sing Y N 352 
TRP NE1 HE1  sing N N 353 
TRP CE2 CZ2  sing Y N 354 
TRP CE3 CZ3  doub Y N 355 
TRP CE3 HE3  sing N N 356 
TRP CZ2 CH2  doub Y N 357 
TRP CZ2 HZ2  sing N N 358 
TRP CZ3 CH2  sing Y N 359 
TRP CZ3 HZ3  sing N N 360 
TRP CH2 HH2  sing N N 361 
TRP OXT HXT  sing N N 362 
TYR N   CA   sing N N 363 
TYR N   H    sing N N 364 
TYR N   H2   sing N N 365 
TYR CA  C    sing N N 366 
TYR CA  CB   sing N N 367 
TYR CA  HA   sing N N 368 
TYR C   O    doub N N 369 
TYR C   OXT  sing N N 370 
TYR CB  CG   sing N N 371 
TYR CB  HB2  sing N N 372 
TYR CB  HB3  sing N N 373 
TYR CG  CD1  doub Y N 374 
TYR CG  CD2  sing Y N 375 
TYR CD1 CE1  sing Y N 376 
TYR CD1 HD1  sing N N 377 
TYR CD2 CE2  doub Y N 378 
TYR CD2 HD2  sing N N 379 
TYR CE1 CZ   doub Y N 380 
TYR CE1 HE1  sing N N 381 
TYR CE2 CZ   sing Y N 382 
TYR CE2 HE2  sing N N 383 
TYR CZ  OH   sing N N 384 
TYR OH  HH   sing N N 385 
TYR OXT HXT  sing N N 386 
VAL N   CA   sing N N 387 
VAL N   H    sing N N 388 
VAL N   H2   sing N N 389 
VAL CA  C    sing N N 390 
VAL CA  CB   sing N N 391 
VAL CA  HA   sing N N 392 
VAL C   O    doub N N 393 
VAL C   OXT  sing N N 394 
VAL CB  CG1  sing N N 395 
VAL CB  CG2  sing N N 396 
VAL CB  HB   sing N N 397 
VAL CG1 HG11 sing N N 398 
VAL CG1 HG12 sing N N 399 
VAL CG1 HG13 sing N N 400 
VAL CG2 HG21 sing N N 401 
VAL CG2 HG22 sing N N 402 
VAL CG2 HG23 sing N N 403 
VAL OXT HXT  sing N N 404 
# 
_atom_sites.entry_id                    3ONP 
_atom_sites.fract_transf_matrix[1][1]   0.00643752 
_atom_sites.fract_transf_matrix[1][2]   0.01037760 
_atom_sites.fract_transf_matrix[1][3]   0.00944842 
_atom_sites.fract_transf_matrix[2][1]   0.00978195 
_atom_sites.fract_transf_matrix[2][2]   0.01054019 
_atom_sites.fract_transf_matrix[2][3]   -0.00562515 
_atom_sites.fract_transf_matrix[3][1]   -0.00549989 
_atom_sites.fract_transf_matrix[3][2]   0.00447877 
_atom_sites.fract_transf_matrix[3][3]   -0.00117197 
_atom_sites.fract_transf_vector[1]      0.260370 
_atom_sites.fract_transf_vector[2]      0.384822 
_atom_sites.fract_transf_vector[3]      0.087241 
# 
loop_
_atom_type.symbol 
C  
CL 
N  
O  
S  
SE 
# 
loop_
_atom_site.group_PDB 
_atom_site.id 
_atom_site.type_symbol 
_atom_site.label_atom_id 
_atom_site.label_alt_id 
_atom_site.label_comp_id 
_atom_site.label_asym_id 
_atom_site.label_entity_id 
_atom_site.label_seq_id 
_atom_site.pdbx_PDB_ins_code 
_atom_site.Cartn_x 
_atom_site.Cartn_y 
_atom_site.Cartn_z 
_atom_site.occupancy 
_atom_site.B_iso_or_equiv 
_atom_site.pdbx_formal_charge 
_atom_site.auth_seq_id 
_atom_site.auth_comp_id 
_atom_site.auth_asym_id 
_atom_site.auth_atom_id 
_atom_site.pdbx_PDB_model_num 
ATOM   1    N  N   . ILE A 1 3   ? 3.616   -11.163 10.870  1.00 60.50 ? 3   ILE A N   1 
ATOM   2    C  CA  . ILE A 1 3   ? 4.669   -10.287 11.461  1.00 59.89 ? 3   ILE A CA  1 
ATOM   3    C  C   . ILE A 1 3   ? 4.838   -8.942  10.720  1.00 58.02 ? 3   ILE A C   1 
ATOM   4    O  O   . ILE A 1 3   ? 4.799   -7.873  11.368  1.00 59.32 ? 3   ILE A O   1 
ATOM   5    C  CB  . ILE A 1 3   ? 6.045   -11.026 11.634  1.00 60.66 ? 3   ILE A CB  1 
ATOM   6    C  CG1 . ILE A 1 3   ? 6.823   -10.482 12.844  1.00 62.46 ? 3   ILE A CG1 1 
ATOM   7    C  CG2 . ILE A 1 3   ? 6.912   -10.947 10.345  1.00 62.21 ? 3   ILE A CG2 1 
ATOM   8    C  CD1 . ILE A 1 3   ? 6.248   -10.902 14.212  1.00 64.92 ? 3   ILE A CD1 1 
ATOM   9    N  N   . GLU A 1 4   ? 5.077   -8.983  9.402   1.00 54.12 ? 4   GLU A N   1 
ATOM   10   C  CA  . GLU A 1 4   ? 5.167   -7.755  8.587   1.00 49.83 ? 4   GLU A CA  1 
ATOM   11   C  C   . GLU A 1 4   ? 3.822   -7.486  7.910   1.00 45.48 ? 4   GLU A C   1 
ATOM   12   O  O   . GLU A 1 4   ? 3.173   -8.419  7.450   1.00 45.58 ? 4   GLU A O   1 
ATOM   13   C  CB  . GLU A 1 4   ? 6.217   -7.919  7.486   1.00 49.92 ? 4   GLU A CB  1 
ATOM   14   C  CG  . GLU A 1 4   ? 7.634   -7.614  7.927   1.00 50.93 ? 4   GLU A CG  1 
ATOM   15   C  CD  . GLU A 1 4   ? 8.610   -7.594  6.771   1.00 51.58 ? 4   GLU A CD  1 
ATOM   16   O  OE1 . GLU A 1 4   ? 9.797   -7.899  7.019   1.00 56.83 ? 4   GLU A OE1 1 
ATOM   17   O  OE2 . GLU A 1 4   ? 8.221   -7.251  5.634   1.00 46.14 ? 4   GLU A OE2 1 
ATOM   18   N  N   . PRO A 1 5   ? 3.441   -6.220  7.776   1.00 41.20 ? 5   PRO A N   1 
ATOM   19   C  CA  . PRO A 1 5   ? 2.256   -5.933  6.975   1.00 38.36 ? 5   PRO A CA  1 
ATOM   20   C  C   . PRO A 1 5   ? 2.560   -6.210  5.508   1.00 34.93 ? 5   PRO A C   1 
ATOM   21   O  O   . PRO A 1 5   ? 3.715   -6.160  5.105   1.00 33.87 ? 5   PRO A O   1 
ATOM   22   C  CB  . PRO A 1 5   ? 2.042   -4.444  7.175   1.00 38.38 ? 5   PRO A CB  1 
ATOM   23   C  CG  . PRO A 1 5   ? 3.380   -3.917  7.685   1.00 41.40 ? 5   PRO A CG  1 
ATOM   24   C  CD  . PRO A 1 5   ? 4.248   -5.021  8.061   1.00 42.29 ? 5   PRO A CD  1 
ATOM   25   N  N   . VAL A 1 6   ? 1.535   -6.512  4.724   1.00 32.92 ? 6   VAL A N   1 
ATOM   26   C  CA  . VAL A 1 6   ? 1.742   -6.708  3.298   1.00 31.28 ? 6   VAL A CA  1 
ATOM   27   C  C   . VAL A 1 6   ? 1.331   -5.468  2.549   1.00 29.29 ? 6   VAL A C   1 
ATOM   28   O  O   . VAL A 1 6   ? 0.204   -5.012  2.709   1.00 27.64 ? 6   VAL A O   1 
ATOM   29   C  CB  . VAL A 1 6   ? 0.836   -7.861  2.737   1.00 31.77 ? 6   VAL A CB  1 
ATOM   30   C  CG1 . VAL A 1 6   ? 1.198   -8.118  1.275   1.00 32.28 ? 6   VAL A CG1 1 
ATOM   31   C  CG2 . VAL A 1 6   ? 1.043   -9.110  3.564   1.00 36.94 ? 6   VAL A CG2 1 
ATOM   32   N  N   . PHE A 1 7   ? 2.205   -4.976  1.667   1.00 27.85 ? 7   PHE A N   1 
ATOM   33   C  CA  . PHE A 1 7   ? 1.925   -3.793  0.846   1.00 27.77 ? 7   PHE A CA  1 
ATOM   34   C  C   . PHE A 1 7   ? 1.349   -4.274  -0.461  1.00 26.95 ? 7   PHE A C   1 
ATOM   35   O  O   . PHE A 1 7   ? 1.984   -5.094  -1.141  1.00 27.80 ? 7   PHE A O   1 
ATOM   36   C  CB  . PHE A 1 7   ? 3.248   -3.012  0.579   1.00 26.49 ? 7   PHE A CB  1 
ATOM   37   C  CG  . PHE A 1 7   ? 3.729   -2.221  1.799   1.00 29.83 ? 7   PHE A CG  1 
ATOM   38   C  CD1 . PHE A 1 7   ? 3.855   -0.837  1.738   1.00 29.41 ? 7   PHE A CD1 1 
ATOM   39   C  CD2 . PHE A 1 7   ? 4.041   -2.871  3.001   1.00 33.82 ? 7   PHE A CD2 1 
ATOM   40   C  CE1 . PHE A 1 7   ? 4.266   -0.085  2.883   1.00 30.67 ? 7   PHE A CE1 1 
ATOM   41   C  CE2 . PHE A 1 7   ? 4.468   -2.122  4.160   1.00 37.43 ? 7   PHE A CE2 1 
ATOM   42   C  CZ  . PHE A 1 7   ? 4.556   -0.705  4.060   1.00 33.12 ? 7   PHE A CZ  1 
ATOM   43   N  N   . ILE A 1 8   ? 0.177   -3.787  -0.809  1.00 26.45 ? 8   ILE A N   1 
ATOM   44   C  CA  . ILE A 1 8   ? -0.567  -4.338  -1.929  1.00 26.42 ? 8   ILE A CA  1 
ATOM   45   C  C   . ILE A 1 8   ? -0.772  -3.248  -2.951  1.00 26.45 ? 8   ILE A C   1 
ATOM   46   O  O   . ILE A 1 8   ? -1.485  -2.253  -2.712  1.00 26.18 ? 8   ILE A O   1 
ATOM   47   C  CB  . ILE A 1 8   ? -1.939  -4.963  -1.482  1.00 25.91 ? 8   ILE A CB  1 
ATOM   48   C  CG1 . ILE A 1 8   ? -1.717  -6.047  -0.436  1.00 25.92 ? 8   ILE A CG1 1 
ATOM   49   C  CG2 . ILE A 1 8   ? -2.697  -5.551  -2.686  1.00 25.26 ? 8   ILE A CG2 1 
ATOM   50   C  CD1 . ILE A 1 8   ? -3.081  -6.547  0.202   1.00 27.42 ? 8   ILE A CD1 1 
ATOM   51   N  N   . LEU A 1 9   ? -0.146  -3.399  -4.124  1.00 24.64 ? 9   LEU A N   1 
ATOM   52   C  CA  . LEU A 1 9   ? -0.322  -2.388  -5.180  1.00 24.95 ? 9   LEU A CA  1 
ATOM   53   C  C   . LEU A 1 9   ? -1.458  -2.764  -6.093  1.00 27.32 ? 9   LEU A C   1 
ATOM   54   O  O   . LEU A 1 9   ? -1.413  -3.858  -6.706  1.00 28.21 ? 9   LEU A O   1 
ATOM   55   C  CB  . LEU A 1 9   ? 0.975   -2.279  -6.021  1.00 26.81 ? 9   LEU A CB  1 
ATOM   56   C  CG  . LEU A 1 9   ? 2.234   -2.103  -5.181  1.00 27.46 ? 9   LEU A CG  1 
ATOM   57   C  CD1 . LEU A 1 9   ? 3.434   -1.915  -6.163  1.00 30.48 ? 9   LEU A CD1 1 
ATOM   58   C  CD2 . LEU A 1 9   ? 2.148   -0.821  -4.254  1.00 26.63 ? 9   LEU A CD2 1 
ATOM   59   N  N   . VAL A 1 10  ? -2.443  -1.876  -6.220  1.00 25.81 ? 10  VAL A N   1 
ATOM   60   C  CA  . VAL A 1 10  ? -3.660  -2.174  -6.927  1.00 27.35 ? 10  VAL A CA  1 
ATOM   61   C  C   . VAL A 1 10  ? -3.573  -1.524  -8.310  1.00 28.40 ? 10  VAL A C   1 
ATOM   62   O  O   . VAL A 1 10  ? -3.441  -0.299  -8.421  1.00 28.24 ? 10  VAL A O   1 
ATOM   63   C  CB  . VAL A 1 10  ? -4.903  -1.690  -6.129  1.00 28.42 ? 10  VAL A CB  1 
ATOM   64   C  CG1 . VAL A 1 10  ? -6.197  -1.883  -6.986  1.00 28.73 ? 10  VAL A CG1 1 
ATOM   65   C  CG2 . VAL A 1 10  ? -4.968  -2.418  -4.755  1.00 27.46 ? 10  VAL A CG2 1 
ATOM   66   N  N   . ARG A 1 11  ? -3.611  -2.368  -9.357  1.00 29.22 ? 11  ARG A N   1 
ATOM   67   C  CA  . ARG A 1 11  ? -3.543  -1.895  -10.769 1.00 29.45 ? 11  ARG A CA  1 
ATOM   68   C  C   . ARG A 1 11  ? -2.401  -0.876  -11.019 1.00 29.00 ? 11  ARG A C   1 
ATOM   69   O  O   . ARG A 1 11  ? -2.632  0.158   -11.637 1.00 30.36 ? 11  ARG A O   1 
ATOM   70   C  CB  . ARG A 1 11  ? -4.899  -1.322  -11.229 1.00 29.91 ? 11  ARG A CB  1 
ATOM   71   C  CG  . ARG A 1 11  ? -6.054  -2.360  -11.215 1.00 30.36 ? 11  ARG A CG  1 
ATOM   72   C  CD  . ARG A 1 11  ? -7.413  -1.795  -11.732 1.00 35.12 ? 11  ARG A CD  1 
ATOM   73   N  NE  . ARG A 1 11  ? -7.804  -0.598  -10.969 1.00 37.52 ? 11  ARG A NE  1 
ATOM   74   C  CZ  . ARG A 1 11  ? -8.436  -0.629  -9.787  1.00 39.16 ? 11  ARG A CZ  1 
ATOM   75   N  NH1 . ARG A 1 11  ? -8.768  -1.785  -9.212  1.00 36.44 ? 11  ARG A NH1 1 
ATOM   76   N  NH2 . ARG A 1 11  ? -8.698  0.512   -9.161  1.00 36.33 ? 11  ARG A NH2 1 
ATOM   77   N  N   . PRO A 1 12  ? -1.190  -1.148  -10.542 1.00 29.45 ? 12  PRO A N   1 
ATOM   78   C  CA  . PRO A 1 12  ? -0.146  -0.188  -10.858 1.00 31.41 ? 12  PRO A CA  1 
ATOM   79   C  C   . PRO A 1 12  ? 0.093   -0.097  -12.382 1.00 34.73 ? 12  PRO A C   1 
ATOM   80   O  O   . PRO A 1 12  ? -0.055  -1.104  -13.133 1.00 33.01 ? 12  PRO A O   1 
ATOM   81   C  CB  . PRO A 1 12  ? 1.086   -0.768  -10.188 1.00 31.11 ? 12  PRO A CB  1 
ATOM   82   C  CG  . PRO A 1 12  ? 0.798   -2.299  -10.173 1.00 30.85 ? 12  PRO A CG  1 
ATOM   83   C  CD  . PRO A 1 12  ? -0.655  -2.315  -9.819  1.00 29.06 ? 12  PRO A CD  1 
ATOM   84   N  N   . GLN A 1 13  ? 0.429   1.115   -12.811 1.00 37.72 ? 13  GLN A N   1 
ATOM   85   C  CA  . GLN A 1 13  ? 0.409   1.444   -14.237 1.00 41.32 ? 13  GLN A CA  1 
ATOM   86   C  C   . GLN A 1 13  ? 1.790   1.347   -14.877 1.00 42.91 ? 13  GLN A C   1 
ATOM   87   O  O   . GLN A 1 13  ? 1.911   0.902   -16.005 1.00 46.10 ? 13  GLN A O   1 
ATOM   88   C  CB  . GLN A 1 13  ? -0.192  2.838   -14.465 1.00 42.05 ? 13  GLN A CB  1 
ATOM   89   C  CG  . GLN A 1 13  ? -1.668  2.972   -14.042 1.00 45.06 ? 13  GLN A CG  1 
ATOM   90   C  CD  . GLN A 1 13  ? -2.579  2.045   -14.818 1.00 50.09 ? 13  GLN A CD  1 
ATOM   91   O  OE1 . GLN A 1 13  ? -2.777  2.226   -16.028 1.00 53.14 ? 13  GLN A OE1 1 
ATOM   92   N  NE2 . GLN A 1 13  ? -3.142  1.042   -14.140 1.00 49.04 ? 13  GLN A NE2 1 
HETATM 93   N  N   . MSE A 1 14  ? 2.824   1.742   -14.166 1.00 43.46 ? 14  MSE A N   1 
HETATM 94   C  CA  . MSE A 1 14  ? 4.150   1.805   -14.751 1.00 44.38 ? 14  MSE A CA  1 
HETATM 95   C  C   . MSE A 1 14  ? 5.094   0.992   -13.889 1.00 43.51 ? 14  MSE A C   1 
HETATM 96   O  O   . MSE A 1 14  ? 5.138   1.195   -12.673 1.00 42.87 ? 14  MSE A O   1 
HETATM 97   C  CB  . MSE A 1 14  ? 4.634   3.268   -14.822 1.00 45.37 ? 14  MSE A CB  1 
HETATM 98   C  CG  . MSE A 1 14  ? 3.715   4.180   -15.640 1.00 49.85 ? 14  MSE A CG  1 
HETATM 99   SE SE  . MSE A 1 14  ? 4.454   5.975   -15.975 0.55 61.32 ? 14  MSE A SE  1 
HETATM 100  C  CE  . MSE A 1 14  ? 5.808   5.519   -17.328 1.00 59.51 ? 14  MSE A CE  1 
ATOM   101  N  N   . GLY A 1 15  ? 5.859   0.104   -14.530 1.00 42.09 ? 15  GLY A N   1 
ATOM   102  C  CA  . GLY A 1 15  ? 6.866   -0.697  -13.861 1.00 40.71 ? 15  GLY A CA  1 
ATOM   103  C  C   . GLY A 1 15  ? 7.835   0.120   -13.034 1.00 40.93 ? 15  GLY A C   1 
ATOM   104  O  O   . GLY A 1 15  ? 8.239   -0.316  -11.954 1.00 39.78 ? 15  GLY A O   1 
ATOM   105  N  N   . GLU A 1 16  ? 8.226   1.302   -13.517 1.00 39.77 ? 16  GLU A N   1 
ATOM   106  C  CA  . GLU A 1 16  ? 9.160   2.126   -12.733 1.00 41.67 ? 16  GLU A CA  1 
ATOM   107  C  C   . GLU A 1 16  ? 8.589   2.508   -11.348 1.00 40.07 ? 16  GLU A C   1 
ATOM   108  O  O   . GLU A 1 16  ? 9.336   2.555   -10.375 1.00 39.92 ? 16  GLU A O   1 
ATOM   109  C  CB  . GLU A 1 16  ? 9.626   3.401   -13.466 1.00 42.46 ? 16  GLU A CB  1 
ATOM   110  C  CG  . GLU A 1 16  ? 8.671   3.929   -14.552 1.00 50.58 ? 16  GLU A CG  1 
ATOM   111  C  CD  . GLU A 1 16  ? 8.813   3.181   -15.884 1.00 55.62 ? 16  GLU A CD  1 
ATOM   112  O  OE1 . GLU A 1 16  ? 8.006   2.259   -16.148 1.00 54.37 ? 16  GLU A OE1 1 
ATOM   113  O  OE2 . GLU A 1 16  ? 9.736   3.518   -16.674 1.00 60.14 ? 16  GLU A OE2 1 
ATOM   114  N  N   . ASN A 1 17  ? 7.284   2.773   -11.290 1.00 38.04 ? 17  ASN A N   1 
ATOM   115  C  CA  . ASN A 1 17  ? 6.614   3.071   -10.008 1.00 37.25 ? 17  ASN A CA  1 
ATOM   116  C  C   . ASN A 1 17  ? 6.640   1.861   -9.069  1.00 35.21 ? 17  ASN A C   1 
ATOM   117  O  O   . ASN A 1 17  ? 6.852   1.996   -7.835  1.00 35.20 ? 17  ASN A O   1 
ATOM   118  C  CB  . ASN A 1 17  ? 5.188   3.550   -10.262 1.00 36.48 ? 17  ASN A CB  1 
ATOM   119  C  CG  . ASN A 1 17  ? 5.154   4.890   -11.035 1.00 42.06 ? 17  ASN A CG  1 
ATOM   120  O  OD1 . ASN A 1 17  ? 6.169   5.570   -11.149 1.00 44.14 ? 17  ASN A OD1 1 
ATOM   121  N  ND2 . ASN A 1 17  ? 3.995   5.245   -11.577 1.00 41.90 ? 17  ASN A ND2 1 
ATOM   122  N  N   . ILE A 1 18  ? 6.469   0.670   -9.652  1.00 33.79 ? 18  ILE A N   1 
ATOM   123  C  CA  . ILE A 1 18  ? 6.526   -0.567  -8.865  1.00 32.75 ? 18  ILE A CA  1 
ATOM   124  C  C   . ILE A 1 18  ? 7.902   -0.728  -8.276  1.00 33.19 ? 18  ILE A C   1 
ATOM   125  O  O   . ILE A 1 18  ? 8.048   -1.014  -7.093  1.00 31.79 ? 18  ILE A O   1 
ATOM   126  C  CB  . ILE A 1 18  ? 6.139   -1.838  -9.706  1.00 32.51 ? 18  ILE A CB  1 
ATOM   127  C  CG1 . ILE A 1 18  ? 4.679   -1.743  -10.173 1.00 33.29 ? 18  ILE A CG1 1 
ATOM   128  C  CG2 . ILE A 1 18  ? 6.305   -3.106  -8.864  1.00 30.02 ? 18  ILE A CG2 1 
ATOM   129  C  CD1 . ILE A 1 18  ? 4.246   -2.828  -11.210 1.00 33.43 ? 18  ILE A CD1 1 
ATOM   130  N  N   . GLY A 1 19  ? 8.943   -0.566  -9.114  1.00 33.50 ? 19  GLY A N   1 
ATOM   131  C  CA  . GLY A 1 19  ? 10.312  -0.671  -8.603  1.00 32.66 ? 19  GLY A CA  1 
ATOM   132  C  C   . GLY A 1 19  ? 10.624  0.382   -7.553  1.00 32.14 ? 19  GLY A C   1 
ATOM   133  O  O   . GLY A 1 19  ? 11.305  0.091   -6.577  1.00 32.83 ? 19  GLY A O   1 
ATOM   134  N  N   . ALA A 1 20  ? 10.147  1.617   -7.753  1.00 32.77 ? 20  ALA A N   1 
ATOM   135  C  CA  . ALA A 1 20  ? 10.400  2.671   -6.765  1.00 33.32 ? 20  ALA A CA  1 
ATOM   136  C  C   . ALA A 1 20  ? 9.701   2.376   -5.419  1.00 32.83 ? 20  ALA A C   1 
ATOM   137  O  O   . ALA A 1 20  ? 10.276  2.620   -4.358  1.00 34.06 ? 20  ALA A O   1 
ATOM   138  C  CB  . ALA A 1 20  ? 9.944   4.022   -7.307  1.00 33.33 ? 20  ALA A CB  1 
ATOM   139  N  N   . ALA A 1 21  ? 8.474   1.845   -5.479  1.00 32.76 ? 21  ALA A N   1 
ATOM   140  C  CA  . ALA A 1 21  ? 7.740   1.411   -4.268  1.00 31.32 ? 21  ALA A CA  1 
ATOM   141  C  C   . ALA A 1 21  ? 8.550   0.355   -3.512  1.00 31.84 ? 21  ALA A C   1 
ATOM   142  O  O   . ALA A 1 21  ? 8.691   0.408   -2.284  1.00 30.58 ? 21  ALA A O   1 
ATOM   143  C  CB  . ALA A 1 21  ? 6.344   0.826   -4.652  1.00 31.83 ? 21  ALA A CB  1 
ATOM   144  N  N   . ALA A 1 22  ? 9.079   -0.630  -4.248  1.00 31.43 ? 22  ALA A N   1 
ATOM   145  C  CA  . ALA A 1 22  ? 9.870   -1.660  -3.623  1.00 30.73 ? 22  ALA A CA  1 
ATOM   146  C  C   . ALA A 1 22  ? 11.118  -1.093  -2.916  1.00 31.10 ? 22  ALA A C   1 
ATOM   147  O  O   . ALA A 1 22  ? 11.450  -1.496  -1.797  1.00 31.02 ? 22  ALA A O   1 
ATOM   148  C  CB  . ALA A 1 22  ? 10.261  -2.735  -4.696  1.00 30.36 ? 22  ALA A CB  1 
ATOM   149  N  N   A ARG A 1 23  ? 11.835  -0.187  -3.561  0.59 32.85 ? 23  ARG A N   1 
ATOM   150  N  N   B ARG A 1 23  ? 11.804  -0.183  -3.609  0.41 32.64 ? 23  ARG A N   1 
ATOM   151  C  CA  A ARG A 1 23  ? 12.996  0.464   -2.890  0.59 33.35 ? 23  ARG A CA  1 
ATOM   152  C  CA  B ARG A 1 23  ? 12.963  0.565   -3.061  0.41 33.54 ? 23  ARG A CA  1 
ATOM   153  C  C   A ARG A 1 23  ? 12.586  1.187   -1.618  0.59 33.77 ? 23  ARG A C   1 
ATOM   154  C  C   B ARG A 1 23  ? 12.640  1.262   -1.735  0.41 33.74 ? 23  ARG A C   1 
ATOM   155  O  O   A ARG A 1 23  ? 13.256  1.084   -0.587  0.59 34.42 ? 23  ARG A O   1 
ATOM   156  O  O   B ARG A 1 23  ? 13.428  1.198   -0.789  0.41 34.30 ? 23  ARG A O   1 
ATOM   157  C  CB  A ARG A 1 23  ? 13.665  1.454   -3.839  0.59 34.53 ? 23  ARG A CB  1 
ATOM   158  C  CB  B ARG A 1 23  ? 13.467  1.599   -4.097  0.41 34.06 ? 23  ARG A CB  1 
ATOM   159  C  CG  A ARG A 1 23  ? 14.240  0.777   -5.059  0.59 35.07 ? 23  ARG A CG  1 
ATOM   160  C  CG  B ARG A 1 23  ? 14.536  1.071   -5.070  0.41 35.43 ? 23  ARG A CG  1 
ATOM   161  C  CD  A ARG A 1 23  ? 14.935  1.745   -6.000  0.59 39.15 ? 23  ARG A CD  1 
ATOM   162  C  CD  B ARG A 1 23  ? 15.061  2.146   -6.063  0.41 38.39 ? 23  ARG A CD  1 
ATOM   163  N  NE  A ARG A 1 23  ? 16.056  2.458   -5.382  0.59 39.95 ? 23  ARG A NE  1 
ATOM   164  N  NE  B ARG A 1 23  ? 14.599  3.495   -5.753  0.41 38.88 ? 23  ARG A NE  1 
ATOM   165  C  CZ  A ARG A 1 23  ? 17.291  1.973   -5.268  0.59 40.79 ? 23  ARG A CZ  1 
ATOM   166  C  CZ  B ARG A 1 23  ? 13.950  4.290   -6.610  0.41 40.62 ? 23  ARG A CZ  1 
ATOM   167  N  NH1 A ARG A 1 23  ? 18.250  2.705   -4.713  0.59 42.51 ? 23  ARG A NH1 1 
ATOM   168  N  NH1 B ARG A 1 23  ? 13.539  5.495   -6.211  0.41 38.86 ? 23  ARG A NH1 1 
ATOM   169  N  NH2 A ARG A 1 23  ? 17.580  0.765   -5.712  0.59 44.24 ? 23  ARG A NH2 1 
ATOM   170  N  NH2 B ARG A 1 23  ? 13.710  3.887   -7.860  0.41 38.90 ? 23  ARG A NH2 1 
ATOM   171  N  N   . ALA A 1 24  ? 11.481  1.918   -1.687  1.00 34.02 ? 24  ALA A N   1 
ATOM   172  C  CA  . ALA A 1 24  ? 10.971  2.654   -0.489  1.00 33.78 ? 24  ALA A CA  1 
ATOM   173  C  C   . ALA A 1 24  ? 10.721  1.719   0.693   1.00 33.80 ? 24  ALA A C   1 
ATOM   174  O  O   . ALA A 1 24  ? 11.159  1.968   1.837   1.00 34.21 ? 24  ALA A O   1 
ATOM   175  C  CB  . ALA A 1 24  ? 9.701   3.400   -0.853  1.00 32.72 ? 24  ALA A CB  1 
HETATM 176  N  N   . MSE A 1 25  ? 10.059  0.589   0.415   1.00 33.39 ? 25  MSE A N   1 
HETATM 177  C  CA  . MSE A 1 25  ? 9.830   -0.435  1.448   1.00 33.38 ? 25  MSE A CA  1 
HETATM 178  C  C   . MSE A 1 25  ? 11.130  -0.930  2.056   1.00 33.59 ? 25  MSE A C   1 
HETATM 179  O  O   . MSE A 1 25  ? 11.272  -1.034  3.295   1.00 33.71 ? 25  MSE A O   1 
HETATM 180  C  CB  . MSE A 1 25  ? 9.115   -1.657  0.826   1.00 33.44 ? 25  MSE A CB  1 
HETATM 181  C  CG  . MSE A 1 25  ? 7.741   -1.307  0.484   1.00 32.86 ? 25  MSE A CG  1 
HETATM 182  SE SE  . MSE A 1 25  ? 6.880   -2.749  -0.554  0.87 30.50 ? 25  MSE A SE  1 
HETATM 183  C  CE  . MSE A 1 25  ? 7.036   -3.994  0.786   1.00 29.81 ? 25  MSE A CE  1 
ATOM   184  N  N   . LEU A 1 26  ? 12.053  -1.291  1.183   1.00 34.26 ? 26  LEU A N   1 
ATOM   185  C  CA  . LEU A 1 26  ? 13.261  -1.973  1.623   1.00 34.28 ? 26  LEU A CA  1 
ATOM   186  C  C   . LEU A 1 26  ? 14.164  -1.047  2.476   1.00 34.69 ? 26  LEU A C   1 
ATOM   187  O  O   . LEU A 1 26  ? 14.887  -1.519  3.374   1.00 34.13 ? 26  LEU A O   1 
ATOM   188  C  CB  . LEU A 1 26  ? 13.993  -2.588  0.422   1.00 34.95 ? 26  LEU A CB  1 
ATOM   189  C  CG  . LEU A 1 26  ? 15.210  -3.454  0.804   1.00 36.61 ? 26  LEU A CG  1 
ATOM   190  C  CD1 . LEU A 1 26  ? 14.893  -4.579  1.782   1.00 36.36 ? 26  LEU A CD1 1 
ATOM   191  C  CD2 . LEU A 1 26  ? 16.014  -3.962  -0.439  1.00 39.02 ? 26  LEU A CD2 1 
ATOM   192  N  N   A ASN A 1 27  ? 14.111  0.260   2.203   0.50 35.44 ? 27  ASN A N   1 
ATOM   193  N  N   B ASN A 1 27  ? 14.096  0.253   2.198   0.50 35.32 ? 27  ASN A N   1 
ATOM   194  C  CA  A ASN A 1 27  ? 14.749  1.279   3.070   0.50 36.18 ? 27  ASN A CA  1 
ATOM   195  C  CA  B ASN A 1 27  ? 14.755  1.266   3.032   0.50 36.00 ? 27  ASN A CA  1 
ATOM   196  C  C   A ASN A 1 27  ? 14.393  1.084   4.527   0.50 36.59 ? 27  ASN A C   1 
ATOM   197  C  C   B ASN A 1 27  ? 14.373  1.143   4.502   0.50 36.44 ? 27  ASN A C   1 
ATOM   198  O  O   A ASN A 1 27  ? 15.232  1.263   5.423   0.50 36.73 ? 27  ASN A O   1 
ATOM   199  O  O   B ASN A 1 27  ? 15.191  1.425   5.385   0.50 36.85 ? 27  ASN A O   1 
ATOM   200  C  CB  A ASN A 1 27  ? 14.351  2.689   2.619   0.50 36.45 ? 27  ASN A CB  1 
ATOM   201  C  CB  B ASN A 1 27  ? 14.454  2.671   2.497   0.50 36.03 ? 27  ASN A CB  1 
ATOM   202  C  CG  A ASN A 1 27  ? 15.283  3.250   1.577   0.50 37.41 ? 27  ASN A CG  1 
ATOM   203  C  CG  B ASN A 1 27  ? 15.174  3.739   3.268   0.50 36.37 ? 27  ASN A CG  1 
ATOM   204  O  OD1 A ASN A 1 27  ? 16.386  3.715   1.903   0.50 39.07 ? 27  ASN A OD1 1 
ATOM   205  O  OD1 B ASN A 1 27  ? 14.606  4.359   4.164   0.50 40.22 ? 27  ASN A OD1 1 
ATOM   206  N  ND2 A ASN A 1 27  ? 14.846  3.245   0.314   0.50 37.08 ? 27  ASN A ND2 1 
ATOM   207  N  ND2 B ASN A 1 27  ? 16.449  3.944   2.951   0.50 33.35 ? 27  ASN A ND2 1 
ATOM   208  N  N   . PHE A 1 28  ? 13.159  0.652   4.772   1.00 35.93 ? 28  PHE A N   1 
ATOM   209  C  CA  . PHE A 1 28  ? 12.723  0.428   6.111   1.00 36.14 ? 28  PHE A CA  1 
ATOM   210  C  C   . PHE A 1 28  ? 12.632  -1.038  6.517   1.00 36.77 ? 28  PHE A C   1 
ATOM   211  O  O   . PHE A 1 28  ? 11.968  -1.379  7.506   1.00 36.42 ? 28  PHE A O   1 
ATOM   212  C  CB  . PHE A 1 28  ? 11.429  1.207   6.360   1.00 37.42 ? 28  PHE A CB  1 
ATOM   213  C  CG  . PHE A 1 28  ? 11.637  2.694   6.263   1.00 37.90 ? 28  PHE A CG  1 
ATOM   214  C  CD1 . PHE A 1 28  ? 12.333  3.380   7.289   1.00 38.44 ? 28  PHE A CD1 1 
ATOM   215  C  CD2 . PHE A 1 28  ? 11.244  3.390   5.130   1.00 37.39 ? 28  PHE A CD2 1 
ATOM   216  C  CE1 . PHE A 1 28  ? 12.575  4.741   7.202   1.00 38.17 ? 28  PHE A CE1 1 
ATOM   217  C  CE2 . PHE A 1 28  ? 11.458  4.760   5.028   1.00 40.24 ? 28  PHE A CE2 1 
ATOM   218  C  CZ  . PHE A 1 28  ? 12.153  5.450   6.081   1.00 38.56 ? 28  PHE A CZ  1 
ATOM   219  N  N   . GLY A 1 29  ? 13.322  -1.887  5.758   1.00 36.15 ? 29  GLY A N   1 
ATOM   220  C  CA  . GLY A 1 29  ? 13.409  -3.304  6.094   1.00 37.01 ? 29  GLY A CA  1 
ATOM   221  C  C   . GLY A 1 29  ? 12.118  -4.078  5.870   1.00 36.53 ? 29  GLY A C   1 
ATOM   222  O  O   . GLY A 1 29  ? 11.943  -5.113  6.475   1.00 38.07 ? 29  GLY A O   1 
ATOM   223  N  N   . LEU A 1 30  ? 11.213  -3.573  5.027   1.00 35.06 ? 30  LEU A N   1 
ATOM   224  C  CA  . LEU A 1 30  ? 9.945   -4.252  4.756   1.00 34.84 ? 30  LEU A CA  1 
ATOM   225  C  C   . LEU A 1 30  ? 10.056  -4.970  3.414   1.00 34.23 ? 30  LEU A C   1 
ATOM   226  O  O   . LEU A 1 30  ? 10.724  -4.493  2.495   1.00 35.02 ? 30  LEU A O   1 
ATOM   227  C  CB  . LEU A 1 30  ? 8.766   -3.268  4.751   1.00 34.47 ? 30  LEU A CB  1 
ATOM   228  C  CG  . LEU A 1 30  ? 8.580   -2.734  6.194   1.00 36.14 ? 30  LEU A CG  1 
ATOM   229  C  CD1 . LEU A 1 30  ? 7.649   -1.592  6.179   1.00 36.02 ? 30  LEU A CD1 1 
ATOM   230  C  CD2 . LEU A 1 30  ? 8.075   -3.856  7.137   1.00 38.06 ? 30  LEU A CD2 1 
ATOM   231  N  N   . GLY A 1 31  ? 9.441   -6.142  3.308   1.00 34.09 ? 31  GLY A N   1 
ATOM   232  C  CA  . GLY A 1 31  ? 9.718   -6.971  2.144   1.00 32.90 ? 31  GLY A CA  1 
ATOM   233  C  C   . GLY A 1 31  ? 8.532   -7.700  1.538   1.00 32.90 ? 31  GLY A C   1 
ATOM   234  O  O   . GLY A 1 31  ? 8.720   -8.427  0.557   1.00 34.64 ? 31  GLY A O   1 
ATOM   235  N  N   . ARG A 1 32  ? 7.324   -7.477  2.055   1.00 32.17 ? 32  ARG A N   1 
ATOM   236  C  CA  . ARG A 1 32  ? 6.128   -8.203  1.563   1.00 32.62 ? 32  ARG A CA  1 
ATOM   237  C  C   . ARG A 1 32  ? 5.257   -7.390  0.670   1.00 31.21 ? 32  ARG A C   1 
ATOM   238  O  O   . ARG A 1 32  ? 4.597   -6.443  1.108   1.00 29.54 ? 32  ARG A O   1 
ATOM   239  C  CB  . ARG A 1 32  ? 5.284   -8.739  2.720   1.00 32.92 ? 32  ARG A CB  1 
ATOM   240  C  CG  . ARG A 1 32  ? 6.108   -9.527  3.711   1.00 38.80 ? 32  ARG A CG  1 
ATOM   241  C  CD  . ARG A 1 32  ? 5.484   -10.873 3.956   1.00 53.08 ? 32  ARG A CD  1 
ATOM   242  N  NE  . ARG A 1 32  ? 4.397   -10.806 4.927   1.00 60.72 ? 32  ARG A NE  1 
ATOM   243  C  CZ  . ARG A 1 32  ? 3.236   -11.471 4.835   1.00 64.78 ? 32  ARG A CZ  1 
ATOM   244  N  NH1 . ARG A 1 32  ? 2.955   -12.274 3.800   1.00 64.68 ? 32  ARG A NH1 1 
ATOM   245  N  NH2 . ARG A 1 32  ? 2.335   -11.318 5.799   1.00 67.29 ? 32  ARG A NH2 1 
ATOM   246  N  N   . LEU A 1 33  ? 5.257   -7.760  -0.603  1.00 29.04 ? 33  LEU A N   1 
ATOM   247  C  CA  . LEU A 1 33  ? 4.626   -6.992  -1.637  1.00 28.64 ? 33  LEU A CA  1 
ATOM   248  C  C   . LEU A 1 33  ? 3.650   -7.907  -2.381  1.00 29.16 ? 33  LEU A C   1 
ATOM   249  O  O   . LEU A 1 33  ? 3.962   -9.114  -2.581  1.00 29.21 ? 33  LEU A O   1 
ATOM   250  C  CB  . LEU A 1 33  ? 5.721   -6.555  -2.627  1.00 28.78 ? 33  LEU A CB  1 
ATOM   251  C  CG  . LEU A 1 33  ? 5.296   -5.697  -3.809  1.00 30.64 ? 33  LEU A CG  1 
ATOM   252  C  CD1 . LEU A 1 33  ? 4.614   -4.362  -3.364  1.00 28.29 ? 33  LEU A CD1 1 
ATOM   253  C  CD2 . LEU A 1 33  ? 6.523   -5.313  -4.665  1.00 31.66 ? 33  LEU A CD2 1 
ATOM   254  N  N   . ARG A 1 34  ? 2.516   -7.354  -2.808  1.00 28.22 ? 34  ARG A N   1 
ATOM   255  C  CA  . ARG A 1 34  ? 1.595   -8.057  -3.708  1.00 28.08 ? 34  ARG A CA  1 
ATOM   256  C  C   . ARG A 1 34  ? 1.239   -7.101  -4.810  1.00 28.81 ? 34  ARG A C   1 
ATOM   257  O  O   . ARG A 1 34  ? 1.185   -5.890  -4.586  1.00 27.24 ? 34  ARG A O   1 
ATOM   258  C  CB  . ARG A 1 34  ? 0.292   -8.502  -2.992  1.00 27.53 ? 34  ARG A CB  1 
ATOM   259  C  CG  . ARG A 1 34  ? 0.577   -9.604  -2.020  1.00 29.32 ? 34  ARG A CG  1 
ATOM   260  C  CD  . ARG A 1 34  ? -0.683  -10.140 -1.347  1.00 27.64 ? 34  ARG A CD  1 
ATOM   261  N  NE  . ARG A 1 34  ? -0.219  -11.200 -0.470  1.00 31.29 ? 34  ARG A NE  1 
ATOM   262  C  CZ  . ARG A 1 34  ? -0.973  -11.821 0.423   1.00 41.18 ? 34  ARG A CZ  1 
ATOM   263  N  NH1 . ARG A 1 34  ? -2.260  -11.497 0.552   1.00 42.51 ? 34  ARG A NH1 1 
ATOM   264  N  NH2 . ARG A 1 34  ? -0.429  -12.781 1.178   1.00 43.58 ? 34  ARG A NH2 1 
ATOM   265  N  N   . ILE A 1 35  ? 0.942   -7.636  -6.000  1.00 27.92 ? 35  ILE A N   1 
ATOM   266  C  CA  . ILE A 1 35  ? 0.669   -6.842  -7.165  1.00 27.85 ? 35  ILE A CA  1 
ATOM   267  C  C   . ILE A 1 35  ? -0.688  -7.312  -7.672  1.00 28.85 ? 35  ILE A C   1 
ATOM   268  O  O   . ILE A 1 35  ? -0.910  -8.542  -7.857  1.00 29.13 ? 35  ILE A O   1 
ATOM   269  C  CB  . ILE A 1 35  ? 1.741   -7.066  -8.310  1.00 28.04 ? 35  ILE A CB  1 
ATOM   270  C  CG1 . ILE A 1 35  ? 3.176   -6.818  -7.836  1.00 30.98 ? 35  ILE A CG1 1 
ATOM   271  C  CG2 . ILE A 1 35  ? 1.342   -6.188  -9.552  1.00 28.78 ? 35  ILE A CG2 1 
ATOM   272  C  CD1 . ILE A 1 35  ? 3.479   -5.382  -7.520  1.00 34.82 ? 35  ILE A CD1 1 
ATOM   273  N  N   . VAL A 1 36  ? -1.607  -6.388  -7.864  1.00 28.55 ? 36  VAL A N   1 
ATOM   274  C  CA  . VAL A 1 36  ? -2.946  -6.750  -8.328  1.00 29.87 ? 36  VAL A CA  1 
ATOM   275  C  C   . VAL A 1 36  ? -3.182  -6.227  -9.720  1.00 31.46 ? 36  VAL A C   1 
ATOM   276  O  O   . VAL A 1 36  ? -3.145  -5.013  -9.973  1.00 30.87 ? 36  VAL A O   1 
ATOM   277  C  CB  . VAL A 1 36  ? -4.086  -6.219  -7.345  1.00 31.23 ? 36  VAL A CB  1 
ATOM   278  C  CG1 . VAL A 1 36  ? -5.473  -6.542  -7.890  1.00 32.79 ? 36  VAL A CG1 1 
ATOM   279  C  CG2 . VAL A 1 36  ? -3.895  -6.775  -5.932  1.00 30.01 ? 36  VAL A CG2 1 
ATOM   280  N  N   . ASP A 1 37  ? -3.472  -7.142  -10.654 1.00 32.69 ? 37  ASP A N   1 
ATOM   281  C  CA  . ASP A 1 37  ? -3.962  -6.738  -11.988 1.00 33.95 ? 37  ASP A CA  1 
ATOM   282  C  C   . ASP A 1 37  ? -3.185  -5.556  -12.606 1.00 33.27 ? 37  ASP A C   1 
ATOM   283  O  O   . ASP A 1 37  ? -3.793  -4.538  -12.982 1.00 32.86 ? 37  ASP A O   1 
ATOM   284  C  CB  . ASP A 1 37  ? -5.463  -6.452  -11.874 1.00 35.97 ? 37  ASP A CB  1 
ATOM   285  C  CG  . ASP A 1 37  ? -6.145  -6.099  -13.220 1.00 40.91 ? 37  ASP A CG  1 
ATOM   286  O  OD1 . ASP A 1 37  ? -5.656  -6.491  -14.302 1.00 44.83 ? 37  ASP A OD1 1 
ATOM   287  O  OD2 . ASP A 1 37  ? -7.189  -5.395  -13.149 1.00 46.62 ? 37  ASP A OD2 1 
ATOM   288  N  N   . PRO A 1 38  ? -1.860  -5.690  -12.740 1.00 32.76 ? 38  PRO A N   1 
ATOM   289  C  CA  . PRO A 1 38  ? -1.019  -4.580  -13.230 1.00 34.47 ? 38  PRO A CA  1 
ATOM   290  C  C   . PRO A 1 38  ? -1.299  -4.265  -14.696 1.00 36.65 ? 38  PRO A C   1 
ATOM   291  O  O   . PRO A 1 38  ? -1.720  -5.150  -15.446 1.00 36.09 ? 38  PRO A O   1 
ATOM   292  C  CB  . PRO A 1 38  ? 0.397   -5.092  -13.065 1.00 33.61 ? 38  PRO A CB  1 
ATOM   293  C  CG  . PRO A 1 38  ? 0.268   -6.630  -13.083 1.00 33.71 ? 38  PRO A CG  1 
ATOM   294  C  CD  . PRO A 1 38  ? -1.079  -6.923  -12.503 1.00 33.00 ? 38  PRO A CD  1 
ATOM   295  N  N   . ARG A 1 39  ? -1.119  -3.019  -15.091 1.00 37.30 ? 39  ARG A N   1 
ATOM   296  C  CA  . ARG A 1 39  ? -1.508  -2.673  -16.441 1.00 42.83 ? 39  ARG A CA  1 
ATOM   297  C  C   . ARG A 1 39  ? -0.602  -3.382  -17.465 1.00 44.29 ? 39  ARG A C   1 
ATOM   298  O  O   . ARG A 1 39  ? -1.097  -3.934  -18.458 1.00 45.42 ? 39  ARG A O   1 
ATOM   299  C  CB  . ARG A 1 39  ? -1.491  -1.162  -16.629 1.00 42.93 ? 39  ARG A CB  1 
ATOM   300  C  CG  . ARG A 1 39  ? -1.987  -0.728  -17.996 1.00 47.57 ? 39  ARG A CG  1 
ATOM   301  C  CD  . ARG A 1 39  ? -0.870  -0.100  -18.743 1.00 54.35 ? 39  ARG A CD  1 
ATOM   302  N  NE  . ARG A 1 39  ? -0.735  1.327   -18.465 1.00 59.35 ? 39  ARG A NE  1 
ATOM   303  C  CZ  . ARG A 1 39  ? 0.425   1.995   -18.508 1.00 63.70 ? 39  ARG A CZ  1 
ATOM   304  N  NH1 . ARG A 1 39  ? 0.457   3.304   -18.254 1.00 63.45 ? 39  ARG A NH1 1 
ATOM   305  N  NH2 . ARG A 1 39  ? 1.564   1.366   -18.786 1.00 63.27 ? 39  ARG A NH2 1 
ATOM   306  N  N   . ASP A 1 40  ? 0.702   -3.384  -17.209 1.00 46.08 ? 40  ASP A N   1 
ATOM   307  C  CA  . ASP A 1 40  ? 1.673   -3.929  -18.180 1.00 48.42 ? 40  ASP A CA  1 
ATOM   308  C  C   . ASP A 1 40  ? 2.099   -5.390  -17.975 1.00 49.28 ? 40  ASP A C   1 
ATOM   309  O  O   . ASP A 1 40  ? 3.112   -5.824  -18.530 1.00 50.32 ? 40  ASP A O   1 
ATOM   310  C  CB  . ASP A 1 40  ? 2.916   -3.037  -18.226 1.00 49.05 ? 40  ASP A CB  1 
ATOM   311  C  CG  . ASP A 1 40  ? 2.603   -1.649  -18.739 1.00 51.35 ? 40  ASP A CG  1 
ATOM   312  O  OD1 . ASP A 1 40  ? 1.605   -1.533  -19.468 1.00 53.02 ? 40  ASP A OD1 1 
ATOM   313  O  OD2 . ASP A 1 40  ? 3.333   -0.675  -18.405 1.00 55.83 ? 40  ASP A OD2 1 
ATOM   314  N  N   . GLY A 1 41  ? 1.360   -6.157  -17.185 1.00 48.69 ? 41  GLY A N   1 
ATOM   315  C  CA  . GLY A 1 41  ? 1.736   -7.567  -17.034 1.00 49.34 ? 41  GLY A CA  1 
ATOM   316  C  C   . GLY A 1 41  ? 3.010   -7.729  -16.207 1.00 48.11 ? 41  GLY A C   1 
ATOM   317  O  O   . GLY A 1 41  ? 3.568   -6.743  -15.678 1.00 49.57 ? 41  GLY A O   1 
ATOM   318  N  N   . TRP A 1 42  ? 3.475   -8.969  -16.084 1.00 44.80 ? 42  TRP A N   1 
ATOM   319  C  CA  . TRP A 1 42  ? 4.361   -9.325  -14.989 1.00 42.05 ? 42  TRP A CA  1 
ATOM   320  C  C   . TRP A 1 42  ? 4.973   -10.681 -15.351 1.00 42.71 ? 42  TRP A C   1 
ATOM   321  O  O   . TRP A 1 42  ? 4.254   -11.547 -15.797 1.00 43.50 ? 42  TRP A O   1 
ATOM   322  C  CB  . TRP A 1 42  ? 3.542   -9.424  -13.667 1.00 39.63 ? 42  TRP A CB  1 
ATOM   323  C  CG  . TRP A 1 42  ? 4.424   -9.483  -12.455 1.00 36.40 ? 42  TRP A CG  1 
ATOM   324  C  CD1 . TRP A 1 42  ? 4.755   -10.585 -11.733 1.00 32.56 ? 42  TRP A CD1 1 
ATOM   325  C  CD2 . TRP A 1 42  ? 5.073   -8.373  -11.809 1.00 35.18 ? 42  TRP A CD2 1 
ATOM   326  N  NE1 . TRP A 1 42  ? 5.635   -10.259 -10.713 1.00 34.14 ? 42  TRP A NE1 1 
ATOM   327  C  CE2 . TRP A 1 42  ? 5.827   -8.900  -10.724 1.00 33.76 ? 42  TRP A CE2 1 
ATOM   328  C  CE3 . TRP A 1 42  ? 5.108   -6.991  -12.056 1.00 35.34 ? 42  TRP A CE3 1 
ATOM   329  C  CZ2 . TRP A 1 42  ? 6.602   -8.094  -9.868  1.00 33.06 ? 42  TRP A CZ2 1 
ATOM   330  C  CZ3 . TRP A 1 42  ? 5.899   -6.189  -11.222 1.00 33.68 ? 42  TRP A CZ3 1 
ATOM   331  C  CH2 . TRP A 1 42  ? 6.632   -6.743  -10.138 1.00 35.25 ? 42  TRP A CH2 1 
ATOM   332  N  N   . PRO A 1 43  ? 6.289   -10.864 -15.160 1.00 43.07 ? 43  PRO A N   1 
ATOM   333  C  CA  . PRO A 1 43  ? 7.296   -9.955  -14.634 1.00 43.44 ? 43  PRO A CA  1 
ATOM   334  C  C   . PRO A 1 43  ? 7.457   -8.751  -15.540 1.00 43.60 ? 43  PRO A C   1 
ATOM   335  O  O   . PRO A 1 43  ? 7.013   -8.775  -16.697 1.00 42.86 ? 43  PRO A O   1 
ATOM   336  C  CB  . PRO A 1 43  ? 8.587   -10.802 -14.632 1.00 44.41 ? 43  PRO A CB  1 
ATOM   337  C  CG  . PRO A 1 43  ? 8.139   -12.200 -14.761 1.00 44.12 ? 43  PRO A CG  1 
ATOM   338  C  CD  . PRO A 1 43  ? 6.886   -12.148 -15.566 1.00 44.16 ? 43  PRO A CD  1 
ATOM   339  N  N   . ASN A 1 44  ? 8.028   -7.688  -14.982 1.00 43.50 ? 44  ASN A N   1 
ATOM   340  C  CA  . ASN A 1 44  ? 8.174   -6.414  -15.686 1.00 45.00 ? 44  ASN A CA  1 
ATOM   341  C  C   . ASN A 1 44  ? 9.621   -5.946  -15.604 1.00 45.26 ? 44  ASN A C   1 
ATOM   342  O  O   . ASN A 1 44  ? 10.071  -5.492  -14.548 1.00 43.88 ? 44  ASN A O   1 
ATOM   343  C  CB  . ASN A 1 44  ? 7.242   -5.356  -15.082 1.00 44.49 ? 44  ASN A CB  1 
ATOM   344  C  CG  . ASN A 1 44  ? 7.173   -4.088  -15.911 1.00 47.42 ? 44  ASN A CG  1 
ATOM   345  O  OD1 . ASN A 1 44  ? 8.183   -3.611  -16.430 1.00 49.74 ? 44  ASN A OD1 1 
ATOM   346  N  ND2 . ASN A 1 44  ? 5.970   -3.542  -16.056 1.00 46.64 ? 44  ASN A ND2 1 
ATOM   347  N  N   . PRO A 1 45  ? 10.372  -6.049  -16.729 1.00 46.73 ? 45  PRO A N   1 
ATOM   348  C  CA  . PRO A 1 45  ? 11.795  -5.676  -16.676 1.00 46.24 ? 45  PRO A CA  1 
ATOM   349  C  C   . PRO A 1 45  ? 12.038  -4.210  -16.293 1.00 45.97 ? 45  PRO A C   1 
ATOM   350  O  O   . PRO A 1 45  ? 13.062  -3.905  -15.701 1.00 46.35 ? 45  PRO A O   1 
ATOM   351  C  CB  . PRO A 1 45  ? 12.319  -5.961  -18.111 1.00 46.80 ? 45  PRO A CB  1 
ATOM   352  C  CG  . PRO A 1 45  ? 11.196  -6.651  -18.841 1.00 48.07 ? 45  PRO A CG  1 
ATOM   353  C  CD  . PRO A 1 45  ? 9.909   -6.332  -18.106 1.00 47.24 ? 45  PRO A CD  1 
ATOM   354  N  N   . LYS A 1 46  ? 11.120  -3.305  -16.598 1.00 45.77 ? 46  LYS A N   1 
ATOM   355  C  CA  . LYS A 1 46  ? 11.263  -1.923  -16.087 1.00 46.83 ? 46  LYS A CA  1 
ATOM   356  C  C   . LYS A 1 46  ? 11.171  -1.813  -14.551 1.00 46.60 ? 46  LYS A C   1 
ATOM   357  O  O   . LYS A 1 46  ? 11.900  -1.012  -13.934 1.00 46.04 ? 46  LYS A O   1 
ATOM   358  C  CB  . LYS A 1 46  ? 10.258  -0.979  -16.732 1.00 47.20 ? 46  LYS A CB  1 
ATOM   359  C  CG  . LYS A 1 46  ? 10.559  -0.721  -18.205 1.00 52.16 ? 46  LYS A CG  1 
ATOM   360  C  CD  . LYS A 1 46  ? 9.316   -0.266  -18.950 1.00 58.39 ? 46  LYS A CD  1 
ATOM   361  C  CE  . LYS A 1 46  ? 9.643   0.049   -20.417 1.00 62.46 ? 46  LYS A CE  1 
ATOM   362  N  NZ  . LYS A 1 46  ? 8.384   0.339   -21.186 1.00 66.82 ? 46  LYS A NZ  1 
ATOM   363  N  N   . ALA A 1 47  ? 10.287  -2.615  -13.937 1.00 45.56 ? 47  ALA A N   1 
ATOM   364  C  CA  . ALA A 1 47  ? 10.210  -2.665  -12.464 1.00 45.02 ? 47  ALA A CA  1 
ATOM   365  C  C   . ALA A 1 47  ? 11.528  -3.171  -11.884 1.00 44.74 ? 47  ALA A C   1 
ATOM   366  O  O   . ALA A 1 47  ? 12.090  -2.593  -10.950 1.00 43.58 ? 47  ALA A O   1 
ATOM   367  C  CB  . ALA A 1 47  ? 9.052   -3.530  -12.014 1.00 43.62 ? 47  ALA A CB  1 
ATOM   368  N  N   . VAL A 1 48  ? 12.020  -4.263  -12.455 1.00 46.52 ? 48  VAL A N   1 
ATOM   369  C  CA  . VAL A 1 48  ? 13.293  -4.857  -12.049 1.00 48.30 ? 48  VAL A CA  1 
ATOM   370  C  C   . VAL A 1 48  ? 14.430  -3.862  -12.157 1.00 49.23 ? 48  VAL A C   1 
ATOM   371  O  O   . VAL A 1 48  ? 15.226  -3.725  -11.235 1.00 50.23 ? 48  VAL A O   1 
ATOM   372  C  CB  . VAL A 1 48  ? 13.620  -6.129  -12.893 1.00 49.35 ? 48  VAL A CB  1 
ATOM   373  C  CG1 . VAL A 1 48  ? 15.064  -6.595  -12.636 1.00 50.20 ? 48  VAL A CG1 1 
ATOM   374  C  CG2 . VAL A 1 48  ? 12.614  -7.241  -12.595 1.00 47.86 ? 48  VAL A CG2 1 
ATOM   375  N  N   . ALA A 1 49  ? 14.491  -3.149  -13.271 1.00 50.17 ? 49  ALA A N   1 
ATOM   376  C  CA  . ALA A 1 49  ? 15.543  -2.143  -13.473 1.00 51.15 ? 49  ALA A CA  1 
ATOM   377  C  C   . ALA A 1 49  ? 15.480  -1.062  -12.384 1.00 51.53 ? 49  ALA A C   1 
ATOM   378  O  O   . ALA A 1 49  ? 16.483  -0.764  -11.733 1.00 51.38 ? 49  ALA A O   1 
ATOM   379  C  CB  . ALA A 1 49  ? 15.418  -1.507  -14.853 1.00 51.14 ? 49  ALA A CB  1 
HETATM 380  N  N   . MSE A 1 50  ? 14.297  -0.482  -12.185 1.00 51.62 ? 50  MSE A N   1 
HETATM 381  C  CA  . MSE A 1 50  ? 14.147  0.586   -11.211 1.00 52.02 ? 50  MSE A CA  1 
HETATM 382  C  C   . MSE A 1 50  ? 14.336  0.093   -9.771  1.00 51.67 ? 50  MSE A C   1 
HETATM 383  O  O   . MSE A 1 50  ? 14.828  0.849   -8.935  1.00 52.64 ? 50  MSE A O   1 
HETATM 384  C  CB  . MSE A 1 50  ? 12.818  1.318   -11.390 1.00 52.14 ? 50  MSE A CB  1 
HETATM 385  C  CG  . MSE A 1 50  ? 12.778  2.700   -10.757 1.00 55.62 ? 50  MSE A CG  1 
HETATM 386  SE SE  . MSE A 1 50  ? 13.370  4.236   -11.867 0.10 57.47 ? 50  MSE A SE  1 
HETATM 387  C  CE  . MSE A 1 50  ? 15.321  4.232   -11.636 1.00 60.23 ? 50  MSE A CE  1 
ATOM   388  N  N   . ALA A 1 51  ? 13.991  -1.159  -9.480  1.00 50.40 ? 51  ALA A N   1 
ATOM   389  C  CA  . ALA A 1 51  ? 14.148  -1.681  -8.125  1.00 49.75 ? 51  ALA A CA  1 
ATOM   390  C  C   . ALA A 1 51  ? 15.603  -1.828  -7.707  1.00 50.24 ? 51  ALA A C   1 
ATOM   391  O  O   . ALA A 1 51  ? 15.924  -1.689  -6.523  1.00 49.83 ? 51  ALA A O   1 
ATOM   392  C  CB  . ALA A 1 51  ? 13.444  -3.016  -7.967  1.00 48.67 ? 51  ALA A CB  1 
ATOM   393  N  N   . SER A 1 52  ? 16.457  -2.184  -8.671  1.00 51.54 ? 52  SER A N   1 
ATOM   394  C  CA  . SER A 1 52  ? 17.892  -2.411  -8.432  1.00 51.55 ? 52  SER A CA  1 
ATOM   395  C  C   . SER A 1 52  ? 18.133  -3.392  -7.279  1.00 50.47 ? 52  SER A C   1 
ATOM   396  O  O   . SER A 1 52  ? 17.708  -4.561  -7.345  1.00 51.47 ? 52  SER A O   1 
ATOM   397  C  CB  . SER A 1 52  ? 18.591  -1.069  -8.174  1.00 53.01 ? 52  SER A CB  1 
ATOM   398  O  OG  . SER A 1 52  ? 19.979  -1.153  -8.513  1.00 56.58 ? 52  SER A OG  1 
ATOM   399  N  N   . GLY A 1 53  ? 18.758  -2.913  -6.204  1.00 48.18 ? 53  GLY A N   1 
ATOM   400  C  CA  . GLY A 1 53  ? 19.048  -3.774  -5.054  1.00 46.25 ? 53  GLY A CA  1 
ATOM   401  C  C   . GLY A 1 53  ? 17.816  -4.345  -4.359  1.00 44.66 ? 53  GLY A C   1 
ATOM   402  O  O   . GLY A 1 53  ? 17.943  -5.221  -3.532  1.00 44.68 ? 53  GLY A O   1 
ATOM   403  N  N   . ALA A 1 54  ? 16.623  -3.839  -4.686  1.00 42.94 ? 54  ALA A N   1 
ATOM   404  C  CA  . ALA A 1 54  ? 15.384  -4.330  -4.057  1.00 40.98 ? 54  ALA A CA  1 
ATOM   405  C  C   . ALA A 1 54  ? 14.652  -5.347  -4.932  1.00 40.29 ? 54  ALA A C   1 
ATOM   406  O  O   . ALA A 1 54  ? 13.471  -5.683  -4.675  1.00 38.76 ? 54  ALA A O   1 
ATOM   407  C  CB  . ALA A 1 54  ? 14.442  -3.134  -3.695  1.00 39.11 ? 54  ALA A CB  1 
ATOM   408  N  N   . GLY A 1 55  ? 15.335  -5.835  -5.976  1.00 39.06 ? 55  GLY A N   1 
ATOM   409  C  CA  . GLY A 1 55  ? 14.719  -6.803  -6.881  1.00 39.23 ? 55  GLY A CA  1 
ATOM   410  C  C   . GLY A 1 55  ? 14.090  -8.028  -6.239  1.00 37.86 ? 55  GLY A C   1 
ATOM   411  O  O   . GLY A 1 55  ? 13.093  -8.515  -6.734  1.00 39.00 ? 55  GLY A O   1 
ATOM   412  N  N   . ARG A 1 56  ? 14.654  -8.534  -5.153  1.00 38.04 ? 56  ARG A N   1 
ATOM   413  C  CA  . ARG A 1 56  ? 14.101  -9.706  -4.475  1.00 39.08 ? 56  ARG A CA  1 
ATOM   414  C  C   . ARG A 1 56  ? 12.661  -9.487  -4.012  1.00 37.37 ? 56  ARG A C   1 
ATOM   415  O  O   . ARG A 1 56  ? 11.882  -10.449 -3.970  1.00 36.56 ? 56  ARG A O   1 
ATOM   416  C  CB  . ARG A 1 56  ? 14.937  -10.116 -3.265  1.00 40.40 ? 56  ARG A CB  1 
ATOM   417  C  CG  . ARG A 1 56  ? 16.294  -10.744 -3.635  1.00 50.21 ? 56  ARG A CG  1 
ATOM   418  C  CD  . ARG A 1 56  ? 17.000  -11.370 -2.386  1.00 61.21 ? 56  ARG A CD  1 
ATOM   419  N  NE  . ARG A 1 56  ? 16.625  -12.784 -2.197  1.00 69.42 ? 56  ARG A NE  1 
ATOM   420  C  CZ  . ARG A 1 56  ? 15.870  -13.265 -1.200  1.00 73.60 ? 56  ARG A CZ  1 
ATOM   421  N  NH1 . ARG A 1 56  ? 15.594  -14.568 -1.151  1.00 74.50 ? 56  ARG A NH1 1 
ATOM   422  N  NH2 . ARG A 1 56  ? 15.392  -12.461 -0.248  1.00 76.05 ? 56  ARG A NH2 1 
ATOM   423  N  N   . LEU A 1 57  ? 12.294  -8.239  -3.673  1.00 34.98 ? 57  LEU A N   1 
ATOM   424  C  CA  . LEU A 1 57  ? 10.893  -7.946  -3.298  1.00 34.30 ? 57  LEU A CA  1 
ATOM   425  C  C   . LEU A 1 57  ? 9.963   -8.265  -4.446  1.00 33.86 ? 57  LEU A C   1 
ATOM   426  O  O   . LEU A 1 57  ? 8.863   -8.767  -4.233  1.00 35.12 ? 57  LEU A O   1 
ATOM   427  C  CB  . LEU A 1 57  ? 10.694  -6.458  -2.875  1.00 33.33 ? 57  LEU A CB  1 
ATOM   428  C  CG  . LEU A 1 57  ? 10.989  -6.191  -1.388  1.00 35.04 ? 57  LEU A CG  1 
ATOM   429  C  CD1 . LEU A 1 57  ? 12.465  -6.504  -1.079  1.00 35.20 ? 57  LEU A CD1 1 
ATOM   430  C  CD2 . LEU A 1 57  ? 10.613  -4.703  -0.991  1.00 32.15 ? 57  LEU A CD2 1 
ATOM   431  N  N   . LEU A 1 58  ? 10.413  -7.957  -5.654  1.00 33.78 ? 58  LEU A N   1 
ATOM   432  C  CA  . LEU A 1 58  ? 9.629   -8.184  -6.853  1.00 34.25 ? 58  LEU A CA  1 
ATOM   433  C  C   . LEU A 1 58  ? 9.547   -9.701  -7.185  1.00 34.38 ? 58  LEU A C   1 
ATOM   434  O  O   . LEU A 1 58  ? 8.495   -10.178 -7.586  1.00 34.07 ? 58  LEU A O   1 
ATOM   435  C  CB  . LEU A 1 58  ? 10.279  -7.485  -8.045  1.00 35.22 ? 58  LEU A CB  1 
ATOM   436  C  CG  . LEU A 1 58  ? 10.543  -5.969  -7.884  1.00 38.10 ? 58  LEU A CG  1 
ATOM   437  C  CD1 . LEU A 1 58  ? 10.974  -5.378  -9.223  1.00 40.85 ? 58  LEU A CD1 1 
ATOM   438  C  CD2 . LEU A 1 58  ? 9.272   -5.263  -7.396  1.00 36.53 ? 58  LEU A CD2 1 
ATOM   439  N  N   . ASP A 1 59  ? 10.664  -10.406 -7.060  1.00 35.24 ? 59  ASP A N   1 
ATOM   440  C  CA  . ASP A 1 59  ? 10.693  -11.872 -7.257  1.00 36.67 ? 59  ASP A CA  1 
ATOM   441  C  C   . ASP A 1 59  ? 9.697   -12.567 -6.366  1.00 37.32 ? 59  ASP A C   1 
ATOM   442  O  O   . ASP A 1 59  ? 9.089   -13.546 -6.804  1.00 37.80 ? 59  ASP A O   1 
ATOM   443  C  CB  . ASP A 1 59  ? 12.046  -12.504 -6.898  1.00 36.79 ? 59  ASP A CB  1 
ATOM   444  C  CG  . ASP A 1 59  ? 13.154  -12.087 -7.822  1.00 38.15 ? 59  ASP A CG  1 
ATOM   445  O  OD1 . ASP A 1 59  ? 12.873  -11.660 -8.953  1.00 39.44 ? 59  ASP A OD1 1 
ATOM   446  O  OD2 . ASP A 1 59  ? 14.313  -12.191 -7.379  1.00 41.38 ? 59  ASP A OD2 1 
ATOM   447  N  N   . HIS A 1 60  ? 9.544   -12.109 -5.118  1.00 36.53 ? 60  HIS A N   1 
ATOM   448  C  CA  . HIS A 1 60  ? 8.628   -12.790 -4.185  1.00 36.78 ? 60  HIS A CA  1 
ATOM   449  C  C   . HIS A 1 60  ? 7.232   -12.193 -4.052  1.00 35.06 ? 60  HIS A C   1 
ATOM   450  O  O   . HIS A 1 60  ? 6.436   -12.621 -3.226  1.00 34.32 ? 60  HIS A O   1 
ATOM   451  C  CB  . HIS A 1 60  ? 9.306   -13.006 -2.845  1.00 37.51 ? 60  HIS A CB  1 
ATOM   452  C  CG  . HIS A 1 60  ? 10.558  -13.825 -2.980  1.00 44.53 ? 60  HIS A CG  1 
ATOM   453  N  ND1 . HIS A 1 60  ? 10.525  -15.188 -3.216  1.00 47.16 ? 60  HIS A ND1 1 
ATOM   454  C  CD2 . HIS A 1 60  ? 11.864  -13.465 -3.032  1.00 46.23 ? 60  HIS A CD2 1 
ATOM   455  C  CE1 . HIS A 1 60  ? 11.763  -15.637 -3.353  1.00 49.54 ? 60  HIS A CE1 1 
ATOM   456  N  NE2 . HIS A 1 60  ? 12.592  -14.612 -3.245  1.00 50.10 ? 60  HIS A NE2 1 
ATOM   457  N  N   . ALA A 1 61  ? 6.929   -11.206 -4.875  1.00 33.19 ? 61  ALA A N   1 
ATOM   458  C  CA  . ALA A 1 61  ? 5.612   -10.575 -4.779  1.00 32.20 ? 61  ALA A CA  1 
ATOM   459  C  C   . ALA A 1 61  ? 4.537   -11.448 -5.400  1.00 32.50 ? 61  ALA A C   1 
ATOM   460  O  O   . ALA A 1 61  ? 4.614   -11.726 -6.597  1.00 31.36 ? 61  ALA A O   1 
ATOM   461  C  CB  . ALA A 1 61  ? 5.614   -9.227  -5.511  1.00 31.24 ? 61  ALA A CB  1 
ATOM   462  N  N   . GLY A 1 62  ? 3.483   -11.760 -4.636  1.00 31.51 ? 62  GLY A N   1 
ATOM   463  C  CA  . GLY A 1 62  ? 2.343   -12.481 -5.182  1.00 31.31 ? 62  GLY A CA  1 
ATOM   464  C  C   . GLY A 1 62  ? 1.629   -11.662 -6.232  1.00 30.45 ? 62  GLY A C   1 
ATOM   465  O  O   . GLY A 1 62  ? 1.426   -10.426 -6.076  1.00 29.68 ? 62  GLY A O   1 
ATOM   466  N  N   . LEU A 1 63  ? 1.254   -12.311 -7.332  1.00 30.28 ? 63  LEU A N   1 
ATOM   467  C  CA  . LEU A 1 63  ? 0.493   -11.681 -8.389  1.00 30.30 ? 63  LEU A CA  1 
ATOM   468  C  C   . LEU A 1 63  ? -0.970  -12.159 -8.351  1.00 32.18 ? 63  LEU A C   1 
ATOM   469  O  O   . LEU A 1 63  ? -1.231  -13.385 -8.431  1.00 32.79 ? 63  LEU A O   1 
ATOM   470  C  CB  . LEU A 1 63  ? 1.118   -12.025 -9.762  1.00 30.41 ? 63  LEU A CB  1 
ATOM   471  C  CG  . LEU A 1 63  ? 0.444   -11.414 -10.985 1.00 32.09 ? 63  LEU A CG  1 
ATOM   472  C  CD1 . LEU A 1 63  ? 0.640   -9.829  -11.066 1.00 30.66 ? 63  LEU A CD1 1 
ATOM   473  C  CD2 . LEU A 1 63  ? 0.909   -12.060 -12.348 1.00 30.50 ? 63  LEU A CD2 1 
ATOM   474  N  N   . PHE A 1 64  ? -1.908  -11.211 -8.293  1.00 30.21 ? 64  PHE A N   1 
ATOM   475  C  CA  . PHE A 1 64  ? -3.336  -11.484 -8.031  1.00 31.05 ? 64  PHE A CA  1 
ATOM   476  C  C   . PHE A 1 64  ? -4.205  -10.822 -9.081  1.00 31.12 ? 64  PHE A C   1 
ATOM   477  O  O   . PHE A 1 64  ? -3.869  -9.740  -9.592  1.00 31.94 ? 64  PHE A O   1 
ATOM   478  C  CB  . PHE A 1 64  ? -3.741  -10.943 -6.620  1.00 30.98 ? 64  PHE A CB  1 
ATOM   479  C  CG  . PHE A 1 64  ? -3.090  -11.651 -5.484  1.00 30.72 ? 64  PHE A CG  1 
ATOM   480  C  CD1 . PHE A 1 64  ? -3.798  -12.635 -4.773  1.00 29.84 ? 64  PHE A CD1 1 
ATOM   481  C  CD2 . PHE A 1 64  ? -1.772  -11.370 -5.107  1.00 28.98 ? 64  PHE A CD2 1 
ATOM   482  C  CE1 . PHE A 1 64  ? -3.208  -13.311 -3.696  1.00 30.92 ? 64  PHE A CE1 1 
ATOM   483  C  CE2 . PHE A 1 64  ? -1.177  -12.050 -4.064  1.00 30.24 ? 64  PHE A CE2 1 
ATOM   484  C  CZ  . PHE A 1 64  ? -1.886  -13.031 -3.337  1.00 30.95 ? 64  PHE A CZ  1 
ATOM   485  N  N   . PRO A 1 65  ? -5.357  -11.461 -9.420  1.00 32.05 ? 65  PRO A N   1 
ATOM   486  C  CA  . PRO A 1 65  ? -6.228  -10.900 -10.432 1.00 33.21 ? 65  PRO A CA  1 
ATOM   487  C  C   . PRO A 1 65  ? -7.149  -9.823  -9.884  1.00 32.28 ? 65  PRO A C   1 
ATOM   488  O  O   . PRO A 1 65  ? -7.591  -8.978  -10.651 1.00 33.76 ? 65  PRO A O   1 
ATOM   489  C  CB  . PRO A 1 65  ? -7.078  -12.118 -10.891 1.00 33.44 ? 65  PRO A CB  1 
ATOM   490  C  CG  . PRO A 1 65  ? -7.131  -12.987 -9.679  1.00 33.67 ? 65  PRO A CG  1 
ATOM   491  C  CD  . PRO A 1 65  ? -5.770  -12.835 -9.025  1.00 31.33 ? 65  PRO A CD  1 
ATOM   492  N  N   . THR A 1 66  ? -7.424  -9.859  -8.576  1.00 32.54 ? 66  THR A N   1 
ATOM   493  C  CA  . THR A 1 66  ? -8.414  -8.936  -8.019  1.00 32.00 ? 66  THR A CA  1 
ATOM   494  C  C   . THR A 1 66  ? -7.996  -8.517  -6.599  1.00 30.42 ? 66  THR A C   1 
ATOM   495  O  O   . THR A 1 66  ? -7.195  -9.187  -5.929  1.00 30.47 ? 66  THR A O   1 
ATOM   496  C  CB  . THR A 1 66  ? -9.836  -9.600  -7.901  1.00 32.29 ? 66  THR A CB  1 
ATOM   497  O  OG1 . THR A 1 66  ? -9.765  -10.674 -6.974  1.00 34.05 ? 66  THR A OG1 1 
ATOM   498  C  CG2 . THR A 1 66  ? -10.355 -10.107 -9.286  1.00 35.35 ? 66  THR A CG2 1 
ATOM   499  N  N   . VAL A 1 67  ? -8.569  -7.423  -6.129  1.00 30.71 ? 67  VAL A N   1 
ATOM   500  C  CA  . VAL A 1 67  ? -8.266  -6.980  -4.760  1.00 30.26 ? 67  VAL A CA  1 
ATOM   501  C  C   . VAL A 1 67  ? -8.786  -8.029  -3.786  1.00 30.52 ? 67  VAL A C   1 
ATOM   502  O  O   . VAL A 1 67  ? -8.097  -8.409  -2.838  1.00 30.34 ? 67  VAL A O   1 
ATOM   503  C  CB  . VAL A 1 67  ? -8.901  -5.573  -4.469  1.00 29.74 ? 67  VAL A CB  1 
ATOM   504  C  CG1 . VAL A 1 67  ? -8.694  -5.210  -2.959  1.00 30.03 ? 67  VAL A CG1 1 
ATOM   505  C  CG2 . VAL A 1 67  ? -8.215  -4.517  -5.378  1.00 30.90 ? 67  VAL A CG2 1 
ATOM   506  N  N   . ALA A 1 68  ? -10.020 -8.531  -4.013  1.00 31.46 ? 68  ALA A N   1 
ATOM   507  C  CA  . ALA A 1 68  ? -10.566 -9.571  -3.103  1.00 31.96 ? 68  ALA A CA  1 
ATOM   508  C  C   . ALA A 1 68  ? -9.634  -10.747 -2.888  1.00 32.55 ? 68  ALA A C   1 
ATOM   509  O  O   . ALA A 1 68  ? -9.414  -11.185 -1.745  1.00 32.60 ? 68  ALA A O   1 
ATOM   510  C  CB  . ALA A 1 68  ? -11.987 -10.056 -3.580  1.00 33.06 ? 68  ALA A CB  1 
ATOM   511  N  N   A GLU A 1 69  ? -9.052  -11.275 -3.973  0.70 32.57 ? 69  GLU A N   1 
ATOM   512  N  N   B GLU A 1 69  ? -9.055  -11.293 -3.960  0.30 32.39 ? 69  GLU A N   1 
ATOM   513  C  CA  A GLU A 1 69  ? -8.098  -12.372 -3.828  0.70 32.85 ? 69  GLU A CA  1 
ATOM   514  C  CA  B GLU A 1 69  ? -8.130  -12.406 -3.746  0.30 32.35 ? 69  GLU A CA  1 
ATOM   515  C  C   A GLU A 1 69  ? -6.851  -11.980 -3.065  0.70 32.06 ? 69  GLU A C   1 
ATOM   516  C  C   B GLU A 1 69  ? -6.836  -11.992 -3.056  0.30 32.05 ? 69  GLU A C   1 
ATOM   517  O  O   A GLU A 1 69  ? -6.320  -12.761 -2.266  0.70 31.48 ? 69  GLU A O   1 
ATOM   518  O  O   B GLU A 1 69  ? -6.265  -12.776 -2.292  0.30 31.76 ? 69  GLU A O   1 
ATOM   519  C  CB  A GLU A 1 69  ? -7.734  -12.977 -5.195  0.70 33.56 ? 69  GLU A CB  1 
ATOM   520  C  CB  B GLU A 1 69  ? -7.837  -13.221 -5.014  0.30 32.87 ? 69  GLU A CB  1 
ATOM   521  C  CG  A GLU A 1 69  ? -8.835  -13.939 -5.658  0.70 37.42 ? 69  GLU A CG  1 
ATOM   522  C  CG  B GLU A 1 69  ? -6.962  -14.422 -4.688  0.30 33.58 ? 69  GLU A CG  1 
ATOM   523  C  CD  A GLU A 1 69  ? -8.465  -14.780 -6.874  0.70 43.14 ? 69  GLU A CD  1 
ATOM   524  C  CD  B GLU A 1 69  ? -7.410  -15.733 -5.322  0.30 36.58 ? 69  GLU A CD  1 
ATOM   525  O  OE1 A GLU A 1 69  ? -9.396  -15.242 -7.576  0.70 47.76 ? 69  GLU A OE1 1 
ATOM   526  O  OE1 B GLU A 1 69  ? -7.797  -16.665 -4.579  0.30 37.23 ? 69  GLU A OE1 1 
ATOM   527  O  OE2 A GLU A 1 69  ? -7.261  -14.995 -7.132  0.70 44.04 ? 69  GLU A OE2 1 
ATOM   528  O  OE2 B GLU A 1 69  ? -7.337  -15.849 -6.556  0.30 36.99 ? 69  GLU A OE2 1 
ATOM   529  N  N   . ALA A 1 70  ? -6.373  -10.766 -3.309  1.00 31.87 ? 70  ALA A N   1 
ATOM   530  C  CA  . ALA A 1 70  ? -5.113  -10.297 -2.669  1.00 32.18 ? 70  ALA A CA  1 
ATOM   531  C  C   . ALA A 1 70  ? -5.259  -10.114 -1.147  1.00 32.81 ? 70  ALA A C   1 
ATOM   532  O  O   . ALA A 1 70  ? -4.249  -10.089 -0.409  1.00 33.39 ? 70  ALA A O   1 
ATOM   533  C  CB  . ALA A 1 70  ? -4.654  -8.989  -3.314  1.00 31.62 ? 70  ALA A CB  1 
ATOM   534  N  N   . ILE A 1 71  ? -6.502  -9.933  -0.690  1.00 33.51 ? 71  ILE A N   1 
ATOM   535  C  CA  . ILE A 1 71  ? -6.743  -9.728  0.757   1.00 35.67 ? 71  ILE A CA  1 
ATOM   536  C  C   . ILE A 1 71  ? -7.423  -10.918 1.461   1.00 38.74 ? 71  ILE A C   1 
ATOM   537  O  O   . ILE A 1 71  ? -7.736  -10.848 2.656   1.00 37.62 ? 71  ILE A O   1 
ATOM   538  C  CB  . ILE A 1 71  ? -7.544  -8.423  1.038   1.00 35.13 ? 71  ILE A CB  1 
ATOM   539  C  CG1 . ILE A 1 71  ? -8.954  -8.498  0.439   1.00 33.22 ? 71  ILE A CG1 1 
ATOM   540  C  CG2 . ILE A 1 71  ? -6.768  -7.190  0.501   1.00 32.72 ? 71  ILE A CG2 1 
ATOM   541  C  CD1 . ILE A 1 71  ? -9.950  -7.459  0.949   1.00 35.47 ? 71  ILE A CD1 1 
ATOM   542  N  N   A ARG A 1 72  ? -7.641  -11.998 0.719   0.50 39.96 ? 72  ARG A N   1 
ATOM   543  N  N   B ARG A 1 72  ? -7.634  -12.011 0.723   0.50 40.28 ? 72  ARG A N   1 
ATOM   544  C  CA  A ARG A 1 72  ? -8.359  -13.158 1.249   0.50 41.94 ? 72  ARG A CA  1 
ATOM   545  C  CA  B ARG A 1 72  ? -8.351  -13.179 1.264   0.50 42.59 ? 72  ARG A CA  1 
ATOM   546  C  C   A ARG A 1 72  ? -7.747  -13.688 2.553   0.50 42.55 ? 72  ARG A C   1 
ATOM   547  C  C   B ARG A 1 72  ? -7.745  -13.645 2.582   0.50 42.90 ? 72  ARG A C   1 
ATOM   548  O  O   A ARG A 1 72  ? -8.475  -14.012 3.486   0.50 43.18 ? 72  ARG A O   1 
ATOM   549  O  O   B ARG A 1 72  ? -8.467  -13.899 3.543   0.50 43.46 ? 72  ARG A O   1 
ATOM   550  C  CB  A ARG A 1 72  ? -8.472  -14.248 0.168   0.50 42.06 ? 72  ARG A CB  1 
ATOM   551  C  CB  B ARG A 1 72  ? -8.395  -14.348 0.258   0.50 43.01 ? 72  ARG A CB  1 
ATOM   552  C  CG  A ARG A 1 72  ? -9.152  -15.517 0.626   0.50 44.25 ? 72  ARG A CG  1 
ATOM   553  C  CG  B ARG A 1 72  ? -7.328  -15.415 0.526   0.50 47.24 ? 72  ARG A CG  1 
ATOM   554  C  CD  A ARG A 1 72  ? -8.954  -16.602 -0.436  0.50 50.06 ? 72  ARG A CD  1 
ATOM   555  C  CD  B ARG A 1 72  ? -7.877  -16.848 0.423   0.50 52.79 ? 72  ARG A CD  1 
ATOM   556  N  NE  A ARG A 1 72  ? -10.092 -16.687 -1.339  0.50 54.70 ? 72  ARG A NE  1 
ATOM   557  N  NE  B ARG A 1 72  ? -6.836  -17.854 0.651   0.50 55.85 ? 72  ARG A NE  1 
ATOM   558  C  CZ  A ARG A 1 72  ? -11.134 -17.486 -1.123  0.50 57.30 ? 72  ARG A CZ  1 
ATOM   559  C  CZ  B ARG A 1 72  ? -7.083  -19.116 0.987   0.50 57.38 ? 72  ARG A CZ  1 
ATOM   560  N  NH1 A ARG A 1 72  ? -11.167 -18.253 -0.042  0.50 57.17 ? 72  ARG A NH1 1 
ATOM   561  N  NH1 B ARG A 1 72  ? -8.333  -19.533 1.149   0.50 57.81 ? 72  ARG A NH1 1 
ATOM   562  N  NH2 A ARG A 1 72  ? -12.142 -17.519 -1.982  0.50 58.87 ? 72  ARG A NH2 1 
ATOM   563  N  NH2 B ARG A 1 72  ? -6.078  -19.961 1.170   0.50 58.65 ? 72  ARG A NH2 1 
ATOM   564  N  N   . ASP A 1 73  ? -6.419  -13.728 2.637   1.00 43.21 ? 73  ASP A N   1 
ATOM   565  C  CA  . ASP A 1 73  ? -5.728  -14.178 3.841   1.00 44.29 ? 73  ASP A CA  1 
ATOM   566  C  C   . ASP A 1 73  ? -5.369  -13.090 4.880   1.00 43.48 ? 73  ASP A C   1 
ATOM   567  O  O   . ASP A 1 73  ? -4.643  -13.378 5.834   1.00 42.87 ? 73  ASP A O   1 
ATOM   568  C  CB  . ASP A 1 73  ? -4.481  -14.983 3.480   1.00 45.57 ? 73  ASP A CB  1 
ATOM   569  C  CG  . ASP A 1 73  ? -3.430  -14.135 2.759   1.00 51.68 ? 73  ASP A CG  1 
ATOM   570  O  OD1 . ASP A 1 73  ? -3.829  -13.178 2.031   1.00 55.77 ? 73  ASP A OD1 1 
ATOM   571  O  OD2 . ASP A 1 73  ? -2.218  -14.403 2.940   1.00 55.75 ? 73  ASP A OD2 1 
ATOM   572  N  N   . CYS A 1 74  ? -5.867  -11.864 4.701   1.00 41.62 ? 74  CYS A N   1 
ATOM   573  C  CA  . CYS A 1 74  ? -5.613  -10.792 5.659   1.00 41.00 ? 74  CYS A CA  1 
ATOM   574  C  C   . CYS A 1 74  ? -6.706  -10.749 6.707   1.00 40.03 ? 74  CYS A C   1 
ATOM   575  O  O   . CYS A 1 74  ? -7.877  -10.886 6.379   1.00 41.09 ? 74  CYS A O   1 
ATOM   576  C  CB  . CYS A 1 74  ? -5.639  -9.426  4.942   1.00 40.42 ? 74  CYS A CB  1 
ATOM   577  S  SG  . CYS A 1 74  ? -4.410  -9.230  3.549   1.00 45.18 ? 74  CYS A SG  1 
ATOM   578  N  N   . ASP A 1 75  ? -6.343  -10.487 7.945   1.00 39.10 ? 75  ASP A N   1 
ATOM   579  C  CA  . ASP A 1 75  ? -7.361  -10.232 8.981   1.00 39.61 ? 75  ASP A CA  1 
ATOM   580  C  C   . ASP A 1 75  ? -7.879  -8.795  9.002   1.00 38.99 ? 75  ASP A C   1 
ATOM   581  O  O   . ASP A 1 75  ? -9.020  -8.532  9.429   1.00 40.50 ? 75  ASP A O   1 
ATOM   582  C  CB  . ASP A 1 75  ? -6.766  -10.627 10.328  1.00 40.87 ? 75  ASP A CB  1 
ATOM   583  C  CG  . ASP A 1 75  ? -6.381  -12.099 10.352  1.00 42.94 ? 75  ASP A CG  1 
ATOM   584  O  OD1 . ASP A 1 75  ? -7.298  -12.899 10.115  1.00 46.13 ? 75  ASP A OD1 1 
ATOM   585  O  OD2 . ASP A 1 75  ? -5.189  -12.437 10.528  1.00 44.25 ? 75  ASP A OD2 1 
ATOM   586  N  N   . TYR A 1 76  ? -7.069  -7.850  8.520   1.00 36.03 ? 76  TYR A N   1 
ATOM   587  C  CA  . TYR A 1 76  ? -7.423  -6.445  8.592   1.00 34.09 ? 76  TYR A CA  1 
ATOM   588  C  C   . TYR A 1 76  ? -6.746  -5.708  7.434   1.00 32.52 ? 76  TYR A C   1 
ATOM   589  O  O   . TYR A 1 76  ? -5.543  -5.868  7.240   1.00 33.18 ? 76  TYR A O   1 
ATOM   590  C  CB  . TYR A 1 76  ? -6.913  -5.839  9.912   1.00 33.83 ? 76  TYR A CB  1 
ATOM   591  C  CG  . TYR A 1 76  ? -7.569  -4.529  10.262  1.00 34.64 ? 76  TYR A CG  1 
ATOM   592  C  CD1 . TYR A 1 76  ? -8.728  -4.494  11.065  1.00 35.05 ? 76  TYR A CD1 1 
ATOM   593  C  CD2 . TYR A 1 76  ? -7.056  -3.312  9.784   1.00 36.28 ? 76  TYR A CD2 1 
ATOM   594  C  CE1 . TYR A 1 76  ? -9.338  -3.302  11.392  1.00 36.48 ? 76  TYR A CE1 1 
ATOM   595  C  CE2 . TYR A 1 76  ? -7.632  -2.106  10.116  1.00 37.02 ? 76  TYR A CE2 1 
ATOM   596  C  CZ  . TYR A 1 76  ? -8.783  -2.092  10.919  1.00 40.23 ? 76  TYR A CZ  1 
ATOM   597  O  OH  . TYR A 1 76  ? -9.390  -0.893  11.215  1.00 39.15 ? 76  TYR A OH  1 
ATOM   598  N  N   . VAL A 1 77  ? -7.505  -4.902  6.726   1.00 31.24 ? 77  VAL A N   1 
ATOM   599  C  CA  . VAL A 1 77  ? -6.987  -4.218  5.535   1.00 30.58 ? 77  VAL A CA  1 
ATOM   600  C  C   . VAL A 1 77  ? -7.178  -2.691  5.653   1.00 30.34 ? 77  VAL A C   1 
ATOM   601  O  O   . VAL A 1 77  ? -8.291  -2.225  5.896   1.00 29.40 ? 77  VAL A O   1 
ATOM   602  C  CB  . VAL A 1 77  ? -7.677  -4.756  4.268   1.00 30.84 ? 77  VAL A CB  1 
ATOM   603  C  CG1 . VAL A 1 77  ? -7.226  -3.942  3.013   1.00 28.50 ? 77  VAL A CG1 1 
ATOM   604  C  CG2 . VAL A 1 77  ? -7.352  -6.254  4.113   1.00 30.77 ? 77  VAL A CG2 1 
ATOM   605  N  N   . PHE A 1 78  ? -6.081  -1.941  5.492   1.00 28.53 ? 78  PHE A N   1 
ATOM   606  C  CA  . PHE A 1 78  ? -6.118  -0.483  5.370   1.00 28.61 ? 78  PHE A CA  1 
ATOM   607  C  C   . PHE A 1 78  ? -6.109  -0.091  3.896   1.00 29.18 ? 78  PHE A C   1 
ATOM   608  O  O   . PHE A 1 78  ? -5.400  -0.745  3.100   1.00 29.96 ? 78  PHE A O   1 
ATOM   609  C  CB  . PHE A 1 78  ? -4.864  0.133   6.020   1.00 27.61 ? 78  PHE A CB  1 
ATOM   610  C  CG  . PHE A 1 78  ? -4.798  -0.017  7.517   1.00 31.30 ? 78  PHE A CG  1 
ATOM   611  C  CD1 . PHE A 1 78  ? -5.520  0.842   8.355   1.00 32.81 ? 78  PHE A CD1 1 
ATOM   612  C  CD2 . PHE A 1 78  ? -4.015  -1.006  8.086   1.00 31.46 ? 78  PHE A CD2 1 
ATOM   613  C  CE1 . PHE A 1 78  ? -5.429  0.695   9.772   1.00 31.63 ? 78  PHE A CE1 1 
ATOM   614  C  CE2 . PHE A 1 78  ? -3.930  -1.163  9.480   1.00 34.41 ? 78  PHE A CE2 1 
ATOM   615  C  CZ  . PHE A 1 78  ? -4.623  -0.308  10.305  1.00 33.29 ? 78  PHE A CZ  1 
ATOM   616  N  N   . ALA A 1 79  ? -6.853  0.940   3.522   1.00 28.42 ? 79  ALA A N   1 
ATOM   617  C  CA  . ALA A 1 79  ? -6.839  1.488   2.159   1.00 28.28 ? 79  ALA A CA  1 
ATOM   618  C  C   . ALA A 1 79  ? -6.293  2.914   2.191   1.00 29.87 ? 79  ALA A C   1 
ATOM   619  O  O   . ALA A 1 79  ? -6.861  3.779   2.891   1.00 28.59 ? 79  ALA A O   1 
ATOM   620  C  CB  . ALA A 1 79  ? -8.254  1.463   1.528   1.00 28.30 ? 79  ALA A CB  1 
ATOM   621  N  N   . THR A 1 80  ? -5.204  3.204   1.451   1.00 28.44 ? 80  THR A N   1 
ATOM   622  C  CA  . THR A 1 80  ? -4.669  4.582   1.493   1.00 29.37 ? 80  THR A CA  1 
ATOM   623  C  C   . THR A 1 80  ? -5.452  5.477   0.538   1.00 30.60 ? 80  THR A C   1 
ATOM   624  O  O   . THR A 1 80  ? -5.757  5.078   -0.588  1.00 31.02 ? 80  THR A O   1 
ATOM   625  C  CB  . THR A 1 80  ? -3.134  4.607   1.149   1.00 30.81 ? 80  THR A CB  1 
ATOM   626  O  OG1 . THR A 1 80  ? -2.998  4.046   -0.168  1.00 32.48 ? 80  THR A OG1 1 
ATOM   627  C  CG2 . THR A 1 80  ? -2.384  3.736   2.089   1.00 29.06 ? 80  THR A CG2 1 
ATOM   628  N  N   . THR A 1 81  ? -5.798  6.712   0.955   1.00 30.83 ? 81  THR A N   1 
ATOM   629  C  CA  . THR A 1 81  ? -6.504  7.637   0.049   1.00 31.88 ? 81  THR A CA  1 
ATOM   630  C  C   . THR A 1 81  ? -5.958  9.046   0.332   1.00 32.85 ? 81  THR A C   1 
ATOM   631  O  O   . THR A 1 81  ? -5.354  9.314   1.380   1.00 32.10 ? 81  THR A O   1 
ATOM   632  C  CB  . THR A 1 81  ? -8.070  7.659   0.240   1.00 33.64 ? 81  THR A CB  1 
ATOM   633  O  OG1 . THR A 1 81  ? -8.337  8.104   1.566   1.00 36.74 ? 81  THR A OG1 1 
ATOM   634  C  CG2 . THR A 1 81  ? -8.733  6.265   0.029   1.00 34.82 ? 81  THR A CG2 1 
ATOM   635  N  N   . ALA A 1 82  ? -6.095  9.915   -0.646  1.00 32.70 ? 82  ALA A N   1 
ATOM   636  C  CA  . ALA A 1 82  ? -5.562  11.269  -0.549  1.00 34.18 ? 82  ALA A CA  1 
ATOM   637  C  C   . ALA A 1 82  ? -6.374  12.136  0.452   1.00 34.78 ? 82  ALA A C   1 
ATOM   638  O  O   . ALA A 1 82  ? -5.807  13.000  1.135   1.00 35.70 ? 82  ALA A O   1 
ATOM   639  C  CB  . ALA A 1 82  ? -5.582  11.887  -1.959  1.00 34.75 ? 82  ALA A CB  1 
ATOM   640  N  N   A ARG A 1 83  ? -7.671  11.897  0.543   0.50 34.93 ? 83  ARG A N   1 
ATOM   641  N  N   B ARG A 1 83  ? -7.687  11.893  0.479   0.50 35.18 ? 83  ARG A N   1 
ATOM   642  C  CA  A ARG A 1 83  ? -8.524  12.652  1.470   0.50 35.71 ? 83  ARG A CA  1 
ATOM   643  C  CA  B ARG A 1 83  ? -8.680  12.598  1.326   0.50 36.30 ? 83  ARG A CA  1 
ATOM   644  C  C   A ARG A 1 83  ? -9.443  11.665  2.196   0.50 35.34 ? 83  ARG A C   1 
ATOM   645  C  C   B ARG A 1 83  ? -9.414  11.604  2.235   0.50 35.60 ? 83  ARG A C   1 
ATOM   646  O  O   A ARG A 1 83  ? -9.623  10.527  1.743   0.50 33.51 ? 83  ARG A O   1 
ATOM   647  O  O   B ARG A 1 83  ? -9.463  10.405  1.940   0.50 33.76 ? 83  ARG A O   1 
ATOM   648  C  CB  A ARG A 1 83  ? -9.328  13.696  0.701   0.50 36.26 ? 83  ARG A CB  1 
ATOM   649  C  CB  B ARG A 1 83  ? -9.732  13.284  0.449   0.50 36.98 ? 83  ARG A CB  1 
ATOM   650  C  CG  A ARG A 1 83  ? -8.472  14.498  -0.309  0.50 39.39 ? 83  ARG A CG  1 
ATOM   651  C  CG  B ARG A 1 83  ? -9.498  14.780  0.222   0.50 41.76 ? 83  ARG A CG  1 
ATOM   652  C  CD  A ARG A 1 83  ? -9.265  14.910  -1.554  0.50 44.88 ? 83  ARG A CD  1 
ATOM   653  C  CD  B ARG A 1 83  ? -10.671 15.438  -0.535  0.50 47.11 ? 83  ARG A CD  1 
ATOM   654  N  NE  A ARG A 1 83  ? -8.395  15.211  -2.703  0.50 48.72 ? 83  ARG A NE  1 
ATOM   655  N  NE  B ARG A 1 83  ? -10.746 16.872  -0.253  0.50 50.96 ? 83  ARG A NE  1 
ATOM   656  C  CZ  A ARG A 1 83  ? -7.154  15.683  -2.612  0.50 48.60 ? 83  ARG A CZ  1 
ATOM   657  C  CZ  B ARG A 1 83  ? -10.175 17.814  -1.000  0.50 53.11 ? 83  ARG A CZ  1 
ATOM   658  N  NH1 A ARG A 1 83  ? -6.460  15.917  -3.718  0.50 49.12 ? 83  ARG A NH1 1 
ATOM   659  N  NH1 B ARG A 1 83  ? -10.282 19.092  -0.652  0.50 55.13 ? 83  ARG A NH1 1 
ATOM   660  N  NH2 A ARG A 1 83  ? -6.615  15.933  -1.419  0.50 49.45 ? 83  ARG A NH2 1 
ATOM   661  N  NH2 B ARG A 1 83  ? -9.493  17.481  -2.090  0.50 53.39 ? 83  ARG A NH2 1 
ATOM   662  N  N   . GLY A 1 84  ? -10.008 12.105  3.319   1.00 35.16 ? 84  GLY A N   1 
ATOM   663  C  CA  . GLY A 1 84  ? -10.832 11.233  4.185   1.00 35.57 ? 84  GLY A CA  1 
ATOM   664  C  C   . GLY A 1 84  ? -12.219 11.003  3.593   1.00 36.44 ? 84  GLY A C   1 
ATOM   665  O  O   . GLY A 1 84  ? -13.217 11.688  3.981   1.00 38.04 ? 84  GLY A O   1 
ATOM   666  N  N   . ARG A 1 85  ? -12.328 10.027  2.695   1.00 32.67 ? 85  ARG A N   1 
ATOM   667  C  CA  . ARG A 1 85  ? -13.580 9.759   1.991   1.00 32.68 ? 85  ARG A CA  1 
ATOM   668  C  C   . ARG A 1 85  ? -14.658 9.207   2.937   1.00 31.66 ? 85  ARG A C   1 
ATOM   669  O  O   . ARG A 1 85  ? -14.362 8.419   3.821   1.00 31.63 ? 85  ARG A O   1 
ATOM   670  C  CB  . ARG A 1 85  ? -13.371 8.701   0.904   1.00 32.69 ? 85  ARG A CB  1 
ATOM   671  C  CG  . ARG A 1 85  ? -12.245 9.107   -0.101  1.00 34.98 ? 85  ARG A CG  1 
ATOM   672  C  CD  . ARG A 1 85  ? -12.314 8.119   -1.295  1.00 36.76 ? 85  ARG A CD  1 
ATOM   673  N  NE  . ARG A 1 85  ? -11.087 8.141   -2.071  1.00 37.12 ? 85  ARG A NE  1 
ATOM   674  C  CZ  . ARG A 1 85  ? -10.770 7.260   -3.022  1.00 36.09 ? 85  ARG A CZ  1 
ATOM   675  N  NH1 . ARG A 1 85  ? -11.626 6.294   -3.398  1.00 32.46 ? 85  ARG A NH1 1 
ATOM   676  N  NH2 . ARG A 1 85  ? -9.587  7.397   -3.636  1.00 35.41 ? 85  ARG A NH2 1 
ATOM   677  N  N   . GLU A 1 86  ? -15.896 9.612   2.697   1.00 31.71 ? 86  GLU A N   1 
ATOM   678  C  CA  . GLU A 1 86  ? -17.022 9.146   3.569   1.00 31.70 ? 86  GLU A CA  1 
ATOM   679  C  C   . GLU A 1 86  ? -17.651 7.911   2.962   1.00 31.51 ? 86  GLU A C   1 
ATOM   680  O  O   . GLU A 1 86  ? -18.618 7.994   2.150   1.00 31.92 ? 86  GLU A O   1 
ATOM   681  C  CB  . GLU A 1 86  ? -18.045 10.285  3.728   1.00 32.50 ? 86  GLU A CB  1 
ATOM   682  C  CG  . GLU A 1 86  ? -17.407 11.563  4.239   1.00 34.31 ? 86  GLU A CG  1 
ATOM   683  C  CD  . GLU A 1 86  ? -18.357 12.756  4.286   1.00 39.67 ? 86  GLU A CD  1 
ATOM   684  O  OE1 . GLU A 1 86  ? -19.398 12.754  3.592   1.00 42.59 ? 86  GLU A OE1 1 
ATOM   685  O  OE2 . GLU A 1 86  ? -17.999 13.739  4.947   1.00 41.36 ? 86  GLU A OE2 1 
ATOM   686  N  N   . LEU A 1 87  ? -17.145 6.763   3.369   1.00 30.30 ? 87  LEU A N   1 
ATOM   687  C  CA  . LEU A 1 87  ? -17.452 5.515   2.690   1.00 32.21 ? 87  LEU A CA  1 
ATOM   688  C  C   . LEU A 1 87  ? -17.812 4.428   3.686   1.00 32.57 ? 87  LEU A C   1 
ATOM   689  O  O   . LEU A 1 87  ? -17.706 3.211   3.407   1.00 32.11 ? 87  LEU A O   1 
ATOM   690  C  CB  . LEU A 1 87  ? -16.233 5.099   1.801   1.00 33.10 ? 87  LEU A CB  1 
ATOM   691  C  CG  . LEU A 1 87  ? -16.019 5.953   0.530   1.00 34.02 ? 87  LEU A CG  1 
ATOM   692  C  CD1 . LEU A 1 87  ? -14.737 5.456   -0.207  1.00 35.97 ? 87  LEU A CD1 1 
ATOM   693  C  CD2 . LEU A 1 87  ? -17.227 5.931   -0.439  1.00 37.47 ? 87  LEU A CD2 1 
ATOM   694  N  N   . THR A 1 88  ? -18.248 4.867   4.888   1.00 33.04 ? 88  THR A N   1 
ATOM   695  C  CA  . THR A 1 88  ? -18.640 3.968   6.006   1.00 31.91 ? 88  THR A CA  1 
ATOM   696  C  C   . THR A 1 88  ? -17.474 3.423   6.801   1.00 31.62 ? 88  THR A C   1 
ATOM   697  O  O   . THR A 1 88  ? -17.690 2.778   7.819   1.00 31.60 ? 88  THR A O   1 
ATOM   698  C  CB  . THR A 1 88  ? -19.616 2.771   5.621   1.00 33.19 ? 88  THR A CB  1 
ATOM   699  O  OG1 . THR A 1 88  ? -18.857 1.640   5.165   1.00 35.11 ? 88  THR A OG1 1 
ATOM   700  C  CG2 . THR A 1 88  ? -20.631 3.172   4.585   1.00 34.21 ? 88  THR A CG2 1 
ATOM   701  N  N   . LYS A 1 89  ? -16.226 3.713   6.397   1.00 28.72 ? 89  LYS A N   1 
ATOM   702  C  CA  . LYS A 1 89  ? -15.073 3.151   7.103   1.00 28.71 ? 89  LYS A CA  1 
ATOM   703  C  C   . LYS A 1 89  ? -14.564 4.194   8.096   1.00 27.63 ? 89  LYS A C   1 
ATOM   704  O  O   . LYS A 1 89  ? -14.749 5.391   7.861   1.00 27.46 ? 89  LYS A O   1 
ATOM   705  C  CB  . LYS A 1 89  ? -13.882 2.906   6.086   1.00 29.19 ? 89  LYS A CB  1 
ATOM   706  C  CG  . LYS A 1 89  ? -14.354 2.119   4.818   1.00 29.24 ? 89  LYS A CG  1 
ATOM   707  C  CD  . LYS A 1 89  ? -14.831 0.667   5.174   1.00 29.81 ? 89  LYS A CD  1 
ATOM   708  C  CE  . LYS A 1 89  ? -15.382 -0.060  3.899   1.00 29.85 ? 89  LYS A CE  1 
ATOM   709  N  NZ  . LYS A 1 89  ? -15.688 -1.520  4.248   1.00 31.59 ? 89  LYS A NZ  1 
ATOM   710  N  N   . PRO A 1 90  ? -13.879 3.752   9.128   1.00 28.62 ? 90  PRO A N   1 
ATOM   711  C  CA  . PRO A 1 90  ? -13.087 4.664   9.952   1.00 30.61 ? 90  PRO A CA  1 
ATOM   712  C  C   . PRO A 1 90  ? -11.935 5.232   9.097   1.00 31.41 ? 90  PRO A C   1 
ATOM   713  O  O   . PRO A 1 90  ? -11.564 4.613   8.067   1.00 30.97 ? 90  PRO A O   1 
ATOM   714  C  CB  . PRO A 1 90  ? -12.507 3.769   11.036  1.00 30.79 ? 90  PRO A CB  1 
ATOM   715  C  CG  . PRO A 1 90  ? -12.876 2.384   10.714  1.00 32.87 ? 90  PRO A CG  1 
ATOM   716  C  CD  . PRO A 1 90  ? -13.774 2.339   9.555   1.00 29.11 ? 90  PRO A CD  1 
ATOM   717  N  N   . VAL A 1 91  ? -11.432 6.419   9.458   1.00 30.68 ? 91  VAL A N   1 
ATOM   718  C  CA  . VAL A 1 91  ? -10.360 7.054   8.693   1.00 30.26 ? 91  VAL A CA  1 
ATOM   719  C  C   . VAL A 1 91  ? -9.316  7.452   9.721   1.00 31.42 ? 91  VAL A C   1 
ATOM   720  O  O   . VAL A 1 91  ? -9.663  8.167   10.697  1.00 30.66 ? 91  VAL A O   1 
ATOM   721  C  CB  . VAL A 1 91  ? -10.845 8.291   7.949   1.00 30.88 ? 91  VAL A CB  1 
ATOM   722  C  CG1 . VAL A 1 91  ? -9.683  8.938   7.146   1.00 29.73 ? 91  VAL A CG1 1 
ATOM   723  C  CG2 . VAL A 1 91  ? -12.069 7.968   7.048   1.00 27.70 ? 91  VAL A CG2 1 
HETATM 724  N  N   . MSE A 1 92  ? -8.080  6.961   9.571   1.00 29.18 ? 92  MSE A N   1 
HETATM 725  C  CA  . MSE A 1 92  ? -7.009  7.194   10.559  1.00 30.29 ? 92  MSE A CA  1 
HETATM 726  C  C   . MSE A 1 92  ? -5.829  7.898   9.878   1.00 31.21 ? 92  MSE A C   1 
HETATM 727  O  O   . MSE A 1 92  ? -5.635  7.770   8.657   1.00 30.11 ? 92  MSE A O   1 
HETATM 728  C  CB  . MSE A 1 92  ? -6.483  5.857   11.133  1.00 30.30 ? 92  MSE A CB  1 
HETATM 729  C  CG  . MSE A 1 92  ? -7.506  5.041   11.902  1.00 34.42 ? 92  MSE A CG  1 
HETATM 730  SE SE  . MSE A 1 92  ? -6.885  3.523   12.759  0.69 32.11 ? 92  MSE A SE  1 
HETATM 731  C  CE  . MSE A 1 92  ? -8.359  2.313   12.221  1.00 39.96 ? 92  MSE A CE  1 
ATOM   732  N  N   . THR A 1 93  ? -5.055  8.652   10.648  1.00 30.51 ? 93  THR A N   1 
ATOM   733  C  CA  . THR A 1 93  ? -3.750  9.122   10.138  1.00 32.05 ? 93  THR A CA  1 
ATOM   734  C  C   . THR A 1 93  ? -2.777  7.940   10.020  1.00 31.03 ? 93  THR A C   1 
ATOM   735  O  O   . THR A 1 93  ? -2.983  6.843   10.618  1.00 29.97 ? 93  THR A O   1 
ATOM   736  C  CB  . THR A 1 93  ? -3.117  10.186  11.090  1.00 32.81 ? 93  THR A CB  1 
ATOM   737  O  OG1 . THR A 1 93  ? -2.832  9.542   12.332  1.00 34.50 ? 93  THR A OG1 1 
ATOM   738  C  CG2 . THR A 1 93  ? -4.095  11.341  11.329  1.00 35.61 ? 93  THR A CG2 1 
ATOM   739  N  N   . PRO A 1 94  ? -1.661  8.127   9.248   1.00 31.03 ? 94  PRO A N   1 
ATOM   740  C  CA  . PRO A 1 94  ? -0.721  7.022   9.161   1.00 29.57 ? 94  PRO A CA  1 
ATOM   741  C  C   . PRO A 1 94  ? -0.159  6.595   10.517  1.00 29.70 ? 94  PRO A C   1 
ATOM   742  O  O   . PRO A 1 94  ? 0.049   5.420   10.746  1.00 29.43 ? 94  PRO A O   1 
ATOM   743  C  CB  . PRO A 1 94  ? 0.412   7.601   8.253   1.00 30.45 ? 94  PRO A CB  1 
ATOM   744  C  CG  . PRO A 1 94  ? -0.327  8.562   7.340   1.00 30.08 ? 94  PRO A CG  1 
ATOM   745  C  CD  . PRO A 1 94  ? -1.367  9.198   8.252   1.00 29.90 ? 94  PRO A CD  1 
ATOM   746  N  N   A GLU A 1 95  ? 0.043   7.563   11.403  0.50 28.97 ? 95  GLU A N   1 
ATOM   747  N  N   B GLU A 1 95  ? 0.115   7.542   11.411  0.50 30.48 ? 95  GLU A N   1 
ATOM   748  C  CA  A GLU A 1 95  ? 0.513   7.253   12.724  0.50 28.89 ? 95  GLU A CA  1 
ATOM   749  C  CA  B GLU A 1 95  ? 0.781   7.207   12.665  0.50 31.73 ? 95  GLU A CA  1 
ATOM   750  C  C   A GLU A 1 95  ? -0.485  6.330   13.472  0.50 29.20 ? 95  GLU A C   1 
ATOM   751  C  C   B GLU A 1 95  ? -0.109  6.256   13.506  0.50 31.37 ? 95  GLU A C   1 
ATOM   752  O  O   A GLU A 1 95  ? -0.101  5.254   13.932  0.50 29.18 ? 95  GLU A O   1 
ATOM   753  O  O   B GLU A 1 95  ? 0.334   5.200   14.005  0.50 31.14 ? 95  GLU A O   1 
ATOM   754  C  CB  A GLU A 1 95  ? 0.786   8.537   13.507  0.50 28.85 ? 95  GLU A CB  1 
ATOM   755  C  CB  B GLU A 1 95  ? 1.115   8.495   13.423  0.50 32.65 ? 95  GLU A CB  1 
ATOM   756  C  CG  A GLU A 1 95  ? 1.530   8.276   14.806  0.50 27.01 ? 95  GLU A CG  1 
ATOM   757  C  CG  B GLU A 1 95  ? 0.344   8.733   14.712  0.50 38.62 ? 95  GLU A CG  1 
ATOM   758  C  CD  A GLU A 1 95  ? 1.733   9.535   15.676  0.50 29.87 ? 95  GLU A CD  1 
ATOM   759  C  CD  B GLU A 1 95  ? 0.982   8.049   15.886  0.50 44.17 ? 95  GLU A CD  1 
ATOM   760  O  OE1 A GLU A 1 95  ? 1.503   10.679  15.241  0.50 29.87 ? 95  GLU A OE1 1 
ATOM   761  O  OE1 B GLU A 1 95  ? 0.604   8.348   17.039  0.50 49.24 ? 95  GLU A OE1 1 
ATOM   762  O  OE2 A GLU A 1 95  ? 2.153   9.363   16.821  0.50 34.01 ? 95  GLU A OE2 1 
ATOM   763  O  OE2 B GLU A 1 95  ? 1.880   7.223   15.660  0.50 46.63 ? 95  GLU A OE2 1 
ATOM   764  N  N   A ARG A 1 96  ? -1.753  6.731   13.550  0.60 30.43 ? 96  ARG A N   1 
ATOM   765  N  N   B ARG A 1 96  ? -1.380  6.642   13.617  0.40 31.02 ? 96  ARG A N   1 
ATOM   766  C  CA  A ARG A 1 96  ? -2.748  5.972   14.326  0.60 31.29 ? 96  ARG A CA  1 
ATOM   767  C  CA  B ARG A 1 96  ? -2.413  5.888   14.357  0.40 31.02 ? 96  ARG A CA  1 
ATOM   768  C  C   A ARG A 1 96  ? -3.054  4.637   13.653  0.60 30.42 ? 96  ARG A C   1 
ATOM   769  C  C   B ARG A 1 96  ? -2.803  4.584   13.655  0.40 30.38 ? 96  ARG A C   1 
ATOM   770  O  O   A ARG A 1 96  ? -3.270  3.616   14.317  0.60 30.96 ? 96  ARG A O   1 
ATOM   771  O  O   B ARG A 1 96  ? -2.955  3.548   14.319  0.40 30.62 ? 96  ARG A O   1 
ATOM   772  C  CB  A ARG A 1 96  ? -3.984  6.830   14.503  0.60 31.43 ? 96  ARG A CB  1 
ATOM   773  C  CB  B ARG A 1 96  ? -3.685  6.731   14.550  0.40 30.86 ? 96  ARG A CB  1 
ATOM   774  C  CG  A ARG A 1 96  ? -3.767  7.971   15.510  0.60 36.07 ? 96  ARG A CG  1 
ATOM   775  C  CG  B ARG A 1 96  ? -3.541  8.052   15.314  0.40 32.72 ? 96  ARG A CG  1 
ATOM   776  C  CD  A ARG A 1 96  ? -4.105  7.491   16.909  0.60 43.09 ? 96  ARG A CD  1 
ATOM   777  C  CD  B ARG A 1 96  ? -2.641  7.961   16.520  0.40 35.72 ? 96  ARG A CD  1 
ATOM   778  N  NE  A ARG A 1 96  ? -4.508  8.599   17.762  0.60 49.56 ? 96  ARG A NE  1 
ATOM   779  N  NE  B ARG A 1 96  ? -2.919  6.849   17.425  0.40 39.08 ? 96  ARG A NE  1 
ATOM   780  C  CZ  A ARG A 1 96  ? -5.205  8.478   18.889  0.60 50.27 ? 96  ARG A CZ  1 
ATOM   781  C  CZ  B ARG A 1 96  ? -1.987  6.257   18.176  0.40 40.39 ? 96  ARG A CZ  1 
ATOM   782  N  NH1 A ARG A 1 96  ? -5.501  9.580   19.581  0.60 52.18 ? 96  ARG A NH1 1 
ATOM   783  N  NH1 B ARG A 1 96  ? -2.318  5.264   18.984  0.40 39.12 ? 96  ARG A NH1 1 
ATOM   784  N  NH2 A ARG A 1 96  ? -5.620  7.279   19.315  0.60 48.77 ? 96  ARG A NH2 1 
ATOM   785  N  NH2 B ARG A 1 96  ? -0.711  6.640   18.093  0.40 40.76 ? 96  ARG A NH2 1 
ATOM   786  N  N   . ALA A 1 97  ? -2.991  4.626   12.326  1.00 29.28 ? 97  ALA A N   1 
ATOM   787  C  CA  . ALA A 1 97  ? -3.180  3.381   11.534  1.00 29.28 ? 97  ALA A CA  1 
ATOM   788  C  C   . ALA A 1 97  ? -2.082  2.353   11.746  1.00 29.95 ? 97  ALA A C   1 
ATOM   789  O  O   . ALA A 1 97  ? -2.365  1.165   12.013  1.00 29.28 ? 97  ALA A O   1 
ATOM   790  C  CB  . ALA A 1 97  ? -3.354  3.704   10.054  1.00 28.00 ? 97  ALA A CB  1 
HETATM 791  N  N   . MSE A 1 98  ? -0.815  2.772   11.639  1.00 30.12 ? 98  MSE A N   1 
HETATM 792  C  CA  . MSE A 1 98  ? 0.273   1.832   11.822  1.00 30.86 ? 98  MSE A CA  1 
HETATM 793  C  C   . MSE A 1 98  ? 0.369   1.398   13.299  1.00 32.55 ? 98  MSE A C   1 
HETATM 794  O  O   . MSE A 1 98  ? 0.790   0.275   13.554  1.00 31.45 ? 98  MSE A O   1 
HETATM 795  C  CB  . MSE A 1 98  ? 1.622   2.359   11.268  1.00 29.95 ? 98  MSE A CB  1 
HETATM 796  C  CG  . MSE A 1 98  ? 1.562   2.689   9.734   1.00 32.15 ? 98  MSE A CG  1 
HETATM 797  SE SE  . MSE A 1 98  ? 1.141   1.078   8.682   0.84 33.86 ? 98  MSE A SE  1 
HETATM 798  C  CE  . MSE A 1 98  ? -0.812  1.258   8.519   1.00 31.59 ? 98  MSE A CE  1 
ATOM   799  N  N   . ALA A 1 99  ? 0.024   2.279   14.257  1.00 32.58 ? 99  ALA A N   1 
ATOM   800  C  CA  . ALA A 1 99  ? -0.055  1.830   15.670  1.00 33.94 ? 99  ALA A CA  1 
ATOM   801  C  C   . ALA A 1 99  ? -1.070  0.706   15.819  1.00 34.09 ? 99  ALA A C   1 
ATOM   802  O  O   . ALA A 1 99  ? -0.774  -0.319  16.446  1.00 34.72 ? 99  ALA A O   1 
ATOM   803  C  CB  . ALA A 1 99  ? -0.430  2.997   16.628  1.00 32.95 ? 99  ALA A CB  1 
ATOM   804  N  N   . HIS A 1 100 ? -2.255  0.882   15.234  1.00 33.47 ? 100 HIS A N   1 
ATOM   805  C  CA  . HIS A 1 100 ? -3.284  -0.180  15.284  1.00 35.10 ? 100 HIS A CA  1 
ATOM   806  C  C   . HIS A 1 100 ? -2.782  -1.444  14.562  1.00 36.30 ? 100 HIS A C   1 
ATOM   807  O  O   . HIS A 1 100 ? -2.973  -2.597  15.037  1.00 35.01 ? 100 HIS A O   1 
ATOM   808  C  CB  . HIS A 1 100 ? -4.619  0.324   14.714  1.00 34.56 ? 100 HIS A CB  1 
ATOM   809  C  CG  . HIS A 1 100 ? -5.741  -0.685  14.777  1.00 39.33 ? 100 HIS A CG  1 
ATOM   810  N  ND1 . HIS A 1 100 ? -6.118  -1.320  15.946  1.00 39.44 ? 100 HIS A ND1 1 
ATOM   811  C  CD2 . HIS A 1 100 ? -6.587  -1.140  13.816  1.00 38.56 ? 100 HIS A CD2 1 
ATOM   812  C  CE1 . HIS A 1 100 ? -7.129  -2.136  15.698  1.00 41.20 ? 100 HIS A CE1 1 
ATOM   813  N  NE2 . HIS A 1 100 ? -7.439  -2.038  14.415  1.00 42.41 ? 100 HIS A NE2 1 
ATOM   814  N  N   . GLY A 1 101 ? -2.148  -1.228  13.404  1.00 35.99 ? 101 GLY A N   1 
ATOM   815  C  CA  . GLY A 1 101 ? -1.519  -2.300  12.633  1.00 35.68 ? 101 GLY A CA  1 
ATOM   816  C  C   . GLY A 1 101 ? -0.509  -3.107  13.434  1.00 38.06 ? 101 GLY A C   1 
ATOM   817  O  O   . GLY A 1 101 ? -0.534  -4.362  13.388  1.00 37.07 ? 101 GLY A O   1 
ATOM   818  N  N   . ARG A 1 102 ? 0.390   -2.417  14.152  1.00 38.45 ? 102 ARG A N   1 
ATOM   819  C  CA  . ARG A 1 102 ? 1.373   -3.109  14.996  1.00 41.33 ? 102 ARG A CA  1 
ATOM   820  C  C   . ARG A 1 102 ? 0.706   -3.905  16.135  1.00 41.73 ? 102 ARG A C   1 
ATOM   821  O  O   . ARG A 1 102 ? 1.161   -4.984  16.464  1.00 42.58 ? 102 ARG A O   1 
ATOM   822  C  CB  . ARG A 1 102 ? 2.424   -2.154  15.587  1.00 40.95 ? 102 ARG A CB  1 
ATOM   823  C  CG  . ARG A 1 102 ? 3.514   -1.660  14.617  1.00 45.56 ? 102 ARG A CG  1 
ATOM   824  C  CD  . ARG A 1 102 ? 4.513   -0.635  15.273  1.00 49.06 ? 102 ARG A CD  1 
ATOM   825  N  NE  . ARG A 1 102 ? 3.855   0.588   15.798  1.00 52.50 ? 102 ARG A NE  1 
ATOM   826  C  CZ  . ARG A 1 102 ? 3.747   1.756   15.134  1.00 54.79 ? 102 ARG A CZ  1 
ATOM   827  N  NH1 . ARG A 1 102 ? 3.116   2.825   15.669  1.00 45.63 ? 102 ARG A NH1 1 
ATOM   828  N  NH2 . ARG A 1 102 ? 4.263   1.856   13.913  1.00 55.90 ? 102 ARG A NH2 1 
ATOM   829  N  N   . ALA A 1 103 ? -0.347  -3.354  16.738  1.00 42.38 ? 103 ALA A N   1 
ATOM   830  C  CA  . ALA A 1 103 ? -1.105  -4.056  17.776  1.00 43.56 ? 103 ALA A CA  1 
ATOM   831  C  C   . ALA A 1 103 ? -1.723  -5.343  17.200  1.00 44.23 ? 103 ALA A C   1 
ATOM   832  O  O   . ALA A 1 103 ? -1.658  -6.400  17.841  1.00 44.58 ? 103 ALA A O   1 
ATOM   833  C  CB  . ALA A 1 103 ? -2.204  -3.150  18.357  1.00 43.09 ? 103 ALA A CB  1 
ATOM   834  N  N   . LEU A 1 104 ? -2.335  -5.247  16.012  1.00 43.14 ? 104 LEU A N   1 
ATOM   835  C  CA  . LEU A 1 104 ? -2.894  -6.423  15.348  1.00 44.08 ? 104 LEU A CA  1 
ATOM   836  C  C   . LEU A 1 104 ? -1.825  -7.473  15.051  1.00 44.84 ? 104 LEU A C   1 
ATOM   837  O  O   . LEU A 1 104 ? -2.030  -8.657  15.354  1.00 45.34 ? 104 LEU A O   1 
ATOM   838  C  CB  . LEU A 1 104 ? -3.660  -6.059  14.067  1.00 43.27 ? 104 LEU A CB  1 
ATOM   839  C  CG  . LEU A 1 104 ? -4.962  -5.285  14.257  1.00 42.47 ? 104 LEU A CG  1 
ATOM   840  C  CD1 . LEU A 1 104 ? -5.392  -4.696  12.943  1.00 39.50 ? 104 LEU A CD1 1 
ATOM   841  C  CD2 . LEU A 1 104 ? -6.076  -6.170  14.852  1.00 45.75 ? 104 LEU A CD2 1 
ATOM   842  N  N   . THR A 1 105 ? -0.698  -7.070  14.466  1.00 45.16 ? 105 THR A N   1 
ATOM   843  C  CA  . THR A 1 105 ? 0.320   -8.060  14.096  1.00 46.92 ? 105 THR A CA  1 
ATOM   844  C  C   . THR A 1 105 ? 0.948   -8.698  15.349  1.00 49.20 ? 105 THR A C   1 
ATOM   845  O  O   . THR A 1 105 ? 1.253   -9.885  15.339  1.00 49.48 ? 105 THR A O   1 
ATOM   846  C  CB  . THR A 1 105 ? 1.425   -7.535  13.132  1.00 46.15 ? 105 THR A CB  1 
ATOM   847  O  OG1 . THR A 1 105 ? 2.170   -6.481  13.750  1.00 48.43 ? 105 THR A OG1 1 
ATOM   848  C  CG2 . THR A 1 105 ? 0.827   -7.038  11.831  1.00 43.83 ? 105 THR A CG2 1 
ATOM   849  N  N   . GLY A 1 106 ? 1.155   -7.898  16.398  1.00 50.70 ? 106 GLY A N   1 
ATOM   850  C  CA  . GLY A 1 106 ? 1.560   -8.404  17.719  1.00 52.87 ? 106 GLY A CA  1 
ATOM   851  C  C   . GLY A 1 106 ? 0.646   -9.487  18.283  1.00 53.58 ? 106 GLY A C   1 
ATOM   852  O  O   . GLY A 1 106 ? 1.105   -10.317 19.052  1.00 55.02 ? 106 GLY A O   1 
ATOM   853  N  N   A GLU A 1 107 ? -0.636  -9.465  17.904  0.60 53.93 ? 107 GLU A N   1 
ATOM   854  N  N   B GLU A 1 107 ? -0.631  -9.468  17.910  0.40 53.79 ? 107 GLU A N   1 
ATOM   855  C  CA  A GLU A 1 107 ? -1.634  -10.480 18.281  0.60 54.01 ? 107 GLU A CA  1 
ATOM   856  C  CA  B GLU A 1 107 ? -1.581  -10.500 18.312  0.40 53.76 ? 107 GLU A CA  1 
ATOM   857  C  C   A GLU A 1 107 ? -1.702  -11.667 17.311  0.60 53.75 ? 107 GLU A C   1 
ATOM   858  C  C   B GLU A 1 107 ? -1.770  -11.571 17.231  0.40 53.55 ? 107 GLU A C   1 
ATOM   859  O  O   A GLU A 1 107 ? -2.621  -12.495 17.397  0.60 53.37 ? 107 GLU A O   1 
ATOM   860  O  O   B GLU A 1 107 ? -2.817  -12.232 17.177  0.40 53.33 ? 107 GLU A O   1 
ATOM   861  C  CB  A GLU A 1 107 ? -3.039  -9.866  18.347  0.60 54.19 ? 107 GLU A CB  1 
ATOM   862  C  CB  B GLU A 1 107 ? -2.927  -9.872  18.681  0.40 53.91 ? 107 GLU A CB  1 
ATOM   863  C  CG  A GLU A 1 107 ? -3.286  -8.909  19.493  0.60 56.84 ? 107 GLU A CG  1 
ATOM   864  C  CG  B GLU A 1 107 ? -2.875  -9.020  19.945  0.40 55.44 ? 107 GLU A CG  1 
ATOM   865  C  CD  A GLU A 1 107 ? -4.702  -8.351  19.498  0.60 59.29 ? 107 GLU A CD  1 
ATOM   866  C  CD  B GLU A 1 107 ? -3.005  -9.847  21.212  0.40 57.01 ? 107 GLU A CD  1 
ATOM   867  O  OE1 A GLU A 1 107 ? -5.554  -8.827  18.713  0.60 60.46 ? 107 GLU A OE1 1 
ATOM   868  O  OE1 B GLU A 1 107 ? -3.926  -10.692 21.278  0.40 57.93 ? 107 GLU A OE1 1 
ATOM   869  O  OE2 A GLU A 1 107 ? -4.961  -7.428  20.298  0.60 62.25 ? 107 GLU A OE2 1 
ATOM   870  O  OE2 B GLU A 1 107 ? -2.193  -9.652  22.142  0.40 57.28 ? 107 GLU A OE2 1 
ATOM   871  N  N   . GLY A 1 108 ? -0.755  -11.728 16.377  1.00 53.16 ? 108 GLY A N   1 
ATOM   872  C  CA  . GLY A 1 108 ? -0.760  -12.746 15.324  1.00 51.99 ? 108 GLY A CA  1 
ATOM   873  C  C   . GLY A 1 108 ? -1.750  -12.554 14.180  1.00 51.36 ? 108 GLY A C   1 
ATOM   874  O  O   . GLY A 1 108 ? -2.063  -13.514 13.467  1.00 50.83 ? 108 GLY A O   1 
ATOM   875  N  N   . ARG A 1 109 ? -2.241  -11.331 13.983  1.00 49.42 ? 109 ARG A N   1 
ATOM   876  C  CA  . ARG A 1 109 ? -3.161  -11.072 12.878  1.00 48.80 ? 109 ARG A CA  1 
ATOM   877  C  C   . ARG A 1 109 ? -2.404  -10.549 11.642  1.00 46.84 ? 109 ARG A C   1 
ATOM   878  O  O   . ARG A 1 109 ? -1.339  -9.919  11.761  1.00 46.94 ? 109 ARG A O   1 
ATOM   879  C  CB  . ARG A 1 109 ? -4.309  -10.156 13.301  1.00 48.93 ? 109 ARG A CB  1 
ATOM   880  C  CG  . ARG A 1 109 ? -5.116  -10.740 14.469  1.00 55.04 ? 109 ARG A CG  1 
ATOM   881  C  CD  . ARG A 1 109 ? -6.573  -10.809 14.128  1.00 62.19 ? 109 ARG A CD  1 
ATOM   882  N  NE  . ARG A 1 109 ? -7.287  -11.805 14.924  1.00 70.43 ? 109 ARG A NE  1 
ATOM   883  C  CZ  . ARG A 1 109 ? -7.730  -11.605 16.169  1.00 73.50 ? 109 ARG A CZ  1 
ATOM   884  N  NH1 . ARG A 1 109 ? -7.517  -10.446 16.791  1.00 75.16 ? 109 ARG A NH1 1 
ATOM   885  N  NH2 . ARG A 1 109 ? -8.381  -12.578 16.799  1.00 75.11 ? 109 ARG A NH2 1 
ATOM   886  N  N   . ARG A 1 110 ? -2.940  -10.864 10.466  1.00 44.58 ? 110 ARG A N   1 
ATOM   887  C  CA  . ARG A 1 110 ? -2.312  -10.505 9.204   1.00 42.72 ? 110 ARG A CA  1 
ATOM   888  C  C   . ARG A 1 110 ? -2.904  -9.184  8.717   1.00 39.62 ? 110 ARG A C   1 
ATOM   889  O  O   . ARG A 1 110 ? -4.111  -9.035  8.599   1.00 39.15 ? 110 ARG A O   1 
ATOM   890  C  CB  . ARG A 1 110 ? -2.499  -11.624 8.183   1.00 43.61 ? 110 ARG A CB  1 
ATOM   891  C  CG  . ARG A 1 110 ? -1.723  -12.916 8.575   1.00 50.07 ? 110 ARG A CG  1 
ATOM   892  C  CD  . ARG A 1 110 ? -2.094  -14.109 7.665   1.00 61.28 ? 110 ARG A CD  1 
ATOM   893  N  NE  . ARG A 1 110 ? -1.225  -15.269 7.896   1.00 69.38 ? 110 ARG A NE  1 
ATOM   894  C  CZ  . ARG A 1 110 ? -0.840  -16.139 6.958   1.00 73.62 ? 110 ARG A CZ  1 
ATOM   895  N  NH1 . ARG A 1 110 ? -0.050  -17.162 7.289   1.00 74.94 ? 110 ARG A NH1 1 
ATOM   896  N  NH2 . ARG A 1 110 ? -1.231  -15.995 5.690   1.00 75.30 ? 110 ARG A NH2 1 
ATOM   897  N  N   . VAL A 1 111 ? -2.027  -8.243  8.426   1.00 36.71 ? 111 VAL A N   1 
ATOM   898  C  CA  . VAL A 1 111 ? -2.445  -6.910  8.042   1.00 34.63 ? 111 VAL A CA  1 
ATOM   899  C  C   . VAL A 1 111 ? -2.035  -6.605  6.580   1.00 33.02 ? 111 VAL A C   1 
ATOM   900  O  O   . VAL A 1 111 ? -0.906  -6.850  6.193   1.00 33.06 ? 111 VAL A O   1 
ATOM   901  C  CB  . VAL A 1 111 ? -1.833  -5.871  9.022   1.00 35.50 ? 111 VAL A CB  1 
ATOM   902  C  CG1 . VAL A 1 111 ? -2.050  -4.427  8.493   1.00 33.84 ? 111 VAL A CG1 1 
ATOM   903  C  CG2 . VAL A 1 111 ? -2.472  -6.034  10.449  1.00 34.45 ? 111 VAL A CG2 1 
ATOM   904  N  N   . GLY A 1 112 ? -2.965  -6.083  5.803   1.00 32.38 ? 112 GLY A N   1 
ATOM   905  C  CA  . GLY A 1 112 ? -2.700  -5.643  4.418   1.00 30.64 ? 112 GLY A CA  1 
ATOM   906  C  C   . GLY A 1 112 ? -2.900  -4.130  4.276   1.00 30.73 ? 112 GLY A C   1 
ATOM   907  O  O   . GLY A 1 112 ? -3.688  -3.535  5.010   1.00 28.62 ? 112 GLY A O   1 
ATOM   908  N  N   . ILE A 1 113 ? -2.174  -3.497  3.340   1.00 26.83 ? 113 ILE A N   1 
ATOM   909  C  CA  . ILE A 1 113 ? -2.367  -2.066  3.070   1.00 26.54 ? 113 ILE A CA  1 
ATOM   910  C  C   . ILE A 1 113 ? -2.492  -1.879  1.554   1.00 26.14 ? 113 ILE A C   1 
ATOM   911  O  O   . ILE A 1 113 ? -1.566  -2.268  0.832   1.00 26.66 ? 113 ILE A O   1 
ATOM   912  C  CB  . ILE A 1 113 ? -1.178  -1.247  3.519   1.00 27.11 ? 113 ILE A CB  1 
ATOM   913  C  CG1 . ILE A 1 113 ? -0.842  -1.515  5.009   1.00 29.43 ? 113 ILE A CG1 1 
ATOM   914  C  CG2 . ILE A 1 113 ? -1.409  0.257   3.236   1.00 25.61 ? 113 ILE A CG2 1 
ATOM   915  C  CD1 . ILE A 1 113 ? 0.584   -1.011  5.476   1.00 33.29 ? 113 ILE A CD1 1 
ATOM   916  N  N   . LEU A 1 114 ? -3.602  -1.322  1.101   1.00 25.33 ? 114 LEU A N   1 
ATOM   917  C  CA  . LEU A 1 114 ? -3.836  -1.100  -0.314  1.00 26.84 ? 114 LEU A CA  1 
ATOM   918  C  C   . LEU A 1 114 ? -3.344  0.262   -0.749  1.00 27.52 ? 114 LEU A C   1 
ATOM   919  O  O   . LEU A 1 114 ? -3.612  1.261   -0.035  1.00 26.20 ? 114 LEU A O   1 
ATOM   920  C  CB  . LEU A 1 114 ? -5.320  -1.139  -0.643  1.00 25.95 ? 114 LEU A CB  1 
ATOM   921  C  CG  . LEU A 1 114 ? -6.023  -2.454  -0.221  1.00 29.13 ? 114 LEU A CG  1 
ATOM   922  C  CD1 . LEU A 1 114 ? -7.505  -2.274  -0.509  1.00 27.64 ? 114 LEU A CD1 1 
ATOM   923  C  CD2 . LEU A 1 114 ? -5.437  -3.701  -0.979  1.00 27.65 ? 114 LEU A CD2 1 
ATOM   924  N  N   . PHE A 1 115 ? -2.681  0.296   -1.922  1.00 26.58 ? 115 PHE A N   1 
ATOM   925  C  CA  . PHE A 1 115 ? -2.233  1.563   -2.565  1.00 26.59 ? 115 PHE A CA  1 
ATOM   926  C  C   . PHE A 1 115 ? -2.787  1.534   -3.976  1.00 28.53 ? 115 PHE A C   1 
ATOM   927  O  O   . PHE A 1 115 ? -2.691  0.482   -4.672  1.00 27.98 ? 115 PHE A O   1 
ATOM   928  C  CB  . PHE A 1 115 ? -0.691  1.600   -2.637  1.00 25.79 ? 115 PHE A CB  1 
ATOM   929  C  CG  . PHE A 1 115 ? -0.014  1.566   -1.306  1.00 26.45 ? 115 PHE A CG  1 
ATOM   930  C  CD1 . PHE A 1 115 ? 0.335   2.769   -0.667  1.00 25.38 ? 115 PHE A CD1 1 
ATOM   931  C  CD2 . PHE A 1 115 ? 0.249   0.365   -0.664  1.00 25.03 ? 115 PHE A CD2 1 
ATOM   932  C  CE1 . PHE A 1 115 ? 0.940   2.762   0.557   1.00 26.00 ? 115 PHE A CE1 1 
ATOM   933  C  CE2 . PHE A 1 115 ? 0.872   0.341   0.566   1.00 27.53 ? 115 PHE A CE2 1 
ATOM   934  C  CZ  . PHE A 1 115 ? 1.213   1.570   1.203   1.00 27.24 ? 115 PHE A CZ  1 
ATOM   935  N  N   . GLY A 1 116 ? -3.356  2.651   -4.414  1.00 27.67 ? 116 GLY A N   1 
ATOM   936  C  CA  . GLY A 1 116 ? -3.939  2.732   -5.758  1.00 29.91 ? 116 GLY A CA  1 
ATOM   937  C  C   . GLY A 1 116 ? -2.908  3.114   -6.821  1.00 30.54 ? 116 GLY A C   1 
ATOM   938  O  O   . GLY A 1 116 ? -1.755  3.435   -6.496  1.00 30.72 ? 116 GLY A O   1 
ATOM   939  N  N   . PRO A 1 117 ? -3.342  3.111   -8.079  1.00 32.76 ? 117 PRO A N   1 
ATOM   940  C  CA  . PRO A 1 117 ? -2.502  3.561   -9.188  1.00 36.18 ? 117 PRO A CA  1 
ATOM   941  C  C   . PRO A 1 117 ? -2.204  5.043   -9.008  1.00 39.46 ? 117 PRO A C   1 
ATOM   942  O  O   . PRO A 1 117 ? -3.032  5.803   -8.468  1.00 37.64 ? 117 PRO A O   1 
ATOM   943  C  CB  . PRO A 1 117 ? -3.365  3.319   -10.433 1.00 36.41 ? 117 PRO A CB  1 
ATOM   944  C  CG  . PRO A 1 117 ? -4.663  2.833   -9.993  1.00 35.02 ? 117 PRO A CG  1 
ATOM   945  C  CD  . PRO A 1 117 ? -4.683  2.679   -8.498  1.00 33.34 ? 117 PRO A CD  1 
ATOM   946  N  N   . GLU A 1 118 ? -1.024  5.441   -9.460  1.00 43.38 ? 118 GLU A N   1 
ATOM   947  C  CA  . GLU A 1 118 ? -0.517  6.781   -9.192  1.00 47.54 ? 118 GLU A CA  1 
ATOM   948  C  C   . GLU A 1 118 ? -1.394  7.971   -9.613  1.00 48.71 ? 118 GLU A C   1 
ATOM   949  O  O   . GLU A 1 118 ? -1.445  8.977   -8.884  1.00 50.23 ? 118 GLU A O   1 
ATOM   950  C  CB  . GLU A 1 118 ? 0.911   6.950   -9.753  1.00 48.41 ? 118 GLU A CB  1 
ATOM   951  C  CG  . GLU A 1 118 ? 1.695   8.016   -9.001  1.00 50.11 ? 118 GLU A CG  1 
ATOM   952  C  CD  . GLU A 1 118 ? 3.156   8.003   -9.354  1.00 53.57 ? 118 GLU A CD  1 
ATOM   953  O  OE1 . GLU A 1 118 ? 3.489   8.536   -10.436 1.00 55.98 ? 118 GLU A OE1 1 
ATOM   954  O  OE2 . GLU A 1 118 ? 3.967   7.471   -8.558  1.00 51.71 ? 118 GLU A OE2 1 
ATOM   955  N  N   A ARG A 1 119 ? -2.104  7.829   -10.735 0.50 49.35 ? 119 ARG A N   1 
ATOM   956  N  N   B ARG A 1 119 ? -2.065  7.933   -10.750 0.50 49.34 ? 119 ARG A N   1 
ATOM   957  C  CA  A ARG A 1 119 ? -2.845  8.958   -11.351 0.50 50.76 ? 119 ARG A CA  1 
ATOM   958  C  CA  B ARG A 1 119 ? -2.837  9.150   -11.047 0.50 50.66 ? 119 ARG A CA  1 
ATOM   959  C  C   A ARG A 1 119 ? -4.305  9.125   -10.895 0.50 50.34 ? 119 ARG A C   1 
ATOM   960  C  C   B ARG A 1 119 ? -4.163  9.171   -10.302 0.50 50.22 ? 119 ARG A C   1 
ATOM   961  O  O   A ARG A 1 119 ? -4.891  10.199  -11.034 0.50 50.24 ? 119 ARG A O   1 
ATOM   962  O  O   B ARG A 1 119 ? -4.500  10.164  -9.655  0.50 50.59 ? 119 ARG A O   1 
ATOM   963  C  CB  A ARG A 1 119 ? -2.791  8.870   -12.889 0.50 51.38 ? 119 ARG A CB  1 
ATOM   964  C  CB  B ARG A 1 119 ? -3.021  9.418   -12.551 0.50 50.95 ? 119 ARG A CB  1 
ATOM   965  C  CG  A ARG A 1 119 ? -1.413  9.174   -13.500 0.50 53.38 ? 119 ARG A CG  1 
ATOM   966  C  CG  B ARG A 1 119 ? -1.996  10.407  -13.134 0.50 53.77 ? 119 ARG A CG  1 
ATOM   967  C  CD  A ARG A 1 119 ? -1.279  8.625   -14.922 0.50 57.38 ? 119 ARG A CD  1 
ATOM   968  C  CD  B ARG A 1 119 ? -0.645  9.742   -13.402 0.50 56.79 ? 119 ARG A CD  1 
ATOM   969  N  NE  A ARG A 1 119 ? -2.350  9.092   -15.801 0.50 59.87 ? 119 ARG A NE  1 
ATOM   970  N  NE  B ARG A 1 119 ? 0.465   10.695  -13.410 0.50 59.13 ? 119 ARG A NE  1 
ATOM   971  C  CZ  A ARG A 1 119 ? -2.224  10.108  -16.653 0.50 61.03 ? 119 ARG A CZ  1 
ATOM   972  C  CZ  B ARG A 1 119 ? 1.038   11.165  -14.513 0.50 60.44 ? 119 ARG A CZ  1 
ATOM   973  N  NH1 A ARG A 1 119 ? -1.072  10.765  -16.739 0.50 61.30 ? 119 ARG A NH1 1 
ATOM   974  N  NH1 B ARG A 1 119 ? 0.606   10.776  -15.707 0.50 61.43 ? 119 ARG A NH1 1 
ATOM   975  N  NH2 A ARG A 1 119 ? -3.245  10.467  -17.420 0.50 60.40 ? 119 ARG A NH2 1 
ATOM   976  N  NH2 B ARG A 1 119 ? 2.044   12.024  -14.424 0.50 60.75 ? 119 ARG A NH2 1 
ATOM   977  N  N   . THR A 1 120 ? -4.888  8.060   -10.365 1.00 49.49 ? 120 THR A N   1 
ATOM   978  C  CA  . THR A 1 120 ? -6.276  8.070   -9.959  1.00 48.32 ? 120 THR A CA  1 
ATOM   979  C  C   . THR A 1 120 ? -6.502  7.703   -8.481  1.00 44.47 ? 120 THR A C   1 
ATOM   980  O  O   . THR A 1 120 ? -7.512  8.045   -7.944  1.00 43.57 ? 120 THR A O   1 
ATOM   981  C  CB  . THR A 1 120 ? -7.141  7.158   -10.881 1.00 49.36 ? 120 THR A CB  1 
ATOM   982  O  OG1 . THR A 1 120 ? -6.821  5.780   -10.637 1.00 54.89 ? 120 THR A OG1 1 
ATOM   983  C  CG2 . THR A 1 120 ? -6.898  7.483   -12.364 1.00 52.25 ? 120 THR A CG2 1 
ATOM   984  N  N   . GLY A 1 121 ? -5.572  6.993   -7.844  1.00 41.14 ? 121 GLY A N   1 
ATOM   985  C  CA  . GLY A 1 121 ? -5.828  6.422   -6.513  1.00 37.38 ? 121 GLY A CA  1 
ATOM   986  C  C   . GLY A 1 121 ? -6.792  5.253   -6.551  1.00 35.13 ? 121 GLY A C   1 
ATOM   987  O  O   . GLY A 1 121 ? -7.250  4.833   -7.626  1.00 33.97 ? 121 GLY A O   1 
ATOM   988  N  N   . LEU A 1 122 ? -7.118  4.701   -5.373  1.00 32.69 ? 122 LEU A N   1 
ATOM   989  C  CA  . LEU A 1 122 ? -8.089  3.620   -5.312  1.00 32.86 ? 122 LEU A CA  1 
ATOM   990  C  C   . LEU A 1 122 ? -9.474  4.098   -5.708  1.00 33.87 ? 122 LEU A C   1 
ATOM   991  O  O   . LEU A 1 122 ? -9.835  5.258   -5.436  1.00 33.93 ? 122 LEU A O   1 
ATOM   992  C  CB  . LEU A 1 122 ? -8.142  3.024   -3.903  1.00 32.04 ? 122 LEU A CB  1 
ATOM   993  C  CG  . LEU A 1 122 ? -6.857  2.367   -3.428  1.00 31.02 ? 122 LEU A CG  1 
ATOM   994  C  CD1 . LEU A 1 122 ? -6.946  2.179   -1.893  1.00 29.96 ? 122 LEU A CD1 1 
ATOM   995  C  CD2 . LEU A 1 122 ? -6.604  0.971   -4.149  1.00 32.18 ? 122 LEU A CD2 1 
ATOM   996  N  N   A GLU A 1 123 ? -10.244 3.204   -6.322  0.60 33.53 ? 123 GLU A N   1 
ATOM   997  N  N   B GLU A 1 123 ? -10.257 3.232   -6.344  0.40 33.71 ? 123 GLU A N   1 
ATOM   998  C  CA  A GLU A 1 123 ? -11.657 3.456   -6.549  0.60 35.58 ? 123 GLU A CA  1 
ATOM   999  C  CA  B GLU A 1 123 ? -11.659 3.549   -6.562  0.40 35.18 ? 123 GLU A CA  1 
ATOM   1000 C  C   A GLU A 1 123 ? -12.449 3.205   -5.264  0.60 34.99 ? 123 GLU A C   1 
ATOM   1001 C  C   B GLU A 1 123 ? -12.420 3.266   -5.267  0.40 34.87 ? 123 GLU A C   1 
ATOM   1002 O  O   A GLU A 1 123 ? -12.041 2.394   -4.442  0.60 34.44 ? 123 GLU A O   1 
ATOM   1003 O  O   B GLU A 1 123 ? -11.942 2.519   -4.423  0.40 34.53 ? 123 GLU A O   1 
ATOM   1004 C  CB  A GLU A 1 123 ? -12.211 2.542   -7.654  0.60 36.49 ? 123 GLU A CB  1 
ATOM   1005 C  CB  B GLU A 1 123 ? -12.248 2.726   -7.715  0.40 35.77 ? 123 GLU A CB  1 
ATOM   1006 C  CG  A GLU A 1 123 ? -11.511 2.696   -9.006  0.60 39.62 ? 123 GLU A CG  1 
ATOM   1007 C  CG  B GLU A 1 123 ? -11.681 3.088   -9.074  0.40 37.76 ? 123 GLU A CG  1 
ATOM   1008 C  CD  A GLU A 1 123 ? -11.568 4.113   -9.549  0.60 44.12 ? 123 GLU A CD  1 
ATOM   1009 C  CD  B GLU A 1 123 ? -12.055 2.093   -10.159 0.40 40.56 ? 123 GLU A CD  1 
ATOM   1010 O  OE1 A GLU A 1 123 ? -12.615 4.788   -9.403  0.60 46.80 ? 123 GLU A OE1 1 
ATOM   1011 O  OE1 B GLU A 1 123 ? -12.650 1.033   -9.848  0.40 42.88 ? 123 GLU A OE1 1 
ATOM   1012 O  OE2 A GLU A 1 123 ? -10.561 4.556   -10.135 0.60 47.88 ? 123 GLU A OE2 1 
ATOM   1013 O  OE2 B GLU A 1 123 ? -11.740 2.371   -11.335 0.40 42.92 ? 123 GLU A OE2 1 
ATOM   1014 N  N   . ASN A 1 124 ? -13.605 3.852   -5.125  1.00 34.92 ? 124 ASN A N   1 
ATOM   1015 C  CA  . ASN A 1 124 ? -14.481 3.556   -3.970  1.00 35.56 ? 124 ASN A CA  1 
ATOM   1016 C  C   . ASN A 1 124 ? -14.772 2.065   -3.840  1.00 35.69 ? 124 ASN A C   1 
ATOM   1017 O  O   . ASN A 1 124 ? -14.808 1.528   -2.729  1.00 34.16 ? 124 ASN A O   1 
ATOM   1018 C  CB  . ASN A 1 124 ? -15.782 4.367   -4.024  1.00 35.61 ? 124 ASN A CB  1 
ATOM   1019 C  CG  . ASN A 1 124 ? -15.555 5.845   -3.884  1.00 36.75 ? 124 ASN A CG  1 
ATOM   1020 O  OD1 . ASN A 1 124 ? -14.475 6.325   -3.501  1.00 36.94 ? 124 ASN A OD1 1 
ATOM   1021 N  ND2 . ASN A 1 124 ? -16.586 6.598   -4.187  1.00 38.16 ? 124 ASN A ND2 1 
ATOM   1022 N  N   A GLU A 1 125 ? -14.957 1.360   -4.963  0.70 35.66 ? 125 GLU A N   1 
ATOM   1023 N  N   B GLU A 1 125 ? -14.923 1.398   -4.987  0.30 35.31 ? 125 GLU A N   1 
ATOM   1024 C  CA  A GLU A 1 125 ? -15.199 -0.076  -4.847  0.70 36.02 ? 125 GLU A CA  1 
ATOM   1025 C  CA  B GLU A 1 125 ? -15.123 -0.045  -5.024  0.30 35.39 ? 125 GLU A CA  1 
ATOM   1026 C  C   A GLU A 1 125 ? -13.997 -0.871  -4.307  0.70 34.76 ? 125 GLU A C   1 
ATOM   1027 C  C   B GLU A 1 125 ? -14.007 -0.828  -4.334  0.30 34.65 ? 125 GLU A C   1 
ATOM   1028 O  O   A GLU A 1 125 ? -14.188 -1.922  -3.691  0.70 34.61 ? 125 GLU A O   1 
ATOM   1029 O  O   B GLU A 1 125 ? -14.270 -1.825  -3.657  0.30 34.60 ? 125 GLU A O   1 
ATOM   1030 C  CB  A GLU A 1 125 ? -15.777 -0.698  -6.144  0.70 37.56 ? 125 GLU A CB  1 
ATOM   1031 C  CB  B GLU A 1 125 ? -15.248 -0.528  -6.470  0.30 36.11 ? 125 GLU A CB  1 
ATOM   1032 C  CG  A GLU A 1 125 ? -15.468 0.108   -7.402  0.70 41.64 ? 125 GLU A CG  1 
ATOM   1033 C  CG  B GLU A 1 125 ? -15.334 -2.021  -6.595  0.30 37.66 ? 125 GLU A CG  1 
ATOM   1034 C  CD  A GLU A 1 125 ? -16.341 1.348   -7.538  0.70 44.06 ? 125 GLU A CD  1 
ATOM   1035 C  CD  B GLU A 1 125 ? -15.189 -2.487  -8.036  0.30 41.17 ? 125 GLU A CD  1 
ATOM   1036 O  OE1 A GLU A 1 125 ? -17.578 1.184   -7.662  0.70 49.26 ? 125 GLU A OE1 1 
ATOM   1037 O  OE1 B GLU A 1 125 ? -15.399 -1.661  -8.960  0.30 42.15 ? 125 GLU A OE1 1 
ATOM   1038 O  OE2 A GLU A 1 125 ? -15.808 2.475   -7.543  0.70 40.00 ? 125 GLU A OE2 1 
ATOM   1039 O  OE2 B GLU A 1 125 ? -14.859 -3.674  -8.233  0.30 40.52 ? 125 GLU A OE2 1 
ATOM   1040 N  N   . ASP A 1 126 ? -12.761 -0.393  -4.529  1.00 34.37 ? 126 ASP A N   1 
ATOM   1041 C  CA  . ASP A 1 126 ? -11.606 -1.039  -3.908  1.00 33.39 ? 126 ASP A CA  1 
ATOM   1042 C  C   . ASP A 1 126 ? -11.647 -0.755  -2.376  1.00 33.62 ? 126 ASP A C   1 
ATOM   1043 O  O   . ASP A 1 126 ? -11.374 -1.637  -1.522  1.00 33.32 ? 126 ASP A O   1 
ATOM   1044 C  CB  . ASP A 1 126 ? -10.277 -0.459  -4.446  1.00 34.14 ? 126 ASP A CB  1 
ATOM   1045 C  CG  . ASP A 1 126 ? -10.133 -0.549  -5.996  1.00 36.14 ? 126 ASP A CG  1 
ATOM   1046 O  OD1 . ASP A 1 126 ? -10.429 -1.625  -6.559  1.00 36.47 ? 126 ASP A OD1 1 
ATOM   1047 O  OD2 . ASP A 1 126 ? -9.670  0.449   -6.623  1.00 36.91 ? 126 ASP A OD2 1 
ATOM   1048 N  N   . VAL A 1 127 ? -11.916 0.504   -2.042  1.00 32.62 ? 127 VAL A N   1 
ATOM   1049 C  CA  . VAL A 1 127 ? -11.917 0.887   -0.596  1.00 32.56 ? 127 VAL A CA  1 
ATOM   1050 C  C   . VAL A 1 127 ? -13.005 0.126   0.157   1.00 31.79 ? 127 VAL A C   1 
ATOM   1051 O  O   . VAL A 1 127 ? -12.800 -0.252  1.315   1.00 31.74 ? 127 VAL A O   1 
ATOM   1052 C  CB  . VAL A 1 127 ? -12.060 2.415   -0.438  1.00 32.23 ? 127 VAL A CB  1 
ATOM   1053 C  CG1 . VAL A 1 127 ? -12.130 2.822   1.065   1.00 32.60 ? 127 VAL A CG1 1 
ATOM   1054 C  CG2 . VAL A 1 127 ? -10.863 3.126   -1.126  1.00 32.26 ? 127 VAL A CG2 1 
ATOM   1055 N  N   . ALA A 1 128 ? -14.136 -0.155  -0.515  1.00 32.94 ? 128 ALA A N   1 
ATOM   1056 C  CA  . ALA A 1 128 ? -15.251 -0.919  0.116   1.00 33.58 ? 128 ALA A CA  1 
ATOM   1057 C  C   . ALA A 1 128 ? -14.797 -2.229  0.675   1.00 34.14 ? 128 ALA A C   1 
ATOM   1058 O  O   . ALA A 1 128 ? -15.390 -2.729  1.645   1.00 34.85 ? 128 ALA A O   1 
ATOM   1059 C  CB  . ALA A 1 128 ? -16.448 -1.128  -0.866  1.00 34.59 ? 128 ALA A CB  1 
ATOM   1060 N  N   . LEU A 1 129 ? -13.715 -2.790  0.132   1.00 32.69 ? 129 LEU A N   1 
ATOM   1061 C  CA  . LEU A 1 129 ? -13.276 -4.107  0.566   1.00 32.91 ? 129 LEU A CA  1 
ATOM   1062 C  C   . LEU A 1 129 ? -12.398 -4.035  1.804   1.00 32.04 ? 129 LEU A C   1 
ATOM   1063 O  O   . LEU A 1 129 ? -12.111 -5.055  2.410   1.00 32.96 ? 129 LEU A O   1 
ATOM   1064 C  CB  . LEU A 1 129 ? -12.498 -4.853  -0.575  1.00 34.11 ? 129 LEU A CB  1 
ATOM   1065 C  CG  . LEU A 1 129 ? -13.354 -5.089  -1.835  1.00 37.61 ? 129 LEU A CG  1 
ATOM   1066 C  CD1 . LEU A 1 129 ? -12.555 -5.869  -2.943  1.00 37.67 ? 129 LEU A CD1 1 
ATOM   1067 C  CD2 . LEU A 1 129 ? -14.645 -5.840  -1.467  1.00 39.02 ? 129 LEU A CD2 1 
ATOM   1068 N  N   . ALA A 1 130 ? -11.939 -2.836  2.157   1.00 30.85 ? 130 ALA A N   1 
ATOM   1069 C  CA  . ALA A 1 130 ? -10.991 -2.649  3.268   1.00 30.67 ? 130 ALA A CA  1 
ATOM   1070 C  C   . ALA A 1 130 ? -11.718 -2.420  4.624   1.00 31.17 ? 130 ALA A C   1 
ATOM   1071 O  O   . ALA A 1 130 ? -12.910 -2.128  4.627   1.00 31.73 ? 130 ALA A O   1 
ATOM   1072 C  CB  . ALA A 1 130 ? -10.099 -1.428  2.977   1.00 29.67 ? 130 ALA A CB  1 
ATOM   1073 N  N   . ASN A 1 131 ? -10.992 -2.539  5.729   1.00 30.49 ? 131 ASN A N   1 
ATOM   1074 C  CA  . ASN A 1 131 ? -11.585 -2.262  7.074   1.00 31.78 ? 131 ASN A CA  1 
ATOM   1075 C  C   . ASN A 1 131 ? -11.535 -0.784  7.424   1.00 32.04 ? 131 ASN A C   1 
ATOM   1076 O  O   . ASN A 1 131 ? -12.429 -0.247  8.110   1.00 31.11 ? 131 ASN A O   1 
ATOM   1077 C  CB  . ASN A 1 131 ? -10.860 -3.071  8.142   1.00 31.13 ? 131 ASN A CB  1 
ATOM   1078 C  CG  . ASN A 1 131 ? -10.967 -4.582  7.880   1.00 37.13 ? 131 ASN A CG  1 
ATOM   1079 O  OD1 . ASN A 1 131 ? -10.187 -5.146  7.120   1.00 35.08 ? 131 ASN A OD1 1 
ATOM   1080 N  ND2 . ASN A 1 131 ? -11.976 -5.226  8.484   1.00 39.05 ? 131 ASN A ND2 1 
ATOM   1081 N  N   . ALA A 1 132 ? -10.484 -0.090  6.958   1.00 29.98 ? 132 ALA A N   1 
ATOM   1082 C  CA  . ALA A 1 132 ? -10.260 1.294   7.429   1.00 29.66 ? 132 ALA A CA  1 
ATOM   1083 C  C   . ALA A 1 132 ? -9.516  2.041   6.330   1.00 30.34 ? 132 ALA A C   1 
ATOM   1084 O  O   . ALA A 1 132 ? -8.796  1.408   5.542   1.00 29.67 ? 132 ALA A O   1 
ATOM   1085 C  CB  . ALA A 1 132 ? -9.414  1.266   8.702   1.00 28.92 ? 132 ALA A CB  1 
ATOM   1086 N  N   . ILE A 1 133 ? -9.712  3.348   6.271   1.00 28.69 ? 133 ILE A N   1 
ATOM   1087 C  CA  . ILE A 1 133 ? -8.955  4.237   5.394   1.00 28.49 ? 133 ILE A CA  1 
ATOM   1088 C  C   . ILE A 1 133 ? -7.766  4.828   6.170   1.00 28.70 ? 133 ILE A C   1 
ATOM   1089 O  O   . ILE A 1 133 ? -7.862  5.092   7.412   1.00 27.58 ? 133 ILE A O   1 
ATOM   1090 C  CB  . ILE A 1 133 ? -9.872  5.332   4.857   1.00 27.73 ? 133 ILE A CB  1 
ATOM   1091 C  CG1 . ILE A 1 133 ? -10.885 4.694   3.888   1.00 30.44 ? 133 ILE A CG1 1 
ATOM   1092 C  CG2 . ILE A 1 133 ? -9.077  6.459   4.141   1.00 28.61 ? 133 ILE A CG2 1 
ATOM   1093 C  CD1 . ILE A 1 133 ? -11.997 5.642   3.433   1.00 29.30 ? 133 ILE A CD1 1 
ATOM   1094 N  N   A VAL A 1 134 ? -6.642  5.026   5.461   0.65 27.28 ? 134 VAL A N   1 
ATOM   1095 N  N   B VAL A 1 134 ? -6.644  5.014   5.480   0.35 27.77 ? 134 VAL A N   1 
ATOM   1096 C  CA  A VAL A 1 134 ? -5.509  5.798   5.988   0.65 28.46 ? 134 VAL A CA  1 
ATOM   1097 C  CA  B VAL A 1 134 ? -5.504  5.678   6.089   0.35 28.31 ? 134 VAL A CA  1 
ATOM   1098 C  C   A VAL A 1 134 ? -5.392  7.024   5.093   0.65 28.68 ? 134 VAL A C   1 
ATOM   1099 C  C   B VAL A 1 134 ? -5.131  6.857   5.216   0.35 28.50 ? 134 VAL A C   1 
ATOM   1100 O  O   A VAL A 1 134 ? -5.388  6.903   3.852   0.65 27.69 ? 134 VAL A O   1 
ATOM   1101 O  O   B VAL A 1 134 ? -4.776  6.676   4.051   0.35 28.02 ? 134 VAL A O   1 
ATOM   1102 C  CB  A VAL A 1 134 ? -4.146  5.046   5.941   0.65 28.33 ? 134 VAL A CB  1 
ATOM   1103 C  CB  B VAL A 1 134 ? -4.309  4.743   6.262   0.35 28.19 ? 134 VAL A CB  1 
ATOM   1104 C  CG1 A VAL A 1 134 ? -3.020  5.835   6.678   0.65 26.56 ? 134 VAL A CG1 1 
ATOM   1105 C  CG1 B VAL A 1 134 ? -4.649  3.677   7.246   0.35 29.97 ? 134 VAL A CG1 1 
ATOM   1106 C  CG2 A VAL A 1 134 ? -4.248  3.670   6.518   0.65 31.17 ? 134 VAL A CG2 1 
ATOM   1107 C  CG2 B VAL A 1 134 ? -3.896  4.113   4.937   0.35 26.50 ? 134 VAL A CG2 1 
ATOM   1108 N  N   A THR A 1 135 ? -5.298  8.199   5.714   0.65 29.57 ? 135 THR A N   1 
ATOM   1109 N  N   B THR A 1 135 ? -5.243  8.065   5.759   0.35 29.20 ? 135 THR A N   1 
ATOM   1110 C  CA  A THR A 1 135 ? -5.156  9.445   4.984   0.65 30.65 ? 135 THR A CA  1 
ATOM   1111 C  CA  B THR A 1 135 ? -5.023  9.250   4.947   0.35 29.96 ? 135 THR A CA  1 
ATOM   1112 C  C   A THR A 1 135 ? -3.978  10.227  5.586   0.65 32.10 ? 135 THR A C   1 
ATOM   1113 C  C   B THR A 1 135 ? -3.990  10.194  5.559   0.35 31.51 ? 135 THR A C   1 
ATOM   1114 O  O   A THR A 1 135 ? -3.943  10.495  6.793   0.65 31.34 ? 135 THR A O   1 
ATOM   1115 O  O   B THR A 1 135 ? -4.094  10.581  6.723   0.35 31.08 ? 135 THR A O   1 
ATOM   1116 C  CB  A THR A 1 135 ? -6.449  10.271  5.032   0.65 32.31 ? 135 THR A CB  1 
ATOM   1117 C  CB  B THR A 1 135 ? -6.315  10.007  4.648   0.35 30.24 ? 135 THR A CB  1 
ATOM   1118 O  OG1 A THR A 1 135 ? -7.535  9.483   4.523   0.65 32.05 ? 135 THR A OG1 1 
ATOM   1119 O  OG1 B THR A 1 135 ? -6.066  10.947  3.602   0.35 28.53 ? 135 THR A OG1 1 
ATOM   1120 C  CG2 A THR A 1 135 ? -6.317  11.593  4.229   0.65 30.82 ? 135 THR A CG2 1 
ATOM   1121 C  CG2 B THR A 1 135 ? -6.823  10.760  5.899   0.35 29.77 ? 135 THR A CG2 1 
ATOM   1122 N  N   . VAL A 1 136 ? -2.988  10.543  4.753   1.00 32.48 ? 136 VAL A N   1 
ATOM   1123 C  CA  . VAL A 1 136 ? -1.899  11.431  5.181   1.00 35.73 ? 136 VAL A CA  1 
ATOM   1124 C  C   . VAL A 1 136 ? -2.437  12.833  5.392   1.00 38.38 ? 136 VAL A C   1 
ATOM   1125 O  O   . VAL A 1 136 ? -3.211  13.312  4.556   1.00 38.16 ? 136 VAL A O   1 
ATOM   1126 C  CB  . VAL A 1 136 ? -0.758  11.499  4.140   1.00 36.32 ? 136 VAL A CB  1 
ATOM   1127 C  CG1 . VAL A 1 136 ? 0.392   12.404  4.698   1.00 35.96 ? 136 VAL A CG1 1 
ATOM   1128 C  CG2 . VAL A 1 136 ? -0.232  10.109  3.868   1.00 35.54 ? 136 VAL A CG2 1 
ATOM   1129 N  N   . PRO A 1 137 ? -2.098  13.474  6.526   1.00 42.54 ? 137 PRO A N   1 
ATOM   1130 C  CA  . PRO A 1 137 ? -2.665  14.828  6.727   1.00 45.46 ? 137 PRO A CA  1 
ATOM   1131 C  C   . PRO A 1 137 ? -1.989  15.780  5.736   1.00 47.82 ? 137 PRO A C   1 
ATOM   1132 O  O   . PRO A 1 137 ? -0.790  16.021  5.815   1.00 49.76 ? 137 PRO A O   1 
ATOM   1133 C  CB  . PRO A 1 137 ? -2.260  15.189  8.167   1.00 46.06 ? 137 PRO A CB  1 
ATOM   1134 C  CG  . PRO A 1 137 ? -1.048  14.263  8.507   1.00 46.11 ? 137 PRO A CG  1 
ATOM   1135 C  CD  . PRO A 1 137 ? -1.300  12.996  7.691   1.00 43.38 ? 137 PRO A CD  1 
ATOM   1136 N  N   . VAL A 1 138 ? -2.742  16.337  4.820   1.00 50.45 ? 138 VAL A N   1 
ATOM   1137 C  CA  . VAL A 1 138 ? -2.084  17.066  3.736   1.00 52.49 ? 138 VAL A CA  1 
ATOM   1138 C  C   . VAL A 1 138 ? -2.675  18.462  3.581   1.00 53.72 ? 138 VAL A C   1 
ATOM   1139 O  O   . VAL A 1 138 ? -3.777  18.740  4.036   1.00 54.18 ? 138 VAL A O   1 
ATOM   1140 C  CB  . VAL A 1 138 ? -2.097  16.220  2.411   1.00 52.45 ? 138 VAL A CB  1 
ATOM   1141 C  CG1 . VAL A 1 138 ? -2.039  17.088  1.174   1.00 51.43 ? 138 VAL A CG1 1 
ATOM   1142 C  CG2 . VAL A 1 138 ? -0.977  15.163  2.447   1.00 49.94 ? 138 VAL A CG2 1 
ATOM   1143 N  N   . ASN A 1 139 ? -1.873  19.352  3.013   1.00 55.08 ? 139 ASN A N   1 
ATOM   1144 C  CA  . ASN A 1 139 ? -2.319  20.656  2.584   1.00 55.54 ? 139 ASN A CA  1 
ATOM   1145 C  C   . ASN A 1 139 ? -3.627  20.513  1.755   1.00 55.48 ? 139 ASN A C   1 
ATOM   1146 O  O   . ASN A 1 139 ? -3.629  19.872  0.700   1.00 54.79 ? 139 ASN A O   1 
ATOM   1147 C  CB  . ASN A 1 139 ? -1.180  21.266  1.758   1.00 55.78 ? 139 ASN A CB  1 
ATOM   1148 C  CG  . ASN A 1 139 ? -1.395  22.717  1.428   1.00 56.21 ? 139 ASN A CG  1 
ATOM   1149 O  OD1 . ASN A 1 139 ? -2.491  23.253  1.598   1.00 58.79 ? 139 ASN A OD1 1 
ATOM   1150 N  ND2 . ASN A 1 139 ? -0.347  23.366  0.938   1.00 52.96 ? 139 ASN A ND2 1 
ATOM   1151 N  N   . PRO A 1 140 ? -4.739  21.105  2.236   1.00 56.07 ? 140 PRO A N   1 
ATOM   1152 C  CA  . PRO A 1 140 ? -5.991  21.033  1.462   1.00 56.70 ? 140 PRO A CA  1 
ATOM   1153 C  C   . PRO A 1 140 ? -5.843  21.616  0.057   1.00 56.86 ? 140 PRO A C   1 
ATOM   1154 O  O   . PRO A 1 140 ? -6.502  21.151  -0.879  1.00 57.91 ? 140 PRO A O   1 
ATOM   1155 C  CB  . PRO A 1 140 ? -6.970  21.894  2.272   1.00 56.93 ? 140 PRO A CB  1 
ATOM   1156 C  CG  . PRO A 1 140 ? -6.393  21.980  3.643   1.00 56.93 ? 140 PRO A CG  1 
ATOM   1157 C  CD  . PRO A 1 140 ? -4.899  21.884  3.480   1.00 56.35 ? 140 PRO A CD  1 
ATOM   1158 N  N   . GLU A 1 141 ? -4.980  22.618  -0.096  1.00 55.99 ? 141 GLU A N   1 
ATOM   1159 C  CA  . GLU A 1 141 ? -4.762  23.236  -1.404  1.00 55.38 ? 141 GLU A CA  1 
ATOM   1160 C  C   . GLU A 1 141 ? -3.775  22.496  -2.316  1.00 53.53 ? 141 GLU A C   1 
ATOM   1161 O  O   . GLU A 1 141 ? -3.674  22.817  -3.491  1.00 52.98 ? 141 GLU A O   1 
ATOM   1162 C  CB  . GLU A 1 141 ? -4.305  24.688  -1.222  1.00 56.13 ? 141 GLU A CB  1 
ATOM   1163 C  CG  . GLU A 1 141 ? -5.254  25.515  -0.363  1.00 60.78 ? 141 GLU A CG  1 
ATOM   1164 C  CD  . GLU A 1 141 ? -4.708  26.893  -0.008  1.00 67.17 ? 141 GLU A CD  1 
ATOM   1165 O  OE1 . GLU A 1 141 ? -3.861  27.440  -0.756  1.00 70.04 ? 141 GLU A OE1 1 
ATOM   1166 O  OE2 . GLU A 1 141 ? -5.144  27.442  1.030   1.00 70.05 ? 141 GLU A OE2 1 
ATOM   1167 N  N   . PHE A 1 142 ? -3.031  21.524  -1.793  1.00 51.15 ? 142 PHE A N   1 
ATOM   1168 C  CA  . PHE A 1 142 ? -1.998  20.917  -2.614  1.00 49.17 ? 142 PHE A CA  1 
ATOM   1169 C  C   . PHE A 1 142 ? -1.693  19.497  -2.179  1.00 49.18 ? 142 PHE A C   1 
ATOM   1170 O  O   . PHE A 1 142 ? -1.266  19.276  -1.049  1.00 49.83 ? 142 PHE A O   1 
ATOM   1171 C  CB  . PHE A 1 142 ? -0.708  21.747  -2.547  1.00 48.19 ? 142 PHE A CB  1 
ATOM   1172 C  CG  . PHE A 1 142 ? 0.326   21.336  -3.548  1.00 46.71 ? 142 PHE A CG  1 
ATOM   1173 C  CD1 . PHE A 1 142 ? 0.202   21.696  -4.900  1.00 46.24 ? 142 PHE A CD1 1 
ATOM   1174 C  CD2 . PHE A 1 142 ? 1.425   20.564  -3.154  1.00 45.99 ? 142 PHE A CD2 1 
ATOM   1175 C  CE1 . PHE A 1 142 ? 1.165   21.302  -5.847  1.00 44.06 ? 142 PHE A CE1 1 
ATOM   1176 C  CE2 . PHE A 1 142 ? 2.393   20.166  -4.089  1.00 44.11 ? 142 PHE A CE2 1 
ATOM   1177 C  CZ  . PHE A 1 142 ? 2.259   20.536  -5.443  1.00 42.71 ? 142 PHE A CZ  1 
ATOM   1178 N  N   . PHE A 1 143 ? -1.885  18.552  -3.087  1.00 47.81 ? 143 PHE A N   1 
ATOM   1179 C  CA  . PHE A 1 143 ? -1.560  17.154  -2.815  1.00 46.54 ? 143 PHE A CA  1 
ATOM   1180 C  C   . PHE A 1 143 ? -0.746  16.707  -3.985  1.00 45.65 ? 143 PHE A C   1 
ATOM   1181 O  O   . PHE A 1 143 ? -1.151  16.912  -5.115  1.00 46.84 ? 143 PHE A O   1 
ATOM   1182 C  CB  . PHE A 1 143 ? -2.829  16.300  -2.686  1.00 45.87 ? 143 PHE A CB  1 
ATOM   1183 C  CG  . PHE A 1 143 ? -2.551  14.820  -2.651  1.00 45.09 ? 143 PHE A CG  1 
ATOM   1184 C  CD1 . PHE A 1 143 ? -2.262  14.186  -1.435  1.00 43.27 ? 143 PHE A CD1 1 
ATOM   1185 C  CD2 . PHE A 1 143 ? -2.554  14.069  -3.833  1.00 42.90 ? 143 PHE A CD2 1 
ATOM   1186 C  CE1 . PHE A 1 143 ? -1.991  12.797  -1.406  1.00 44.25 ? 143 PHE A CE1 1 
ATOM   1187 C  CE2 . PHE A 1 143 ? -2.300  12.687  -3.827  1.00 43.12 ? 143 PHE A CE2 1 
ATOM   1188 C  CZ  . PHE A 1 143 ? -1.987  12.054  -2.633  1.00 41.79 ? 143 PHE A CZ  1 
ATOM   1189 N  N   A SER A 1 144 ? 0.414   16.117  -3.705  0.70 45.35 ? 144 SER A N   1 
ATOM   1190 N  N   B SER A 1 144 ? 0.396   16.078  -3.752  0.30 45.39 ? 144 SER A N   1 
ATOM   1191 C  CA  A SER A 1 144 ? 1.358   15.711  -4.752  0.70 45.01 ? 144 SER A CA  1 
ATOM   1192 C  CA  B SER A 1 144 ? 1.164   15.580  -4.890  0.30 44.77 ? 144 SER A CA  1 
ATOM   1193 C  C   A SER A 1 144 ? 2.079   14.383  -4.441  0.70 44.49 ? 144 SER A C   1 
ATOM   1194 C  C   B SER A 1 144 ? 1.725   14.169  -4.692  0.30 44.27 ? 144 SER A C   1 
ATOM   1195 O  O   A SER A 1 144 ? 3.096   14.065  -5.061  0.70 44.73 ? 144 SER A O   1 
ATOM   1196 O  O   B SER A 1 144 ? 2.271   13.594  -5.644  0.30 44.02 ? 144 SER A O   1 
ATOM   1197 C  CB  A SER A 1 144 ? 2.421   16.812  -4.958  0.70 44.37 ? 144 SER A CB  1 
ATOM   1198 C  CB  B SER A 1 144 ? 2.286   16.567  -5.265  0.30 44.80 ? 144 SER A CB  1 
ATOM   1199 O  OG  A SER A 1 144 ? 3.165   17.006  -3.763  0.70 44.52 ? 144 SER A OG  1 
ATOM   1200 O  OG  B SER A 1 144 ? 2.535   16.534  -6.662  0.30 45.01 ? 144 SER A OG  1 
ATOM   1201 N  N   . LEU A 1 145 ? 1.574   13.611  -3.483  1.00 43.62 ? 145 LEU A N   1 
ATOM   1202 C  CA  . LEU A 1 145 ? 2.246   12.340  -3.126  1.00 42.67 ? 145 LEU A CA  1 
ATOM   1203 C  C   . LEU A 1 145 ? 2.094   11.343  -4.278  1.00 42.19 ? 145 LEU A C   1 
ATOM   1204 O  O   . LEU A 1 145 ? 0.979   11.079  -4.725  1.00 42.39 ? 145 LEU A O   1 
ATOM   1205 C  CB  . LEU A 1 145 ? 1.704   11.751  -1.823  1.00 42.24 ? 145 LEU A CB  1 
ATOM   1206 C  CG  . LEU A 1 145 ? 1.719   12.596  -0.542  1.00 41.53 ? 145 LEU A CG  1 
ATOM   1207 C  CD1 . LEU A 1 145 ? 1.183   11.772  0.608   1.00 42.84 ? 145 LEU A CD1 1 
ATOM   1208 C  CD2 . LEU A 1 145 ? 3.131   13.021  -0.194  1.00 42.80 ? 145 LEU A CD2 1 
ATOM   1209 N  N   . ASN A 1 146 ? 3.214   10.848  -4.783  1.00 40.71 ? 146 ASN A N   1 
ATOM   1210 C  CA  . ASN A 1 146 ? 3.207   9.811   -5.808  1.00 40.26 ? 146 ASN A CA  1 
ATOM   1211 C  C   . ASN A 1 146 ? 3.142   8.412   -5.114  1.00 38.10 ? 146 ASN A C   1 
ATOM   1212 O  O   . ASN A 1 146 ? 3.124   8.336   -3.884  1.00 36.45 ? 146 ASN A O   1 
ATOM   1213 C  CB  . ASN A 1 146 ? 4.431   9.943   -6.735  1.00 40.68 ? 146 ASN A CB  1 
ATOM   1214 C  CG  . ASN A 1 146 ? 5.746   9.773   -6.017  1.00 45.60 ? 146 ASN A CG  1 
ATOM   1215 O  OD1 . ASN A 1 146 ? 5.826   9.115   -4.987  1.00 49.72 ? 146 ASN A OD1 1 
ATOM   1216 N  ND2 . ASN A 1 146 ? 6.814   10.383  -6.562  1.00 50.38 ? 146 ASN A ND2 1 
ATOM   1217 N  N   . LEU A 1 147 ? 3.123   7.332   -5.894  1.00 37.32 ? 147 LEU A N   1 
ATOM   1218 C  CA  . LEU A 1 147 ? 2.960   5.971   -5.327  1.00 35.81 ? 147 LEU A CA  1 
ATOM   1219 C  C   . LEU A 1 147 ? 4.111   5.616   -4.381  1.00 35.05 ? 147 LEU A C   1 
ATOM   1220 O  O   . LEU A 1 147 ? 3.869   5.219   -3.256  1.00 35.39 ? 147 LEU A O   1 
ATOM   1221 C  CB  . LEU A 1 147 ? 2.821   4.917   -6.451  1.00 35.72 ? 147 LEU A CB  1 
ATOM   1222 C  CG  . LEU A 1 147 ? 2.800   3.447   -5.958  1.00 36.24 ? 147 LEU A CG  1 
ATOM   1223 C  CD1 . LEU A 1 147 ? 1.561   3.199   -5.058  1.00 30.65 ? 147 LEU A CD1 1 
ATOM   1224 C  CD2 . LEU A 1 147 ? 2.848   2.444   -7.124  1.00 37.12 ? 147 LEU A CD2 1 
ATOM   1225 N  N   . ALA A 1 148 ? 5.368   5.794   -4.812  1.00 34.16 ? 148 ALA A N   1 
ATOM   1226 C  CA  . ALA A 1 148 ? 6.533   5.517   -3.975  1.00 33.68 ? 148 ALA A CA  1 
ATOM   1227 C  C   . ALA A 1 148 ? 6.581   6.328   -2.692  1.00 32.24 ? 148 ALA A C   1 
ATOM   1228 O  O   . ALA A 1 148 ? 6.976   5.825   -1.634  1.00 31.88 ? 148 ALA A O   1 
ATOM   1229 C  CB  . ALA A 1 148 ? 7.841   5.709   -4.789  1.00 35.40 ? 148 ALA A CB  1 
ATOM   1230 N  N   . GLN A 1 149 ? 6.118   7.577   -2.765  1.00 32.28 ? 149 GLN A N   1 
ATOM   1231 C  CA  . GLN A 1 149 ? 6.085   8.433   -1.582  1.00 32.28 ? 149 GLN A CA  1 
ATOM   1232 C  C   . GLN A 1 149 ? 5.050   7.995   -0.580  1.00 30.77 ? 149 GLN A C   1 
ATOM   1233 O  O   . GLN A 1 149 ? 5.295   7.976   0.604   1.00 31.32 ? 149 GLN A O   1 
ATOM   1234 C  CB  . GLN A 1 149 ? 5.849   9.901   -1.995  1.00 33.80 ? 149 GLN A CB  1 
ATOM   1235 C  CG  . GLN A 1 149 ? 7.129   10.510  -2.601  1.00 36.73 ? 149 GLN A CG  1 
ATOM   1236 C  CD  . GLN A 1 149 ? 6.903   11.936  -3.095  1.00 40.94 ? 149 GLN A CD  1 
ATOM   1237 O  OE1 . GLN A 1 149 ? 5.755   12.382  -3.207  1.00 42.68 ? 149 GLN A OE1 1 
ATOM   1238 N  NE2 . GLN A 1 149 ? 7.988   12.645  -3.412  1.00 40.37 ? 149 GLN A NE2 1 
ATOM   1239 N  N   A CYS A 1 150 ? 3.879   7.629   -1.087  0.72 30.13 ? 150 CYS A N   1 
ATOM   1240 N  N   B CYS A 1 150 ? 3.874   7.613   -1.071  0.28 30.37 ? 150 CYS A N   1 
ATOM   1241 C  CA  A CYS A 1 150 ? 2.838   7.077   -0.242  0.72 29.28 ? 150 CYS A CA  1 
ATOM   1242 C  CA  B CYS A 1 150 ? 2.842   7.049   -0.205  0.28 29.61 ? 150 CYS A CA  1 
ATOM   1243 C  C   A CYS A 1 150 ? 3.362   5.825   0.462   0.72 28.26 ? 150 CYS A C   1 
ATOM   1244 C  C   B CYS A 1 150 ? 3.361   5.802   0.484   0.28 28.86 ? 150 CYS A C   1 
ATOM   1245 O  O   A CYS A 1 150 ? 3.229   5.702   1.664   0.72 28.78 ? 150 CYS A O   1 
ATOM   1246 O  O   B CYS A 1 150 ? 3.228   5.661   1.696   0.28 29.09 ? 150 CYS A O   1 
ATOM   1247 C  CB  A CYS A 1 150 ? 1.594   6.775   -1.079  0.72 28.70 ? 150 CYS A CB  1 
ATOM   1248 C  CB  B CYS A 1 150 ? 1.599   6.697   -1.006  0.28 29.50 ? 150 CYS A CB  1 
ATOM   1249 S  SG  A CYS A 1 150 ? 0.145   6.191   -0.109  0.72 31.81 ? 150 CYS A SG  1 
ATOM   1250 S  SG  B CYS A 1 150 ? 0.854   8.085   -1.784  0.28 30.85 ? 150 CYS A SG  1 
ATOM   1251 N  N   . VAL A 1 151 ? 3.940   4.896   -0.304  1.00 28.51 ? 151 VAL A N   1 
ATOM   1252 C  CA  . VAL A 1 151 ? 4.529   3.679   0.234   1.00 27.32 ? 151 VAL A CA  1 
ATOM   1253 C  C   . VAL A 1 151 ? 5.621   4.045   1.250   1.00 28.91 ? 151 VAL A C   1 
ATOM   1254 O  O   . VAL A 1 151 ? 5.683   3.510   2.346   1.00 27.81 ? 151 VAL A O   1 
ATOM   1255 C  CB  . VAL A 1 151 ? 5.094   2.803   -0.926  1.00 27.85 ? 151 VAL A CB  1 
ATOM   1256 C  CG1 . VAL A 1 151 ? 5.985   1.727   -0.384  1.00 27.65 ? 151 VAL A CG1 1 
ATOM   1257 C  CG2 . VAL A 1 151 ? 3.889   2.196   -1.695  1.00 28.21 ? 151 VAL A CG2 1 
ATOM   1258 N  N   . LEU A 1 152 ? 6.453   5.012   0.888   1.00 29.72 ? 152 LEU A N   1 
ATOM   1259 C  CA  . LEU A 1 152 ? 7.554   5.449   1.822   1.00 29.97 ? 152 LEU A CA  1 
ATOM   1260 C  C   . LEU A 1 152 ? 7.070   5.931   3.159   1.00 29.89 ? 152 LEU A C   1 
ATOM   1261 O  O   . LEU A 1 152 ? 7.587   5.529   4.232   1.00 31.34 ? 152 LEU A O   1 
ATOM   1262 C  CB  . LEU A 1 152 ? 8.423   6.532   1.133   1.00 30.74 ? 152 LEU A CB  1 
ATOM   1263 C  CG  . LEU A 1 152 ? 9.656   6.979   1.944   1.00 32.27 ? 152 LEU A CG  1 
ATOM   1264 C  CD1 . LEU A 1 152 ? 10.844  6.019   1.706   1.00 33.07 ? 152 LEU A CD1 1 
ATOM   1265 C  CD2 . LEU A 1 152 ? 10.007  8.365   1.458   1.00 37.04 ? 152 LEU A CD2 1 
ATOM   1266 N  N   . LEU A 1 153 ? 6.031   6.758   3.141   1.00 30.91 ? 153 LEU A N   1 
ATOM   1267 C  CA  . LEU A 1 153 ? 5.494   7.293   4.400   1.00 30.69 ? 153 LEU A CA  1 
ATOM   1268 C  C   . LEU A 1 153 ? 4.928   6.200   5.296   1.00 31.53 ? 153 LEU A C   1 
ATOM   1269 O  O   . LEU A 1 153 ? 5.163   6.202   6.511   1.00 30.74 ? 153 LEU A O   1 
ATOM   1270 C  CB  . LEU A 1 153 ? 4.431   8.374   4.126   1.00 30.95 ? 153 LEU A CB  1 
ATOM   1271 C  CG  . LEU A 1 153 ? 5.005   9.686   3.534   1.00 34.94 ? 153 LEU A CG  1 
ATOM   1272 C  CD1 . LEU A 1 153 ? 3.874   10.628  3.120   1.00 37.30 ? 153 LEU A CD1 1 
ATOM   1273 C  CD2 . LEU A 1 153 ? 5.926   10.363  4.599   1.00 38.41 ? 153 LEU A CD2 1 
ATOM   1274 N  N   . LEU A 1 154 ? 4.170   5.250   4.713   1.00 29.75 ? 154 LEU A N   1 
ATOM   1275 C  CA  . LEU A 1 154 ? 3.628   4.153   5.528   1.00 30.55 ? 154 LEU A CA  1 
ATOM   1276 C  C   . LEU A 1 154 ? 4.692   3.218   6.113   1.00 29.23 ? 154 LEU A C   1 
ATOM   1277 O  O   . LEU A 1 154 ? 4.577   2.798   7.257   1.00 30.82 ? 154 LEU A O   1 
ATOM   1278 C  CB  . LEU A 1 154 ? 2.557   3.337   4.776   1.00 30.95 ? 154 LEU A CB  1 
ATOM   1279 C  CG  . LEU A 1 154 ? 1.094   3.846   4.656   1.00 35.85 ? 154 LEU A CG  1 
ATOM   1280 C  CD1 . LEU A 1 154 ? 0.384   3.553   5.963   1.00 38.64 ? 154 LEU A CD1 1 
ATOM   1281 C  CD2 . LEU A 1 154 ? 1.005   5.317   4.304   1.00 35.69 ? 154 LEU A CD2 1 
ATOM   1282 N  N   . ALA A 1 155 ? 5.696   2.901   5.317   1.00 29.81 ? 155 ALA A N   1 
ATOM   1283 C  CA  . ALA A 1 155 ? 6.812   2.043   5.722   1.00 30.16 ? 155 ALA A CA  1 
ATOM   1284 C  C   . ALA A 1 155 ? 7.631   2.764   6.821   1.00 31.69 ? 155 ALA A C   1 
ATOM   1285 O  O   . ALA A 1 155 ? 7.986   2.181   7.874   1.00 32.01 ? 155 ALA A O   1 
ATOM   1286 C  CB  . ALA A 1 155 ? 7.684   1.751   4.515   1.00 29.24 ? 155 ALA A CB  1 
ATOM   1287 N  N   . TYR A 1 156 ? 7.879   4.045   6.570   1.00 32.97 ? 156 TYR A N   1 
ATOM   1288 C  CA  . TYR A 1 156 ? 8.478   4.926   7.613   1.00 33.84 ? 156 TYR A CA  1 
ATOM   1289 C  C   . TYR A 1 156 ? 7.704   4.924   8.932   1.00 34.08 ? 156 TYR A C   1 
ATOM   1290 O  O   . TYR A 1 156 ? 8.319   4.703   10.002  1.00 33.02 ? 156 TYR A O   1 
ATOM   1291 C  CB  . TYR A 1 156 ? 8.671   6.351   7.082   1.00 33.90 ? 156 TYR A CB  1 
ATOM   1292 C  CG  . TYR A 1 156 ? 9.076   7.337   8.187   1.00 37.39 ? 156 TYR A CG  1 
ATOM   1293 C  CD1 . TYR A 1 156 ? 10.393  7.378   8.648   1.00 38.48 ? 156 TYR A CD1 1 
ATOM   1294 C  CD2 . TYR A 1 156 ? 8.143   8.215   8.751   1.00 37.53 ? 156 TYR A CD2 1 
ATOM   1295 C  CE1 . TYR A 1 156 ? 10.784  8.272   9.657   1.00 40.26 ? 156 TYR A CE1 1 
ATOM   1296 C  CE2 . TYR A 1 156 ? 8.528   9.135   9.754   1.00 39.80 ? 156 TYR A CE2 1 
ATOM   1297 C  CZ  . TYR A 1 156 ? 9.866   9.138   10.200  1.00 40.68 ? 156 TYR A CZ  1 
ATOM   1298 O  OH  . TYR A 1 156 ? 10.281  10.019  11.188  1.00 41.26 ? 156 TYR A OH  1 
ATOM   1299 N  N   . GLU A 1 157 ? 6.379   5.152   8.900   1.00 34.33 ? 157 GLU A N   1 
ATOM   1300 C  CA  . GLU A 1 157 ? 5.574   5.100   10.129  1.00 35.71 ? 157 GLU A CA  1 
ATOM   1301 C  C   . GLU A 1 157 ? 5.598   3.743   10.799  1.00 37.05 ? 157 GLU A C   1 
ATOM   1302 O  O   . GLU A 1 157 ? 5.589   3.648   12.047  1.00 36.76 ? 157 GLU A O   1 
ATOM   1303 C  CB  . GLU A 1 157 ? 4.088   5.392   9.882   1.00 35.57 ? 157 GLU A CB  1 
ATOM   1304 C  CG  . GLU A 1 157 ? 3.475   6.675   10.284  1.00 38.45 ? 157 GLU A CG  1 
ATOM   1305 C  CD  . GLU A 1 157 ? 4.057   7.393   11.466  1.00 34.52 ? 157 GLU A CD  1 
ATOM   1306 O  OE1 . GLU A 1 157 ? 4.158   6.853   12.589  1.00 33.88 ? 157 GLU A OE1 1 
ATOM   1307 O  OE2 . GLU A 1 157 ? 4.285   8.583   11.261  1.00 39.61 ? 157 GLU A OE2 1 
ATOM   1308 N  N   . TRP A 1 158 ? 5.550   2.667   9.993   1.00 36.63 ? 158 TRP A N   1 
ATOM   1309 C  CA  . TRP A 1 158 ? 5.634   1.327   10.547  1.00 38.22 ? 158 TRP A CA  1 
ATOM   1310 C  C   . TRP A 1 158 ? 6.909   1.157   11.383  1.00 40.59 ? 158 TRP A C   1 
ATOM   1311 O  O   . TRP A 1 158 ? 6.867   0.557   12.438  1.00 42.04 ? 158 TRP A O   1 
ATOM   1312 C  CB  . TRP A 1 158 ? 5.629   0.248   9.437   1.00 36.36 ? 158 TRP A CB  1 
ATOM   1313 C  CG  . TRP A 1 158 ? 5.680   -1.159  10.008  1.00 36.89 ? 158 TRP A CG  1 
ATOM   1314 C  CD1 . TRP A 1 158 ? 6.784   -1.942  10.174  1.00 37.56 ? 158 TRP A CD1 1 
ATOM   1315 C  CD2 . TRP A 1 158 ? 4.576   -1.915  10.522  1.00 37.51 ? 158 TRP A CD2 1 
ATOM   1316 N  NE1 . TRP A 1 158 ? 6.437   -3.145  10.742  1.00 37.47 ? 158 TRP A NE1 1 
ATOM   1317 C  CE2 . TRP A 1 158 ? 5.089   -3.154  10.968  1.00 37.88 ? 158 TRP A CE2 1 
ATOM   1318 C  CE3 . TRP A 1 158 ? 3.202   -1.670  10.624  1.00 40.26 ? 158 TRP A CE3 1 
ATOM   1319 C  CZ2 . TRP A 1 158 ? 4.279   -4.158  11.525  1.00 42.05 ? 158 TRP A CZ2 1 
ATOM   1320 C  CZ3 . TRP A 1 158 ? 2.376   -2.694  11.172  1.00 44.86 ? 158 TRP A CZ3 1 
ATOM   1321 C  CH2 . TRP A 1 158 ? 2.934   -3.914  11.615  1.00 42.40 ? 158 TRP A CH2 1 
ATOM   1322 N  N   . ARG A 1 159 ? 8.018   1.674   10.883  1.00 44.57 ? 159 ARG A N   1 
ATOM   1323 C  CA  . ARG A 1 159 ? 9.361   1.449   11.469  1.00 50.26 ? 159 ARG A CA  1 
ATOM   1324 C  C   . ARG A 1 159 ? 9.631   2.328   12.693  1.00 52.74 ? 159 ARG A C   1 
ATOM   1325 O  O   . ARG A 1 159 ? 10.203  1.894   13.697  1.00 53.55 ? 159 ARG A O   1 
ATOM   1326 C  CB  . ARG A 1 159 ? 10.423  1.650   10.396  1.00 50.22 ? 159 ARG A CB  1 
ATOM   1327 C  CG  . ARG A 1 159 ? 11.423  0.500   10.297  1.00 56.52 ? 159 ARG A CG  1 
ATOM   1328 C  CD  . ARG A 1 159 ? 10.854  -0.778  10.947  1.00 61.88 ? 159 ARG A CD  1 
ATOM   1329 N  NE  . ARG A 1 159 ? 10.919  -1.938  10.063  1.00 64.52 ? 159 ARG A NE  1 
ATOM   1330 C  CZ  . ARG A 1 159 ? 10.574  -3.169  10.417  1.00 67.31 ? 159 ARG A CZ  1 
ATOM   1331 N  NH1 . ARG A 1 159 ? 10.138  -3.419  11.649  1.00 69.13 ? 159 ARG A NH1 1 
ATOM   1332 N  NH2 . ARG A 1 159 ? 10.667  -4.160  9.536   1.00 68.25 ? 159 ARG A NH2 1 
ATOM   1333 N  N   . ARG A 1 160 ? 9.199   3.571   12.600  1.00 56.14 ? 160 ARG A N   1 
ATOM   1334 C  CA  . ARG A 1 160 ? 9.112   4.470   13.734  1.00 59.19 ? 160 ARG A CA  1 
ATOM   1335 C  C   . ARG A 1 160 ? 8.606   3.854   15.058  1.00 60.64 ? 160 ARG A C   1 
ATOM   1336 O  O   . ARG A 1 160 ? 9.285   3.966   16.082  1.00 60.02 ? 160 ARG A O   1 
ATOM   1337 C  CB  . ARG A 1 160 ? 8.230   5.637   13.330  1.00 59.53 ? 160 ARG A CB  1 
ATOM   1338 C  CG  . ARG A 1 160 ? 8.970   6.893   13.086  1.00 61.59 ? 160 ARG A CG  1 
ATOM   1339 C  CD  . ARG A 1 160 ? 8.631   7.856   14.220  1.00 62.65 ? 160 ARG A CD  1 
ATOM   1340 N  NE  . ARG A 1 160 ? 7.234   8.289   14.131  1.00 64.79 ? 160 ARG A NE  1 
ATOM   1341 C  CZ  . ARG A 1 160 ? 6.253   7.897   14.934  1.00 64.10 ? 160 ARG A CZ  1 
ATOM   1342 N  NH1 . ARG A 1 160 ? 6.486   7.069   15.930  1.00 65.90 ? 160 ARG A NH1 1 
ATOM   1343 N  NH2 . ARG A 1 160 ? 5.033   8.348   14.738  1.00 66.87 ? 160 ARG A NH2 1 
ATOM   1344 N  N   . GLN A 1 161 ? 7.434   3.216   15.047  1.00 62.44 ? 161 GLN A N   1 
ATOM   1345 C  CA  . GLN A 1 161 ? 6.857   2.628   16.275  1.00 64.40 ? 161 GLN A CA  1 
ATOM   1346 C  C   . GLN A 1 161 ? 6.755   3.647   17.433  1.00 65.98 ? 161 GLN A C   1 
ATOM   1347 O  O   . GLN A 1 161 ? 6.803   3.282   18.634  1.00 67.53 ? 161 GLN A O   1 
ATOM   1348 C  CB  . GLN A 1 161 ? 7.654   1.401   16.754  1.00 64.41 ? 161 GLN A CB  1 
ATOM   1349 C  CG  . GLN A 1 161 ? 7.845   0.343   15.702  1.00 66.04 ? 161 GLN A CG  1 
ATOM   1350 C  CD  . GLN A 1 161 ? 9.086   -0.494  15.904  1.00 70.22 ? 161 GLN A CD  1 
ATOM   1351 O  OE1 . GLN A 1 161 ? 9.454   -1.261  15.016  1.00 72.53 ? 161 GLN A OE1 1 
ATOM   1352 N  NE2 . GLN A 1 161 ? 9.749   -0.355  17.064  1.00 71.06 ? 161 GLN A NE2 1 
HETATM 1353 C  C   . ACY B 2 .   ? -1.346  7.309   -4.940  1.00 83.89 ? 250 ACY A C   1 
HETATM 1354 O  O   . ACY B 2 .   ? -1.107  6.118   -4.592  1.00 83.46 ? 250 ACY A O   1 
HETATM 1355 O  OXT . ACY B 2 .   ? -0.583  8.289   -4.764  1.00 83.59 ? 250 ACY A OXT 1 
HETATM 1356 C  CH3 . ACY B 2 .   ? -2.647  7.608   -5.623  1.00 83.85 ? 250 ACY A CH3 1 
HETATM 1357 C  C1  A BME C 3 .   ? -2.641  8.080   -0.705  0.60 32.66 ? 251 BME A C1  1 
HETATM 1358 C  C1  B BME C 3 .   ? -2.748  7.620   -1.415  0.40 53.82 ? 251 BME A C1  1 
HETATM 1359 C  C2  A BME C 3 .   ? -1.463  8.872   -0.178  0.60 33.91 ? 251 BME A C2  1 
HETATM 1360 C  C2  B BME C 3 .   ? -2.277  8.941   -0.807  0.40 53.12 ? 251 BME A C2  1 
HETATM 1361 O  O1  A BME C 3 .   ? -3.208  8.933   -1.701  0.60 34.47 ? 251 BME A O1  1 
HETATM 1362 O  O1  B BME C 3 .   ? -3.521  7.864   -2.600  0.40 55.45 ? 251 BME A O1  1 
HETATM 1363 S  S2  A BME C 3 .   ? -0.415  7.957   0.968   0.60 33.87 ? 251 BME A S2  1 
HETATM 1364 S  S2  B BME C 3 .   ? -0.472  8.987   -0.574  0.40 51.92 ? 251 BME A S2  1 
HETATM 1365 C  C1  . GOL D 4 .   ? -11.111 -10.328 4.041   1.00 78.88 ? 252 GOL A C1  1 
HETATM 1366 O  O1  . GOL D 4 .   ? -10.011 -11.150 4.397   1.00 77.23 ? 252 GOL A O1  1 
HETATM 1367 C  C2  . GOL D 4 .   ? -11.423 -9.266  5.114   1.00 79.20 ? 252 GOL A C2  1 
HETATM 1368 O  O2  . GOL D 4 .   ? -10.301 -8.437  5.353   1.00 78.29 ? 252 GOL A O2  1 
HETATM 1369 C  C3  . GOL D 4 .   ? -11.937 -9.876  6.427   1.00 79.22 ? 252 GOL A C3  1 
HETATM 1370 O  O3  . GOL D 4 .   ? -11.774 -8.970  7.510   1.00 78.99 ? 252 GOL A O3  1 
HETATM 1371 CL CL  . CL  E 5 .   ? 1.011   3.562   -10.990 1.00 45.42 ? 253 CL  A CL  1 
HETATM 1372 C  C1  . BME F 3 .   ? -0.963  -11.606 4.146   1.00 64.12 ? 254 BME A C1  1 
HETATM 1373 C  C2  . BME F 3 .   ? -2.437  -11.240 3.970   1.00 65.09 ? 254 BME A C2  1 
HETATM 1374 O  O1  . BME F 3 .   ? -0.826  -12.524 5.233   1.00 66.50 ? 254 BME A O1  1 
HETATM 1375 S  S2  . BME F 3 .   ? -2.692  -9.510  4.447   1.00 57.78 ? 254 BME A S2  1 
HETATM 1376 C  C   . ACY G 2 .   ? 8.064   -17.232 -2.455  1.00 61.85 ? 255 ACY A C   1 
HETATM 1377 O  O   . ACY G 2 .   ? 7.807   -16.040 -2.179  1.00 62.62 ? 255 ACY A O   1 
HETATM 1378 O  OXT . ACY G 2 .   ? 9.168   -17.595 -2.891  1.00 61.89 ? 255 ACY A OXT 1 
HETATM 1379 C  CH3 . ACY G 2 .   ? 6.996   -18.258 -2.248  1.00 61.73 ? 255 ACY A CH3 1 
HETATM 1380 O  O   . HOH H 6 .   ? -6.014  5.943   -3.185  1.00 34.05 ? 256 HOH A O   1 
HETATM 1381 O  O   . HOH H 6 .   ? -9.275  10.664  -2.103  1.00 32.37 ? 257 HOH A O   1 
HETATM 1382 O  O   . HOH H 6 .   ? -15.026 6.187   5.187   1.00 32.23 ? 258 HOH A O   1 
HETATM 1383 O  O   . HOH H 6 .   ? 6.474   -12.014 -8.552  1.00 29.45 ? 259 HOH A O   1 
HETATM 1384 O  O   . HOH H 6 .   ? -6.614  8.706   -3.389  1.00 43.56 ? 260 HOH A O   1 
HETATM 1385 O  O   . HOH H 6 .   ? 7.626   -9.452  -1.828  1.00 32.87 ? 261 HOH A O   1 
HETATM 1386 O  O   . HOH H 6 .   ? 10.992  -10.109 0.041   1.00 51.53 ? 262 HOH A O   1 
HETATM 1387 O  O   . HOH H 6 .   ? 5.656   -0.670  -17.319 1.00 44.74 ? 263 HOH A O   1 
HETATM 1388 O  O   . HOH H 6 .   ? -0.716  0.657   -7.627  1.00 30.70 ? 264 HOH A O   1 
HETATM 1389 O  O   . HOH H 6 .   ? -12.055 -7.464  -5.843  1.00 36.05 ? 265 HOH A O   1 
HETATM 1390 O  O   . HOH H 6 .   ? -9.706  -3.970  14.738  1.00 50.05 ? 266 HOH A O   1 
HETATM 1391 O  O   . HOH H 6 .   ? -7.140  1.583   -12.679 1.00 50.48 ? 267 HOH A O   1 
HETATM 1392 O  O   . HOH H 6 .   ? 6.431   -5.793  4.229   1.00 35.25 ? 268 HOH A O   1 
HETATM 1393 O  O   . HOH H 6 .   ? 15.036  -14.615 -4.558  1.00 63.19 ? 269 HOH A O   1 
HETATM 1394 O  O   . HOH H 6 .   ? 8.943   -7.969  -12.268 1.00 51.16 ? 270 HOH A O   1 
HETATM 1395 O  O   . HOH H 6 .   ? -12.011 -12.071 -6.729  1.00 47.52 ? 271 HOH A O   1 
HETATM 1396 O  O   . HOH H 6 .   ? -4.846  -2.919  -14.892 1.00 50.81 ? 272 HOH A O   1 
HETATM 1397 O  O   . HOH H 6 .   ? -5.261  8.219   22.120  1.00 75.36 ? 273 HOH A O   1 
HETATM 1398 O  O   . HOH H 6 .   ? 1.241   -11.156 -16.212 1.00 45.79 ? 274 HOH A O   1 
HETATM 1399 O  O   . HOH H 6 .   ? -14.370 5.714   -7.179  1.00 46.03 ? 275 HOH A O   1 
HETATM 1400 O  O   . HOH H 6 .   ? 0.869   -0.319  18.683  1.00 48.76 ? 276 HOH A O   1 
HETATM 1401 O  O   . HOH H 6 .   ? 11.800  4.811   -3.871  1.00 36.70 ? 277 HOH A O   1 
HETATM 1402 O  O   . HOH H 6 .   ? -14.712 -1.356  8.823   1.00 40.73 ? 278 HOH A O   1 
HETATM 1403 O  O   . HOH H 6 .   ? -9.474  14.595  4.616   1.00 53.31 ? 279 HOH A O   1 
HETATM 1404 O  O   . HOH H 6 .   ? -11.359 -11.381 0.044   1.00 41.53 ? 280 HOH A O   1 
HETATM 1405 O  O   . HOH H 6 .   ? -13.333 -7.503  2.139   1.00 45.94 ? 281 HOH A O   1 
HETATM 1406 O  O   . HOH H 6 .   ? -16.337 -3.525  -3.746  1.00 49.13 ? 282 HOH A O   1 
HETATM 1407 O  O   . HOH H 6 .   ? 3.790   -4.445  -14.584 1.00 43.46 ? 283 HOH A O   1 
HETATM 1408 O  O   . HOH H 6 .   ? -17.975 -0.955  6.096   1.00 56.26 ? 284 HOH A O   1 
HETATM 1409 O  O   . HOH H 6 .   ? -11.632 -3.928  -6.394  1.00 43.01 ? 285 HOH A O   1 
HETATM 1410 O  O   . HOH H 6 .   ? -17.450 1.379   1.341   1.00 42.76 ? 286 HOH A O   1 
HETATM 1411 O  O   . HOH H 6 .   ? -13.923 -3.719  10.441  1.00 54.87 ? 287 HOH A O   1 
HETATM 1412 O  O   . HOH H 6 .   ? -6.447  8.900   13.344  1.00 45.35 ? 288 HOH A O   1 
HETATM 1413 O  O   . HOH H 6 .   ? -6.180  -15.665 -2.195  1.00 55.41 ? 289 HOH A O   1 
HETATM 1414 O  O   . HOH H 6 .   ? -4.832  -13.496 -0.051  1.00 49.32 ? 290 HOH A O   1 
HETATM 1415 O  O   . HOH H 6 .   ? -18.427 -1.052  2.506   1.00 56.47 ? 291 HOH A O   1 
HETATM 1416 O  O   . HOH H 6 .   ? -19.023 16.155  5.044   1.00 55.19 ? 292 HOH A O   1 
HETATM 1417 O  O   . HOH H 6 .   ? 1.896   -2.169  -14.737 1.00 41.67 ? 293 HOH A O   1 
HETATM 1418 O  O   . HOH H 6 .   ? -8.112  3.445   -10.143 1.00 55.32 ? 294 HOH A O   1 
HETATM 1419 O  O   . HOH H 6 .   ? 9.209   -10.921 -10.661 1.00 45.69 ? 295 HOH A O   1 
HETATM 1420 O  O   . HOH H 6 .   ? 5.852   -15.087 -1.730  1.00 49.59 ? 296 HOH A O   1 
HETATM 1421 O  O   . HOH H 6 .   ? -12.387 -1.170  -8.846  1.00 59.74 ? 297 HOH A O   1 
HETATM 1422 O  O   . HOH H 6 .   ? -3.363  12.900  2.001   1.00 44.74 ? 298 HOH A O   1 
HETATM 1423 O  O   . HOH H 6 .   ? -18.004 1.570   10.136  1.00 52.32 ? 299 HOH A O   1 
HETATM 1424 O  O   . HOH H 6 .   ? -4.757  -4.531  -16.885 1.00 69.43 ? 300 HOH A O   1 
HETATM 1425 O  O   . HOH H 6 .   ? -3.078  10.267  1.964   1.00 42.34 ? 301 HOH A O   1 
HETATM 1426 O  O   . HOH H 6 .   ? 6.076   6.393   -7.656  1.00 47.96 ? 302 HOH A O   1 
HETATM 1427 O  O   . HOH H 6 .   ? -5.147  12.845  7.946   1.00 46.83 ? 303 HOH A O   1 
HETATM 1428 O  O   . HOH H 6 .   ? -19.626 9.104   -0.117  1.00 66.42 ? 304 HOH A O   1 
HETATM 1429 O  O   . HOH H 6 .   ? -12.877 -9.288  -0.028  1.00 59.41 ? 305 HOH A O   1 
HETATM 1430 O  O   . HOH H 6 .   ? -7.696  -3.457  -14.954 1.00 65.83 ? 306 HOH A O   1 
HETATM 1431 O  O   . HOH H 6 .   ? 1.504   -2.851  19.997  1.00 69.21 ? 307 HOH A O   1 
HETATM 1432 O  O   . HOH H 6 .   ? -19.277 12.448  0.837   1.00 75.56 ? 308 HOH A O   1 
HETATM 1433 O  O   . HOH H 6 .   ? -15.803 14.439  5.790   1.00 53.65 ? 309 HOH A O   1 
HETATM 1434 O  O   . HOH H 6 .   ? 13.420  -5.952  8.772   1.00 69.71 ? 310 HOH A O   1 
HETATM 1435 O  O   . HOH H 6 .   ? 8.606   7.106   -8.352  1.00 57.57 ? 311 HOH A O   1 
HETATM 1436 O  O   . HOH H 6 .   ? -3.301  19.485  -5.588  1.00 66.57 ? 312 HOH A O   1 
HETATM 1437 O  O   . HOH H 6 .   ? -16.868 2.480   -1.216  1.00 50.21 ? 313 HOH A O   1 
HETATM 1438 O  O   . HOH H 6 .   ? 5.582   15.196  -3.153  1.00 47.59 ? 314 HOH A O   1 
HETATM 1439 O  O   . HOH H 6 .   ? 0.629   -8.649  8.711   1.00 53.43 ? 315 HOH A O   1 
HETATM 1440 O  O   . HOH H 6 .   ? -9.809  -18.203 3.010   1.00 83.70 ? 316 HOH A O   1 
HETATM 1441 O  O   . HOH H 6 .   ? -6.860  -6.002  -16.696 1.00 69.98 ? 317 HOH A O   1 
HETATM 1442 O  O   . HOH H 6 .   ? -15.204 -9.657  -1.873  1.00 56.63 ? 318 HOH A O   1 
HETATM 1443 O  O   . HOH H 6 .   ? -5.143  14.447  10.302  1.00 51.83 ? 319 HOH A O   1 
HETATM 1444 O  O   . HOH H 6 .   ? -5.211  17.091  9.453   1.00 74.98 ? 320 HOH A O   1 
HETATM 1445 O  O   . HOH H 6 .   ? -11.667 -16.356 2.638   1.00 81.71 ? 321 HOH A O   1 
HETATM 1446 O  O   . HOH H 6 .   ? 13.140  -7.332  3.850   1.00 63.61 ? 322 HOH A O   1 
HETATM 1447 O  O   . HOH H 6 .   ? -9.660  -13.352 6.061   1.00 68.74 ? 323 HOH A O   1 
HETATM 1448 O  O   . HOH H 6 .   ? -3.341  4.929   -2.772  1.00 36.75 ? 324 HOH A O   1 
HETATM 1449 O  O   . HOH H 6 .   ? -14.665 13.960  2.075   1.00 76.30 ? 325 HOH A O   1 
HETATM 1450 O  O   . HOH H 6 .   ? -16.362 11.439  0.496   1.00 45.30 ? 326 HOH A O   1 
HETATM 1451 O  O   . HOH H 6 .   ? -15.737 9.690   -1.919  1.00 73.89 ? 327 HOH A O   1 
HETATM 1452 O  O   . HOH H 6 .   ? -5.199  -0.571  18.489  1.00 59.95 ? 328 HOH A O   1 
HETATM 1453 O  O   . HOH H 6 .   ? -8.831  -8.644  13.455  1.00 75.53 ? 329 HOH A O   1 
HETATM 1454 O  O   . HOH H 6 .   ? -11.577 -7.044  12.736  1.00 81.77 ? 330 HOH A O   1 
HETATM 1455 O  O   . HOH H 6 .   ? -15.190 -5.155  4.650   1.00 62.67 ? 331 HOH A O   1 
HETATM 1456 O  O   . HOH H 6 .   ? 10.137  10.612  -4.756  0.50 26.34 ? 332 HOH A O   1 
HETATM 1457 O  O   . HOH H 6 .   ? 6.635   -11.433 -0.369  1.00 54.67 ? 333 HOH A O   1 
HETATM 1458 O  O   . HOH H 6 .   ? 6.440   1.665   -17.944 1.00 68.17 ? 334 HOH A O   1 
HETATM 1459 O  O   . HOH H 6 .   ? -7.239  -9.609  -14.024 1.00 60.79 ? 335 HOH A O   1 
HETATM 1460 O  O   . HOH H 6 .   ? -3.122  -16.027 -0.879  1.00 66.66 ? 336 HOH A O   1 
HETATM 1461 O  O   . HOH H 6 .   ? 10.797  -6.572  9.551   1.00 70.35 ? 337 HOH A O   1 
HETATM 1462 O  O   . HOH H 6 .   ? 11.038  -8.699  4.729   1.00 74.70 ? 338 HOH A O   1 
HETATM 1463 O  O   . HOH H 6 .   ? -18.621 1.285   -3.357  1.00 72.57 ? 339 HOH A O   1 
HETATM 1464 O  O   . HOH H 6 .   ? 20.226  -0.229  -5.394  1.00 76.92 ? 340 HOH A O   1 
HETATM 1465 O  O   . HOH H 6 .   ? 16.293  -5.484  -9.598  1.00 59.86 ? 341 HOH A O   1 
HETATM 1466 O  O   . HOH H 6 .   ? 0.735   12.340  -8.361  1.00 76.71 ? 342 HOH A O   1 
HETATM 1467 O  O   . HOH H 6 .   ? -5.542  18.337  -0.792  1.00 63.39 ? 343 HOH A O   1 
HETATM 1468 O  O   . HOH H 6 .   ? -6.224  -4.763  19.062  1.00 74.95 ? 344 HOH A O   1 
HETATM 1469 O  O   . HOH H 6 .   ? -16.029 -2.473  6.806   1.00 70.69 ? 345 HOH A O   1 
HETATM 1470 O  O   . HOH H 6 .   ? -0.787  5.886   -12.492 1.00 58.26 ? 346 HOH A O   1 
HETATM 1471 O  O   . HOH H 6 .   ? -10.300 -5.907  -8.075  1.00 38.40 ? 347 HOH A O   1 
HETATM 1472 O  O   . HOH H 6 .   ? -8.510  -4.730  -9.826  1.00 46.76 ? 348 HOH A O   1 
HETATM 1473 O  O   . HOH H 6 .   ? 2.075   -12.749 -1.589  1.00 39.38 ? 349 HOH A O   1 
HETATM 1474 O  O   . HOH H 6 .   ? 2.440   -13.432 0.964   1.00 61.07 ? 350 HOH A O   1 
HETATM 1475 O  O   . HOH H 6 .   ? -1.972  11.057  14.245  1.00 47.61 ? 351 HOH A O   1 
HETATM 1476 O  O   . HOH H 6 .   ? 15.648  5.454   -4.657  1.00 60.39 ? 352 HOH A O   1 
HETATM 1477 O  O   . HOH H 6 .   ? 2.846   4.648   14.027  1.00 36.26 ? 353 HOH A O   1 
HETATM 1478 O  O   . HOH H 6 .   ? 0.396   10.460  10.768  1.00 34.35 ? 354 HOH A O   1 
HETATM 1479 O  O   . HOH H 6 .   ? 6.128   9.893   12.581  0.50 42.96 ? 355 HOH A O   1 
HETATM 1480 O  O   . HOH H 6 .   ? 16.553  -7.445  -3.440  1.00 60.60 ? 356 HOH A O   1 
HETATM 1481 O  O   . HOH H 6 .   ? 12.620  -11.646 -0.463  1.00 98.85 ? 357 HOH A O   1 
HETATM 1482 O  O   . HOH H 6 .   ? -11.331 -14.259 -3.056  1.00 67.98 ? 358 HOH A O   1 
HETATM 1483 O  O   . HOH H 6 .   ? 11.805  1.632   17.806  1.00 73.95 ? 359 HOH A O   1 
HETATM 1484 O  O   . HOH H 6 .   ? -11.184 7.889   -7.145  1.00 71.04 ? 360 HOH A O   1 
HETATM 1485 O  O   . HOH H 6 .   ? -6.340  -16.772 -8.676  1.00 52.15 ? 361 HOH A O   1 
HETATM 1486 O  O   . HOH H 6 .   ? -0.377  -6.614  20.256  1.00 61.60 ? 362 HOH A O   1 
# 
